data_2AUX
# 
_entry.id   2AUX 
# 
_audit_conform.dict_name       mmcif_pdbx.dic 
_audit_conform.dict_version    5.398 
_audit_conform.dict_location   http://mmcif.pdb.org/dictionaries/ascii/mmcif_pdbx.dic 
# 
loop_
_database_2.database_id 
_database_2.database_code 
_database_2.pdbx_database_accession 
_database_2.pdbx_DOI 
PDB   2AUX         pdb_00002aux 10.2210/pdb2aux/pdb 
RCSB  RCSB034342   ?            ?                   
WWPDB D_1000034342 ?            ?                   
# 
loop_
_pdbx_audit_revision_history.ordinal 
_pdbx_audit_revision_history.data_content_type 
_pdbx_audit_revision_history.major_revision 
_pdbx_audit_revision_history.minor_revision 
_pdbx_audit_revision_history.revision_date 
1 'Structure model' 1 0 2006-08-08 
2 'Structure model' 1 1 2008-05-01 
3 'Structure model' 1 2 2011-07-13 
4 'Structure model' 1 3 2017-10-11 
5 'Structure model' 1 4 2018-02-14 
6 'Structure model' 1 5 2023-08-23 
7 'Structure model' 1 6 2024-10-30 
# 
_pdbx_audit_revision_details.ordinal             1 
_pdbx_audit_revision_details.revision_ordinal    1 
_pdbx_audit_revision_details.data_content_type   'Structure model' 
_pdbx_audit_revision_details.provider            repository 
_pdbx_audit_revision_details.type                'Initial release' 
_pdbx_audit_revision_details.description         ? 
_pdbx_audit_revision_details.details             ? 
# 
loop_
_pdbx_audit_revision_group.ordinal 
_pdbx_audit_revision_group.revision_ordinal 
_pdbx_audit_revision_group.data_content_type 
_pdbx_audit_revision_group.group 
1 2 'Structure model' 'Version format compliance' 
2 3 'Structure model' 'Version format compliance' 
3 4 'Structure model' 'Refinement description'    
4 5 'Structure model' 'Experimental preparation'  
5 6 'Structure model' 'Data collection'           
6 6 'Structure model' 'Database references'       
7 6 'Structure model' 'Derived calculations'      
8 6 'Structure model' 'Refinement description'    
9 7 'Structure model' 'Structure summary'         
# 
loop_
_pdbx_audit_revision_category.ordinal 
_pdbx_audit_revision_category.revision_ordinal 
_pdbx_audit_revision_category.data_content_type 
_pdbx_audit_revision_category.category 
1  4 'Structure model' software                      
2  5 'Structure model' exptl_crystal_grow            
3  6 'Structure model' chem_comp_atom                
4  6 'Structure model' chem_comp_bond                
5  6 'Structure model' database_2                    
6  6 'Structure model' pdbx_initial_refinement_model 
7  6 'Structure model' struct_conn                   
8  6 'Structure model' struct_site                   
9  7 'Structure model' pdbx_entry_details            
10 7 'Structure model' pdbx_modification_feature     
# 
loop_
_pdbx_audit_revision_item.ordinal 
_pdbx_audit_revision_item.revision_ordinal 
_pdbx_audit_revision_item.data_content_type 
_pdbx_audit_revision_item.item 
1 5 'Structure model' '_exptl_crystal_grow.pdbx_details'    
2 5 'Structure model' '_exptl_crystal_grow.temp'            
3 6 'Structure model' '_database_2.pdbx_DOI'                
4 6 'Structure model' '_database_2.pdbx_database_accession' 
5 6 'Structure model' '_struct_conn.pdbx_leaving_atom_flag' 
6 6 'Structure model' '_struct_site.pdbx_auth_asym_id'      
7 6 'Structure model' '_struct_site.pdbx_auth_comp_id'      
8 6 'Structure model' '_struct_site.pdbx_auth_seq_id'       
# 
_pdbx_database_status.status_code                     REL 
_pdbx_database_status.entry_id                        2AUX 
_pdbx_database_status.recvd_initial_deposition_date   2005-08-29 
_pdbx_database_status.deposit_site                    RCSB 
_pdbx_database_status.process_site                    RCSB 
_pdbx_database_status.status_code_sf                  REL 
_pdbx_database_status.status_code_mr                  ? 
_pdbx_database_status.SG_entry                        N 
_pdbx_database_status.pdb_format_compatible           Y 
_pdbx_database_status.status_code_cs                  ? 
_pdbx_database_status.methods_development_category    ? 
_pdbx_database_status.status_code_nmr_data            ? 
# 
_pdbx_database_related.db_name        PDB 
_pdbx_database_related.db_id          2AUZ 
_pdbx_database_related.details        . 
_pdbx_database_related.content_type   unspecified 
# 
loop_
_audit_author.name 
_audit_author.pdbx_ordinal 
'Adkison, K.K.'  1  
'Barrett, D.G.'  2  
'Deaton, D.N.'   3  
'Gampe, R.T.'    4  
'Hassell, A.M.'  5  
'Long, S.T.'     6  
'McFadyen, R.B.' 7  
'Miller, A.B.'   8  
'Miller, L.R.'   9  
'Shewchuk, L.M.' 10 
# 
_citation.id                        primary 
_citation.title                     'Semicarbazone-based inhibitors of cathepsin K, are they prodrugs for aldehyde inhibitors?' 
_citation.journal_abbrev            Bioorg.Med.Chem.Lett. 
_citation.journal_volume            16 
_citation.page_first                978 
_citation.page_last                 983 
_citation.year                      2006 
_citation.journal_id_ASTM           BMCLE8 
_citation.country                   UK 
_citation.journal_id_ISSN           0960-894X 
_citation.journal_id_CSD            1127 
_citation.book_publisher            ? 
_citation.pdbx_database_id_PubMed   16290936 
_citation.pdbx_database_id_DOI      10.1016/j.bmcl.2005.10.108 
# 
loop_
_citation_author.citation_id 
_citation_author.name 
_citation_author.ordinal 
_citation_author.identifier_ORCID 
primary 'Adkison, K.K.'      1  ? 
primary 'Barrett, D.G.'      2  ? 
primary 'Deaton, D.N.'       3  ? 
primary 'Gampe, R.T.'        4  ? 
primary 'Hassell, A.M.'      5  ? 
primary 'Long, S.T.'         6  ? 
primary 'McFadyen, R.B.'     7  ? 
primary 'Miller, A.B.'       8  ? 
primary 'Miller, L.R.'       9  ? 
primary 'Payne, J.A.'        10 ? 
primary 'Shewchuk, L.M.'     11 ? 
primary 'Wells-Knecht, K.J.' 12 ? 
primary 'Willard, D.H.'      13 ? 
primary 'Wright, L.L.'       14 ? 
# 
loop_
_entity.id 
_entity.type 
_entity.src_method 
_entity.pdbx_description 
_entity.formula_weight 
_entity.pdbx_number_of_molecules 
_entity.pdbx_ec 
_entity.pdbx_mutation 
_entity.pdbx_fragment 
_entity.details 
1 polymer     man 'Cathepsin K'                                                        23523.480 1   3.4.22.38 ? 
'mature form of cathepsin K (residues 115-329)' ? 
2 non-polymer syn '(1R)-2-METHYL-1-(PHENYLMETHYL)PROPYL[(1S)-1-FORMYLPENTYL]CARBAMATE' 305.412   1   ?         ? ? ? 
3 water       nat water                                                                18.015    102 ?         ? ? ? 
# 
_entity_name_com.entity_id   1 
_entity_name_com.name        'Cathepsin O, Cathepsin X, Cathepsin O2' 
# 
_entity_poly.entity_id                      1 
_entity_poly.type                           'polypeptide(L)' 
_entity_poly.nstd_linkage                   no 
_entity_poly.nstd_monomer                   no 
_entity_poly.pdbx_seq_one_letter_code       
;APDSVDYRKKGYVTPVKNQGQCGSCWAFSSVGALEGQLKKKTGKLLNLSPQNLVDCVSENDGCGGGYMTNAFQYVQKNRG
IDSEDAYPYVGQEESCMYNPTGKAAKCRGYREIPEGNEKALKRAVARVGPVSVAIDASLTSFQFYSKGVYYDESCNSDNL
NHAVLAVGYGIQKGNKHWIIKNSWGENWGNKGYILMARNKNNACGIANLASFPKM
;
_entity_poly.pdbx_seq_one_letter_code_can   
;APDSVDYRKKGYVTPVKNQGQCGSCWAFSSVGALEGQLKKKTGKLLNLSPQNLVDCVSENDGCGGGYMTNAFQYVQKNRG
IDSEDAYPYVGQEESCMYNPTGKAAKCRGYREIPEGNEKALKRAVARVGPVSVAIDASLTSFQFYSKGVYYDESCNSDNL
NHAVLAVGYGIQKGNKHWIIKNSWGENWGNKGYILMARNKNNACGIANLASFPKM
;
_entity_poly.pdbx_strand_id                 A 
_entity_poly.pdbx_target_identifier         ? 
# 
loop_
_pdbx_entity_nonpoly.entity_id 
_pdbx_entity_nonpoly.name 
_pdbx_entity_nonpoly.comp_id 
2 '(1R)-2-METHYL-1-(PHENYLMETHYL)PROPYL[(1S)-1-FORMYLPENTYL]CARBAMATE' CT1 
3 water                                                                HOH 
# 
loop_
_entity_poly_seq.entity_id 
_entity_poly_seq.num 
_entity_poly_seq.mon_id 
_entity_poly_seq.hetero 
1 1   ALA n 
1 2   PRO n 
1 3   ASP n 
1 4   SER n 
1 5   VAL n 
1 6   ASP n 
1 7   TYR n 
1 8   ARG n 
1 9   LYS n 
1 10  LYS n 
1 11  GLY n 
1 12  TYR n 
1 13  VAL n 
1 14  THR n 
1 15  PRO n 
1 16  VAL n 
1 17  LYS n 
1 18  ASN n 
1 19  GLN n 
1 20  GLY n 
1 21  GLN n 
1 22  CYS n 
1 23  GLY n 
1 24  SER n 
1 25  CYS n 
1 26  TRP n 
1 27  ALA n 
1 28  PHE n 
1 29  SER n 
1 30  SER n 
1 31  VAL n 
1 32  GLY n 
1 33  ALA n 
1 34  LEU n 
1 35  GLU n 
1 36  GLY n 
1 37  GLN n 
1 38  LEU n 
1 39  LYS n 
1 40  LYS n 
1 41  LYS n 
1 42  THR n 
1 43  GLY n 
1 44  LYS n 
1 45  LEU n 
1 46  LEU n 
1 47  ASN n 
1 48  LEU n 
1 49  SER n 
1 50  PRO n 
1 51  GLN n 
1 52  ASN n 
1 53  LEU n 
1 54  VAL n 
1 55  ASP n 
1 56  CYS n 
1 57  VAL n 
1 58  SER n 
1 59  GLU n 
1 60  ASN n 
1 61  ASP n 
1 62  GLY n 
1 63  CYS n 
1 64  GLY n 
1 65  GLY n 
1 66  GLY n 
1 67  TYR n 
1 68  MET n 
1 69  THR n 
1 70  ASN n 
1 71  ALA n 
1 72  PHE n 
1 73  GLN n 
1 74  TYR n 
1 75  VAL n 
1 76  GLN n 
1 77  LYS n 
1 78  ASN n 
1 79  ARG n 
1 80  GLY n 
1 81  ILE n 
1 82  ASP n 
1 83  SER n 
1 84  GLU n 
1 85  ASP n 
1 86  ALA n 
1 87  TYR n 
1 88  PRO n 
1 89  TYR n 
1 90  VAL n 
1 91  GLY n 
1 92  GLN n 
1 93  GLU n 
1 94  GLU n 
1 95  SER n 
1 96  CYS n 
1 97  MET n 
1 98  TYR n 
1 99  ASN n 
1 100 PRO n 
1 101 THR n 
1 102 GLY n 
1 103 LYS n 
1 104 ALA n 
1 105 ALA n 
1 106 LYS n 
1 107 CYS n 
1 108 ARG n 
1 109 GLY n 
1 110 TYR n 
1 111 ARG n 
1 112 GLU n 
1 113 ILE n 
1 114 PRO n 
1 115 GLU n 
1 116 GLY n 
1 117 ASN n 
1 118 GLU n 
1 119 LYS n 
1 120 ALA n 
1 121 LEU n 
1 122 LYS n 
1 123 ARG n 
1 124 ALA n 
1 125 VAL n 
1 126 ALA n 
1 127 ARG n 
1 128 VAL n 
1 129 GLY n 
1 130 PRO n 
1 131 VAL n 
1 132 SER n 
1 133 VAL n 
1 134 ALA n 
1 135 ILE n 
1 136 ASP n 
1 137 ALA n 
1 138 SER n 
1 139 LEU n 
1 140 THR n 
1 141 SER n 
1 142 PHE n 
1 143 GLN n 
1 144 PHE n 
1 145 TYR n 
1 146 SER n 
1 147 LYS n 
1 148 GLY n 
1 149 VAL n 
1 150 TYR n 
1 151 TYR n 
1 152 ASP n 
1 153 GLU n 
1 154 SER n 
1 155 CYS n 
1 156 ASN n 
1 157 SER n 
1 158 ASP n 
1 159 ASN n 
1 160 LEU n 
1 161 ASN n 
1 162 HIS n 
1 163 ALA n 
1 164 VAL n 
1 165 LEU n 
1 166 ALA n 
1 167 VAL n 
1 168 GLY n 
1 169 TYR n 
1 170 GLY n 
1 171 ILE n 
1 172 GLN n 
1 173 LYS n 
1 174 GLY n 
1 175 ASN n 
1 176 LYS n 
1 177 HIS n 
1 178 TRP n 
1 179 ILE n 
1 180 ILE n 
1 181 LYS n 
1 182 ASN n 
1 183 SER n 
1 184 TRP n 
1 185 GLY n 
1 186 GLU n 
1 187 ASN n 
1 188 TRP n 
1 189 GLY n 
1 190 ASN n 
1 191 LYS n 
1 192 GLY n 
1 193 TYR n 
1 194 ILE n 
1 195 LEU n 
1 196 MET n 
1 197 ALA n 
1 198 ARG n 
1 199 ASN n 
1 200 LYS n 
1 201 ASN n 
1 202 ASN n 
1 203 ALA n 
1 204 CYS n 
1 205 GLY n 
1 206 ILE n 
1 207 ALA n 
1 208 ASN n 
1 209 LEU n 
1 210 ALA n 
1 211 SER n 
1 212 PHE n 
1 213 PRO n 
1 214 LYS n 
1 215 MET n 
# 
_entity_src_gen.entity_id                          1 
_entity_src_gen.pdbx_src_id                        1 
_entity_src_gen.pdbx_alt_source_flag               sample 
_entity_src_gen.pdbx_seq_type                      ? 
_entity_src_gen.pdbx_beg_seq_num                   ? 
_entity_src_gen.pdbx_end_seq_num                   ? 
_entity_src_gen.gene_src_common_name               human 
_entity_src_gen.gene_src_genus                     Homo 
_entity_src_gen.pdbx_gene_src_gene                 'CTSK, CTSO, CTSO2' 
_entity_src_gen.gene_src_species                   ? 
_entity_src_gen.gene_src_strain                    ? 
_entity_src_gen.gene_src_tissue                    ? 
_entity_src_gen.gene_src_tissue_fraction           ? 
_entity_src_gen.gene_src_details                   ? 
_entity_src_gen.pdbx_gene_src_fragment             ? 
_entity_src_gen.pdbx_gene_src_scientific_name      'Homo sapiens' 
_entity_src_gen.pdbx_gene_src_ncbi_taxonomy_id     9606 
_entity_src_gen.pdbx_gene_src_variant              ? 
_entity_src_gen.pdbx_gene_src_cell_line            ? 
_entity_src_gen.pdbx_gene_src_atcc                 ? 
_entity_src_gen.pdbx_gene_src_organ                ? 
_entity_src_gen.pdbx_gene_src_organelle            ? 
_entity_src_gen.pdbx_gene_src_cell                 ? 
_entity_src_gen.pdbx_gene_src_cellular_location    ? 
_entity_src_gen.host_org_common_name               'fall armyworm' 
_entity_src_gen.pdbx_host_org_scientific_name      'Spodoptera frugiperda' 
_entity_src_gen.pdbx_host_org_ncbi_taxonomy_id     7108 
_entity_src_gen.host_org_genus                     Spodoptera 
_entity_src_gen.pdbx_host_org_gene                 ? 
_entity_src_gen.pdbx_host_org_organ                ? 
_entity_src_gen.host_org_species                   ? 
_entity_src_gen.pdbx_host_org_tissue               ? 
_entity_src_gen.pdbx_host_org_tissue_fraction      ? 
_entity_src_gen.pdbx_host_org_strain               ? 
_entity_src_gen.pdbx_host_org_variant              ? 
_entity_src_gen.pdbx_host_org_cell_line            ? 
_entity_src_gen.pdbx_host_org_atcc                 ? 
_entity_src_gen.pdbx_host_org_culture_collection   ? 
_entity_src_gen.pdbx_host_org_cell                 ? 
_entity_src_gen.pdbx_host_org_organelle            ? 
_entity_src_gen.pdbx_host_org_cellular_location    ? 
_entity_src_gen.pdbx_host_org_vector_type          baculovirus 
_entity_src_gen.pdbx_host_org_vector               ? 
_entity_src_gen.host_org_details                   ? 
_entity_src_gen.expression_system_id               ? 
_entity_src_gen.plasmid_name                       pFastbac 
_entity_src_gen.plasmid_details                    ? 
_entity_src_gen.pdbx_description                   ? 
# 
loop_
_chem_comp.id 
_chem_comp.type 
_chem_comp.mon_nstd_flag 
_chem_comp.name 
_chem_comp.pdbx_synonyms 
_chem_comp.formula 
_chem_comp.formula_weight 
ALA 'L-peptide linking' y ALANINE                                                              ? 'C3 H7 N O2'     89.093  
ARG 'L-peptide linking' y ARGININE                                                             ? 'C6 H15 N4 O2 1' 175.209 
ASN 'L-peptide linking' y ASPARAGINE                                                           ? 'C4 H8 N2 O3'    132.118 
ASP 'L-peptide linking' y 'ASPARTIC ACID'                                                      ? 'C4 H7 N O4'     133.103 
CT1 non-polymer         . '(1R)-2-METHYL-1-(PHENYLMETHYL)PROPYL[(1S)-1-FORMYLPENTYL]CARBAMATE' ? 'C18 H27 N O3'   305.412 
CYS 'L-peptide linking' y CYSTEINE                                                             ? 'C3 H7 N O2 S'   121.158 
GLN 'L-peptide linking' y GLUTAMINE                                                            ? 'C5 H10 N2 O3'   146.144 
GLU 'L-peptide linking' y 'GLUTAMIC ACID'                                                      ? 'C5 H9 N O4'     147.129 
GLY 'peptide linking'   y GLYCINE                                                              ? 'C2 H5 N O2'     75.067  
HIS 'L-peptide linking' y HISTIDINE                                                            ? 'C6 H10 N3 O2 1' 156.162 
HOH non-polymer         . WATER                                                                ? 'H2 O'           18.015  
ILE 'L-peptide linking' y ISOLEUCINE                                                           ? 'C6 H13 N O2'    131.173 
LEU 'L-peptide linking' y LEUCINE                                                              ? 'C6 H13 N O2'    131.173 
LYS 'L-peptide linking' y LYSINE                                                               ? 'C6 H15 N2 O2 1' 147.195 
MET 'L-peptide linking' y METHIONINE                                                           ? 'C5 H11 N O2 S'  149.211 
PHE 'L-peptide linking' y PHENYLALANINE                                                        ? 'C9 H11 N O2'    165.189 
PRO 'L-peptide linking' y PROLINE                                                              ? 'C5 H9 N O2'     115.130 
SER 'L-peptide linking' y SERINE                                                               ? 'C3 H7 N O3'     105.093 
THR 'L-peptide linking' y THREONINE                                                            ? 'C4 H9 N O3'     119.119 
TRP 'L-peptide linking' y TRYPTOPHAN                                                           ? 'C11 H12 N2 O2'  204.225 
TYR 'L-peptide linking' y TYROSINE                                                             ? 'C9 H11 N O3'    181.189 
VAL 'L-peptide linking' y VALINE                                                               ? 'C5 H11 N O2'    117.146 
# 
loop_
_pdbx_poly_seq_scheme.asym_id 
_pdbx_poly_seq_scheme.entity_id 
_pdbx_poly_seq_scheme.seq_id 
_pdbx_poly_seq_scheme.mon_id 
_pdbx_poly_seq_scheme.ndb_seq_num 
_pdbx_poly_seq_scheme.pdb_seq_num 
_pdbx_poly_seq_scheme.auth_seq_num 
_pdbx_poly_seq_scheme.pdb_mon_id 
_pdbx_poly_seq_scheme.auth_mon_id 
_pdbx_poly_seq_scheme.pdb_strand_id 
_pdbx_poly_seq_scheme.pdb_ins_code 
_pdbx_poly_seq_scheme.hetero 
A 1 1   ALA 1   1   ?   ?   ?   A . n 
A 1 2   PRO 2   2   ?   ?   ?   A . n 
A 1 3   ASP 3   3   3   ASP ASP A . n 
A 1 4   SER 4   4   4   SER SER A . n 
A 1 5   VAL 5   5   5   VAL VAL A . n 
A 1 6   ASP 6   6   6   ASP ASP A . n 
A 1 7   TYR 7   7   7   TYR TYR A . n 
A 1 8   ARG 8   8   8   ARG ARG A . n 
A 1 9   LYS 9   9   9   LYS LYS A . n 
A 1 10  LYS 10  10  10  LYS LYS A . n 
A 1 11  GLY 11  11  11  GLY GLY A . n 
A 1 12  TYR 12  12  12  TYR TYR A . n 
A 1 13  VAL 13  13  13  VAL VAL A . n 
A 1 14  THR 14  14  14  THR THR A . n 
A 1 15  PRO 15  15  15  PRO PRO A . n 
A 1 16  VAL 16  16  16  VAL VAL A . n 
A 1 17  LYS 17  17  17  LYS LYS A . n 
A 1 18  ASN 18  18  18  ASN ASN A . n 
A 1 19  GLN 19  19  19  GLN GLN A . n 
A 1 20  GLY 20  20  20  GLY GLY A . n 
A 1 21  GLN 21  21  21  GLN GLN A . n 
A 1 22  CYS 22  22  22  CYS CYS A . n 
A 1 23  GLY 23  23  23  GLY GLY A . n 
A 1 24  SER 24  24  24  SER SER A . n 
A 1 25  CYS 25  25  25  CYS CYS A . n 
A 1 26  TRP 26  26  26  TRP TRP A . n 
A 1 27  ALA 27  27  27  ALA ALA A . n 
A 1 28  PHE 28  28  28  PHE PHE A . n 
A 1 29  SER 29  29  29  SER SER A . n 
A 1 30  SER 30  30  30  SER SER A . n 
A 1 31  VAL 31  31  31  VAL VAL A . n 
A 1 32  GLY 32  32  32  GLY GLY A . n 
A 1 33  ALA 33  33  33  ALA ALA A . n 
A 1 34  LEU 34  34  34  LEU LEU A . n 
A 1 35  GLU 35  35  35  GLU GLU A . n 
A 1 36  GLY 36  36  36  GLY GLY A . n 
A 1 37  GLN 37  37  37  GLN GLN A . n 
A 1 38  LEU 38  38  38  LEU LEU A . n 
A 1 39  LYS 39  39  39  LYS LYS A . n 
A 1 40  LYS 40  40  40  LYS LYS A . n 
A 1 41  LYS 41  41  41  LYS LYS A . n 
A 1 42  THR 42  42  42  THR THR A . n 
A 1 43  GLY 43  43  43  GLY GLY A . n 
A 1 44  LYS 44  44  44  LYS LYS A . n 
A 1 45  LEU 45  45  45  LEU LEU A . n 
A 1 46  LEU 46  46  46  LEU LEU A . n 
A 1 47  ASN 47  47  47  ASN ASN A . n 
A 1 48  LEU 48  48  48  LEU LEU A . n 
A 1 49  SER 49  49  49  SER SER A . n 
A 1 50  PRO 50  50  50  PRO PRO A . n 
A 1 51  GLN 51  51  51  GLN GLN A . n 
A 1 52  ASN 52  52  52  ASN ASN A . n 
A 1 53  LEU 53  53  53  LEU LEU A . n 
A 1 54  VAL 54  54  54  VAL VAL A . n 
A 1 55  ASP 55  55  55  ASP ASP A . n 
A 1 56  CYS 56  56  56  CYS CYS A . n 
A 1 57  VAL 57  57  57  VAL VAL A . n 
A 1 58  SER 58  58  58  SER SER A . n 
A 1 59  GLU 59  59  59  GLU GLU A . n 
A 1 60  ASN 60  60  60  ASN ASN A . n 
A 1 61  ASP 61  61  61  ASP ASP A . n 
A 1 62  GLY 62  62  62  GLY GLY A . n 
A 1 63  CYS 63  63  63  CYS CYS A . n 
A 1 64  GLY 64  64  64  GLY GLY A . n 
A 1 65  GLY 65  65  65  GLY GLY A . n 
A 1 66  GLY 66  66  66  GLY GLY A . n 
A 1 67  TYR 67  67  67  TYR TYR A . n 
A 1 68  MET 68  68  68  MET MET A . n 
A 1 69  THR 69  69  69  THR THR A . n 
A 1 70  ASN 70  70  70  ASN ASN A . n 
A 1 71  ALA 71  71  71  ALA ALA A . n 
A 1 72  PHE 72  72  72  PHE PHE A . n 
A 1 73  GLN 73  73  73  GLN GLN A . n 
A 1 74  TYR 74  74  74  TYR TYR A . n 
A 1 75  VAL 75  75  75  VAL VAL A . n 
A 1 76  GLN 76  76  76  GLN GLN A . n 
A 1 77  LYS 77  77  77  LYS LYS A . n 
A 1 78  ASN 78  78  78  ASN ASN A . n 
A 1 79  ARG 79  79  79  ARG ALA A . n 
A 1 80  GLY 80  80  80  GLY GLY A . n 
A 1 81  ILE 81  81  81  ILE ILE A . n 
A 1 82  ASP 82  82  82  ASP ASP A . n 
A 1 83  SER 83  83  83  SER SER A . n 
A 1 84  GLU 84  84  84  GLU GLU A . n 
A 1 85  ASP 85  85  85  ASP ASP A . n 
A 1 86  ALA 86  86  86  ALA ALA A . n 
A 1 87  TYR 87  87  87  TYR TYR A . n 
A 1 88  PRO 88  88  88  PRO PRO A . n 
A 1 89  TYR 89  89  89  TYR TYR A . n 
A 1 90  VAL 90  90  90  VAL VAL A . n 
A 1 91  GLY 91  91  91  GLY GLY A . n 
A 1 92  GLN 92  92  92  GLN GLN A . n 
A 1 93  GLU 93  93  93  GLU GLU A . n 
A 1 94  GLU 94  94  94  GLU GLU A . n 
A 1 95  SER 95  95  95  SER SER A . n 
A 1 96  CYS 96  96  96  CYS CYS A . n 
A 1 97  MET 97  97  97  MET MET A . n 
A 1 98  TYR 98  98  98  TYR TYR A . n 
A 1 99  ASN 99  99  99  ASN ALA A . n 
A 1 100 PRO 100 100 100 PRO PRO A . n 
A 1 101 THR 101 101 101 THR THR A . n 
A 1 102 GLY 102 102 102 GLY GLY A . n 
A 1 103 LYS 103 103 103 LYS LYS A . n 
A 1 104 ALA 104 104 104 ALA ALA A . n 
A 1 105 ALA 105 105 105 ALA ALA A . n 
A 1 106 LYS 106 106 106 LYS LYS A . n 
A 1 107 CYS 107 107 107 CYS CYS A . n 
A 1 108 ARG 108 108 108 ARG ARG A . n 
A 1 109 GLY 109 109 109 GLY GLY A . n 
A 1 110 TYR 110 110 110 TYR TYR A . n 
A 1 111 ARG 111 111 111 ARG ARG A . n 
A 1 112 GLU 112 112 112 GLU GLU A . n 
A 1 113 ILE 113 113 113 ILE ILE A . n 
A 1 114 PRO 114 114 114 PRO PRO A . n 
A 1 115 GLU 115 115 115 GLU GLU A . n 
A 1 116 GLY 116 116 116 GLY GLY A . n 
A 1 117 ASN 117 117 117 ASN ASN A . n 
A 1 118 GLU 118 118 118 GLU GLU A . n 
A 1 119 LYS 119 119 119 LYS LYS A . n 
A 1 120 ALA 120 120 120 ALA ALA A . n 
A 1 121 LEU 121 121 121 LEU LEU A . n 
A 1 122 LYS 122 122 122 LYS LYS A . n 
A 1 123 ARG 123 123 123 ARG ARG A . n 
A 1 124 ALA 124 124 124 ALA ALA A . n 
A 1 125 VAL 125 125 125 VAL VAL A . n 
A 1 126 ALA 126 126 126 ALA ALA A . n 
A 1 127 ARG 127 127 127 ARG ARG A . n 
A 1 128 VAL 128 128 128 VAL VAL A . n 
A 1 129 GLY 129 129 129 GLY GLY A . n 
A 1 130 PRO 130 130 130 PRO PRO A . n 
A 1 131 VAL 131 131 131 VAL VAL A . n 
A 1 132 SER 132 132 132 SER SER A . n 
A 1 133 VAL 133 133 133 VAL VAL A . n 
A 1 134 ALA 134 134 134 ALA ALA A . n 
A 1 135 ILE 135 135 135 ILE ILE A . n 
A 1 136 ASP 136 136 136 ASP ASP A . n 
A 1 137 ALA 137 137 137 ALA ALA A . n 
A 1 138 SER 138 138 138 SER SER A . n 
A 1 139 LEU 139 139 139 LEU LEU A . n 
A 1 140 THR 140 140 140 THR THR A . n 
A 1 141 SER 141 141 141 SER SER A . n 
A 1 142 PHE 142 142 142 PHE PHE A . n 
A 1 143 GLN 143 143 143 GLN GLN A . n 
A 1 144 PHE 144 144 144 PHE PHE A . n 
A 1 145 TYR 145 145 145 TYR TYR A . n 
A 1 146 SER 146 146 146 SER SER A . n 
A 1 147 LYS 147 147 147 LYS LYS A . n 
A 1 148 GLY 148 148 148 GLY GLY A . n 
A 1 149 VAL 149 149 149 VAL VAL A . n 
A 1 150 TYR 150 150 150 TYR TYR A . n 
A 1 151 TYR 151 151 151 TYR TYR A . n 
A 1 152 ASP 152 152 152 ASP ASP A . n 
A 1 153 GLU 153 153 153 GLU GLU A . n 
A 1 154 SER 154 154 154 SER SER A . n 
A 1 155 CYS 155 155 155 CYS CYS A . n 
A 1 156 ASN 156 156 156 ASN ASN A . n 
A 1 157 SER 157 157 157 SER SER A . n 
A 1 158 ASP 158 158 158 ASP ASP A . n 
A 1 159 ASN 159 159 159 ASN ASN A . n 
A 1 160 LEU 160 160 160 LEU LEU A . n 
A 1 161 ASN 161 161 161 ASN ASN A . n 
A 1 162 HIS 162 162 162 HIS HIS A . n 
A 1 163 ALA 163 163 163 ALA ALA A . n 
A 1 164 VAL 164 164 164 VAL VAL A . n 
A 1 165 LEU 165 165 165 LEU LEU A . n 
A 1 166 ALA 166 166 166 ALA ALA A . n 
A 1 167 VAL 167 167 167 VAL VAL A . n 
A 1 168 GLY 168 168 168 GLY GLY A . n 
A 1 169 TYR 169 169 169 TYR TYR A . n 
A 1 170 GLY 170 170 170 GLY GLY A . n 
A 1 171 ILE 171 171 171 ILE ILE A . n 
A 1 172 GLN 172 172 172 GLN GLN A . n 
A 1 173 LYS 173 173 173 LYS ALA A . n 
A 1 174 GLY 174 174 174 GLY GLY A . n 
A 1 175 ASN 175 175 175 ASN ASN A . n 
A 1 176 LYS 176 176 176 LYS LYS A . n 
A 1 177 HIS 177 177 177 HIS HIS A . n 
A 1 178 TRP 178 178 178 TRP TRP A . n 
A 1 179 ILE 179 179 179 ILE ILE A . n 
A 1 180 ILE 180 180 180 ILE ILE A . n 
A 1 181 LYS 181 181 181 LYS LYS A . n 
A 1 182 ASN 182 182 182 ASN ASN A . n 
A 1 183 SER 183 183 183 SER SER A . n 
A 1 184 TRP 184 184 184 TRP TRP A . n 
A 1 185 GLY 185 185 185 GLY GLY A . n 
A 1 186 GLU 186 186 186 GLU GLU A . n 
A 1 187 ASN 187 187 187 ASN ASN A . n 
A 1 188 TRP 188 188 188 TRP TRP A . n 
A 1 189 GLY 189 189 189 GLY GLY A . n 
A 1 190 ASN 190 190 190 ASN ASN A . n 
A 1 191 LYS 191 191 191 LYS LYS A . n 
A 1 192 GLY 192 192 192 GLY GLY A . n 
A 1 193 TYR 193 193 193 TYR TYR A . n 
A 1 194 ILE 194 194 194 ILE ILE A . n 
A 1 195 LEU 195 195 195 LEU LEU A . n 
A 1 196 MET 196 196 196 MET MET A . n 
A 1 197 ALA 197 197 197 ALA ALA A . n 
A 1 198 ARG 198 198 198 ARG ARG A . n 
A 1 199 ASN 199 199 199 ASN ASN A . n 
A 1 200 LYS 200 200 200 LYS LYS A . n 
A 1 201 ASN 201 201 201 ASN ASN A . n 
A 1 202 ASN 202 202 202 ASN ASN A . n 
A 1 203 ALA 203 203 203 ALA ALA A . n 
A 1 204 CYS 204 204 204 CYS CYS A . n 
A 1 205 GLY 205 205 205 GLY GLY A . n 
A 1 206 ILE 206 206 206 ILE ILE A . n 
A 1 207 ALA 207 207 207 ALA ALA A . n 
A 1 208 ASN 208 208 208 ASN ASN A . n 
A 1 209 LEU 209 209 209 LEU LEU A . n 
A 1 210 ALA 210 210 210 ALA ALA A . n 
A 1 211 SER 211 211 211 SER SER A . n 
A 1 212 PHE 212 212 212 PHE PHE A . n 
A 1 213 PRO 213 213 213 PRO PRO A . n 
A 1 214 LYS 214 214 214 LYS LYS A . n 
A 1 215 MET 215 215 215 MET MET A . n 
# 
loop_
_pdbx_nonpoly_scheme.asym_id 
_pdbx_nonpoly_scheme.entity_id 
_pdbx_nonpoly_scheme.mon_id 
_pdbx_nonpoly_scheme.ndb_seq_num 
_pdbx_nonpoly_scheme.pdb_seq_num 
_pdbx_nonpoly_scheme.auth_seq_num 
_pdbx_nonpoly_scheme.pdb_mon_id 
_pdbx_nonpoly_scheme.auth_mon_id 
_pdbx_nonpoly_scheme.pdb_strand_id 
_pdbx_nonpoly_scheme.pdb_ins_code 
B 2 CT1 1   216 1   CT1 LIG A . 
C 3 HOH 1   217 1   HOH HOH A . 
C 3 HOH 2   218 2   HOH HOH A . 
C 3 HOH 3   219 3   HOH HOH A . 
C 3 HOH 4   220 4   HOH HOH A . 
C 3 HOH 5   221 5   HOH HOH A . 
C 3 HOH 6   222 6   HOH HOH A . 
C 3 HOH 7   223 7   HOH HOH A . 
C 3 HOH 8   224 8   HOH HOH A . 
C 3 HOH 9   225 9   HOH HOH A . 
C 3 HOH 10  226 10  HOH HOH A . 
C 3 HOH 11  227 11  HOH HOH A . 
C 3 HOH 12  228 12  HOH HOH A . 
C 3 HOH 13  229 13  HOH HOH A . 
C 3 HOH 14  230 14  HOH HOH A . 
C 3 HOH 15  231 15  HOH HOH A . 
C 3 HOH 16  232 16  HOH HOH A . 
C 3 HOH 17  233 17  HOH HOH A . 
C 3 HOH 18  234 18  HOH HOH A . 
C 3 HOH 19  235 19  HOH HOH A . 
C 3 HOH 20  236 20  HOH HOH A . 
C 3 HOH 21  237 21  HOH HOH A . 
C 3 HOH 22  238 22  HOH HOH A . 
C 3 HOH 23  239 23  HOH HOH A . 
C 3 HOH 24  240 24  HOH HOH A . 
C 3 HOH 25  241 25  HOH HOH A . 
C 3 HOH 26  242 26  HOH HOH A . 
C 3 HOH 27  243 27  HOH HOH A . 
C 3 HOH 28  244 28  HOH HOH A . 
C 3 HOH 29  245 29  HOH HOH A . 
C 3 HOH 30  246 30  HOH HOH A . 
C 3 HOH 31  247 31  HOH HOH A . 
C 3 HOH 32  248 32  HOH HOH A . 
C 3 HOH 33  249 33  HOH HOH A . 
C 3 HOH 34  250 34  HOH HOH A . 
C 3 HOH 35  251 35  HOH HOH A . 
C 3 HOH 36  252 36  HOH HOH A . 
C 3 HOH 37  253 37  HOH HOH A . 
C 3 HOH 38  254 38  HOH HOH A . 
C 3 HOH 39  255 39  HOH HOH A . 
C 3 HOH 40  256 40  HOH HOH A . 
C 3 HOH 41  257 41  HOH HOH A . 
C 3 HOH 42  258 42  HOH HOH A . 
C 3 HOH 43  259 43  HOH HOH A . 
C 3 HOH 44  260 44  HOH HOH A . 
C 3 HOH 45  261 45  HOH HOH A . 
C 3 HOH 46  262 46  HOH HOH A . 
C 3 HOH 47  263 47  HOH HOH A . 
C 3 HOH 48  264 48  HOH HOH A . 
C 3 HOH 49  265 49  HOH HOH A . 
C 3 HOH 50  266 50  HOH HOH A . 
C 3 HOH 51  267 51  HOH HOH A . 
C 3 HOH 52  268 52  HOH HOH A . 
C 3 HOH 53  269 53  HOH HOH A . 
C 3 HOH 54  270 54  HOH HOH A . 
C 3 HOH 55  271 55  HOH HOH A . 
C 3 HOH 56  272 56  HOH HOH A . 
C 3 HOH 57  273 57  HOH HOH A . 
C 3 HOH 58  274 58  HOH HOH A . 
C 3 HOH 59  275 59  HOH HOH A . 
C 3 HOH 60  276 60  HOH HOH A . 
C 3 HOH 61  277 61  HOH HOH A . 
C 3 HOH 62  278 62  HOH HOH A . 
C 3 HOH 63  279 63  HOH HOH A . 
C 3 HOH 64  280 64  HOH HOH A . 
C 3 HOH 65  281 65  HOH HOH A . 
C 3 HOH 66  282 66  HOH HOH A . 
C 3 HOH 67  283 67  HOH HOH A . 
C 3 HOH 68  284 68  HOH HOH A . 
C 3 HOH 69  285 69  HOH HOH A . 
C 3 HOH 70  286 70  HOH HOH A . 
C 3 HOH 71  287 71  HOH HOH A . 
C 3 HOH 72  288 72  HOH HOH A . 
C 3 HOH 73  289 73  HOH HOH A . 
C 3 HOH 74  290 74  HOH HOH A . 
C 3 HOH 75  291 75  HOH HOH A . 
C 3 HOH 76  292 76  HOH HOH A . 
C 3 HOH 77  293 77  HOH HOH A . 
C 3 HOH 78  294 78  HOH HOH A . 
C 3 HOH 79  295 79  HOH HOH A . 
C 3 HOH 80  296 80  HOH HOH A . 
C 3 HOH 81  297 81  HOH HOH A . 
C 3 HOH 82  298 82  HOH HOH A . 
C 3 HOH 83  299 83  HOH HOH A . 
C 3 HOH 84  300 84  HOH HOH A . 
C 3 HOH 85  301 85  HOH HOH A . 
C 3 HOH 86  302 86  HOH HOH A . 
C 3 HOH 87  303 87  HOH HOH A . 
C 3 HOH 88  304 88  HOH HOH A . 
C 3 HOH 89  305 89  HOH HOH A . 
C 3 HOH 90  306 90  HOH HOH A . 
C 3 HOH 91  307 91  HOH HOH A . 
C 3 HOH 92  308 92  HOH HOH A . 
C 3 HOH 93  309 93  HOH HOH A . 
C 3 HOH 94  310 94  HOH HOH A . 
C 3 HOH 95  311 95  HOH HOH A . 
C 3 HOH 96  312 96  HOH HOH A . 
C 3 HOH 97  313 97  HOH HOH A . 
C 3 HOH 98  314 98  HOH HOH A . 
C 3 HOH 99  315 99  HOH HOH A . 
C 3 HOH 100 316 100 HOH HOH A . 
C 3 HOH 101 317 101 HOH HOH A . 
C 3 HOH 102 318 102 HOH HOH A . 
# 
loop_
_pdbx_unobs_or_zero_occ_atoms.id 
_pdbx_unobs_or_zero_occ_atoms.PDB_model_num 
_pdbx_unobs_or_zero_occ_atoms.polymer_flag 
_pdbx_unobs_or_zero_occ_atoms.occupancy_flag 
_pdbx_unobs_or_zero_occ_atoms.auth_asym_id 
_pdbx_unobs_or_zero_occ_atoms.auth_comp_id 
_pdbx_unobs_or_zero_occ_atoms.auth_seq_id 
_pdbx_unobs_or_zero_occ_atoms.PDB_ins_code 
_pdbx_unobs_or_zero_occ_atoms.auth_atom_id 
_pdbx_unobs_or_zero_occ_atoms.label_alt_id 
_pdbx_unobs_or_zero_occ_atoms.label_asym_id 
_pdbx_unobs_or_zero_occ_atoms.label_comp_id 
_pdbx_unobs_or_zero_occ_atoms.label_seq_id 
_pdbx_unobs_or_zero_occ_atoms.label_atom_id 
1  1 Y 1 A ARG 79  ? CG  ? A ARG 79  CG  
2  1 Y 1 A ARG 79  ? CD  ? A ARG 79  CD  
3  1 Y 1 A ARG 79  ? NE  ? A ARG 79  NE  
4  1 Y 1 A ARG 79  ? CZ  ? A ARG 79  CZ  
5  1 Y 1 A ARG 79  ? NH1 ? A ARG 79  NH1 
6  1 Y 1 A ARG 79  ? NH2 ? A ARG 79  NH2 
7  1 Y 1 A ASN 99  ? CG  ? A ASN 99  CG  
8  1 Y 1 A ASN 99  ? OD1 ? A ASN 99  OD1 
9  1 Y 1 A ASN 99  ? ND2 ? A ASN 99  ND2 
10 1 Y 1 A LYS 173 ? CG  ? A LYS 173 CG  
11 1 Y 1 A LYS 173 ? CD  ? A LYS 173 CD  
12 1 Y 1 A LYS 173 ? CE  ? A LYS 173 CE  
13 1 Y 1 A LYS 173 ? NZ  ? A LYS 173 NZ  
# 
loop_
_software.name 
_software.classification 
_software.version 
_software.citation_id 
_software.pdbx_ordinal 
_software.date 
_software.type 
_software.location 
_software.language 
SCALEPACK 'data scaling' . ? 1 ? ? ? ? 
CNS       refinement     . ? 2 ? ? ? ? 
CNS       phasing        . ? 3 ? ? ? ? 
# 
_cell.entry_id           2AUX 
_cell.length_a           61.39 
_cell.length_b           61.39 
_cell.length_c           110.15 
_cell.angle_alpha        90 
_cell.angle_beta         90 
_cell.angle_gamma        90 
_cell.pdbx_unique_axis   ? 
_cell.Z_PDB              8 
# 
_symmetry.entry_id                         2AUX 
_symmetry.space_group_name_H-M             'P 43 21 2' 
_symmetry.pdbx_full_space_group_name_H-M   ? 
_symmetry.Int_Tables_number                96 
_symmetry.cell_setting                     ? 
_symmetry.space_group_name_Hall            ? 
# 
_exptl.entry_id          2AUX 
_exptl.method            'X-RAY DIFFRACTION' 
_exptl.crystals_number   1 
# 
_exptl_crystal.id                    1 
_exptl_crystal.density_meas          ? 
_exptl_crystal.density_Matthews      2.2 
_exptl_crystal.density_percent_sol   44 
_exptl_crystal.description           ? 
_exptl_crystal.F_000                 ? 
_exptl_crystal.preparation           ? 
# 
_exptl_crystal_grow.crystal_id      1 
_exptl_crystal_grow.method          'VAPOR DIFFUSION, HANGING DROP' 
_exptl_crystal_grow.temp            ? 
_exptl_crystal_grow.temp_details    ? 
_exptl_crystal_grow.pH              5.5 
_exptl_crystal_grow.pdbx_details    '0.2 M ammonium sulfate, 30% PEG8000, pH 5.5, VAPOR DIFFUSION, HANGING DROP' 
_exptl_crystal_grow.pdbx_pH_range   . 
# 
_diffrn.id                     1 
_diffrn.ambient_temp           200 
_diffrn.ambient_temp_details   ? 
_diffrn.crystal_id             1 
# 
_diffrn_detector.diffrn_id              1 
_diffrn_detector.detector               'IMAGE PLATE' 
_diffrn_detector.type                   'RIGAKU RAXIS IV' 
_diffrn_detector.pdbx_collection_date   1998-10-02 
_diffrn_detector.details                mirrors 
# 
_diffrn_radiation.diffrn_id                        1 
_diffrn_radiation.wavelength_id                    1 
_diffrn_radiation.pdbx_monochromatic_or_laue_m_l   M 
_diffrn_radiation.monochromator                    mirrors 
_diffrn_radiation.pdbx_diffrn_protocol             'SINGLE WAVELENGTH' 
_diffrn_radiation.pdbx_scattering_type             x-ray 
# 
_diffrn_radiation_wavelength.id           1 
_diffrn_radiation_wavelength.wavelength   1.5418 
_diffrn_radiation_wavelength.wt           1.0 
# 
_diffrn_source.diffrn_id                   1 
_diffrn_source.source                      'ROTATING ANODE' 
_diffrn_source.type                        RIGAKU 
_diffrn_source.pdbx_synchrotron_site       ? 
_diffrn_source.pdbx_synchrotron_beamline   ? 
_diffrn_source.pdbx_wavelength             1.5418 
_diffrn_source.pdbx_wavelength_list        ? 
# 
_reflns.entry_id                     2AUX 
_reflns.observed_criterion_sigma_F   2 
_reflns.observed_criterion_sigma_I   2 
_reflns.d_resolution_high            2.4 
_reflns.d_resolution_low             53 
_reflns.number_all                   8658 
_reflns.number_obs                   8658 
_reflns.percent_possible_obs         97.7 
_reflns.pdbx_Rmerge_I_obs            0.087 
_reflns.pdbx_Rsym_value              ? 
_reflns.pdbx_netI_over_sigmaI        36 
_reflns.B_iso_Wilson_estimate        12.44 
_reflns.pdbx_redundancy              9.8 
_reflns.R_free_details               ? 
_reflns.limit_h_max                  ? 
_reflns.limit_h_min                  ? 
_reflns.limit_k_max                  ? 
_reflns.limit_k_min                  ? 
_reflns.limit_l_max                  ? 
_reflns.limit_l_min                  ? 
_reflns.observed_criterion_F_max     ? 
_reflns.observed_criterion_F_min     ? 
_reflns.pdbx_chi_squared             ? 
_reflns.pdbx_scaling_rejects         ? 
_reflns.pdbx_diffrn_id               1 
_reflns.pdbx_ordinal                 1 
# 
_reflns_shell.d_res_high             2.40 
_reflns_shell.d_res_low              2.49 
_reflns_shell.percent_possible_all   99 
_reflns_shell.Rmerge_I_obs           0.28 
_reflns_shell.pdbx_Rsym_value        ? 
_reflns_shell.meanI_over_sigI_obs    10.5 
_reflns_shell.pdbx_redundancy        8 
_reflns_shell.percent_possible_obs   ? 
_reflns_shell.number_unique_all      844 
_reflns_shell.number_measured_all    ? 
_reflns_shell.number_measured_obs    ? 
_reflns_shell.number_unique_obs      ? 
_reflns_shell.pdbx_chi_squared       ? 
_reflns_shell.pdbx_diffrn_id         ? 
_reflns_shell.pdbx_ordinal           1 
# 
_refine.entry_id                                 2AUX 
_refine.ls_d_res_high                            2.4 
_refine.ls_d_res_low                             50 
_refine.pdbx_ls_sigma_F                          2 
_refine.pdbx_ls_sigma_I                          2 
_refine.ls_number_reflns_all                     8531 
_refine.ls_number_reflns_obs                     8531 
_refine.ls_number_reflns_R_free                  911 
_refine.ls_percent_reflns_obs                    97.4 
_refine.ls_R_factor_all                          ? 
_refine.ls_R_factor_obs                          ? 
_refine.ls_R_factor_R_work                       0.198 
_refine.ls_R_factor_R_free                       0.253 
_refine.ls_redundancy_reflns_obs                 ? 
_refine.pdbx_data_cutoff_high_absF               ? 
_refine.pdbx_data_cutoff_low_absF                ? 
_refine.ls_number_parameters                     ? 
_refine.ls_number_restraints                     ? 
_refine.ls_percent_reflns_R_free                 ? 
_refine.ls_R_factor_R_free_error                 ? 
_refine.ls_R_factor_R_free_error_details         ? 
_refine.pdbx_method_to_determine_struct          'MOLECULAR REPLACEMENT' 
_refine.pdbx_starting_model                      'PDB entry 1ATK' 
_refine.pdbx_ls_cross_valid_method               THROUGHOUT 
_refine.pdbx_R_Free_selection_details            random 
_refine.pdbx_stereochem_target_val_spec_case     ? 
_refine.pdbx_stereochemistry_target_values       'Engh & Huber' 
_refine.solvent_model_details                    ? 
_refine.solvent_model_param_bsol                 ? 
_refine.solvent_model_param_ksol                 ? 
_refine.occupancy_max                            ? 
_refine.occupancy_min                            ? 
_refine.pdbx_isotropic_thermal_model             isotropic 
_refine.B_iso_mean                               ? 
_refine.aniso_B[1][1]                            ? 
_refine.aniso_B[1][2]                            ? 
_refine.aniso_B[1][3]                            ? 
_refine.aniso_B[2][2]                            ? 
_refine.aniso_B[2][3]                            ? 
_refine.aniso_B[3][3]                            ? 
_refine.details                                  'mask method used for bulk solvent correction' 
_refine.B_iso_min                                ? 
_refine.B_iso_max                                ? 
_refine.correlation_coeff_Fo_to_Fc               ? 
_refine.correlation_coeff_Fo_to_Fc_free          ? 
_refine.pdbx_solvent_vdw_probe_radii             ? 
_refine.pdbx_solvent_ion_probe_radii             ? 
_refine.pdbx_solvent_shrinkage_radii             ? 
_refine.overall_SU_R_Cruickshank_DPI             ? 
_refine.overall_SU_R_free                        ? 
_refine.overall_SU_ML                            ? 
_refine.overall_SU_B                             ? 
_refine.pdbx_overall_ESU_R_Free                  ? 
_refine.pdbx_data_cutoff_high_rms_absF           ? 
_refine.pdbx_overall_ESU_R                       ? 
_refine.ls_wR_factor_R_free                      ? 
_refine.ls_wR_factor_R_work                      ? 
_refine.overall_FOM_free_R_set                   ? 
_refine.overall_FOM_work_R_set                   ? 
_refine.pdbx_refine_id                           'X-RAY DIFFRACTION' 
_refine.pdbx_diffrn_id                           1 
_refine.pdbx_TLS_residual_ADP_flag               ? 
_refine.pdbx_overall_phase_error                 ? 
_refine.pdbx_overall_SU_R_free_Cruickshank_DPI   ? 
_refine.pdbx_overall_SU_R_Blow_DPI               ? 
_refine.pdbx_overall_SU_R_free_Blow_DPI          ? 
# 
_refine_hist.pdbx_refine_id                   'X-RAY DIFFRACTION' 
_refine_hist.cycle_id                         LAST 
_refine_hist.pdbx_number_atoms_protein        1624 
_refine_hist.pdbx_number_atoms_nucleic_acid   0 
_refine_hist.pdbx_number_atoms_ligand         22 
_refine_hist.number_atoms_solvent             102 
_refine_hist.number_atoms_total               1748 
_refine_hist.d_res_high                       2.4 
_refine_hist.d_res_low                        50 
# 
loop_
_refine_ls_restr.type 
_refine_ls_restr.dev_ideal 
_refine_ls_restr.dev_ideal_target 
_refine_ls_restr.weight 
_refine_ls_restr.number 
_refine_ls_restr.pdbx_refine_id 
_refine_ls_restr.pdbx_restraint_function 
c_angle_deg 1.23   ? ? ? 'X-RAY DIFFRACTION' ? 
c_bond_d    0.0059 ? ? ? 'X-RAY DIFFRACTION' ? 
# 
_refine_ls_shell.pdbx_total_number_of_bins_used   ? 
_refine_ls_shell.d_res_high                       2.40 
_refine_ls_shell.d_res_low                        2.49 
_refine_ls_shell.number_reflns_R_work             ? 
_refine_ls_shell.R_factor_R_work                  ? 
_refine_ls_shell.percent_reflns_obs               ? 
_refine_ls_shell.R_factor_R_free                  ? 
_refine_ls_shell.R_factor_R_free_error            ? 
_refine_ls_shell.percent_reflns_R_free            ? 
_refine_ls_shell.number_reflns_R_free             ? 
_refine_ls_shell.number_reflns_obs                ? 
_refine_ls_shell.redundancy_reflns_obs            ? 
_refine_ls_shell.number_reflns_all                ? 
_refine_ls_shell.pdbx_refine_id                   'X-RAY DIFFRACTION' 
_refine_ls_shell.R_factor_all                     ? 
# 
_struct.entry_id                  2AUX 
_struct.title                     'Cathepsin K complexed with a semicarbazone inhibitor' 
_struct.pdbx_model_details        ? 
_struct.pdbx_CASP_flag            ? 
_struct.pdbx_model_type_details   ? 
# 
_struct_keywords.entry_id        2AUX 
_struct_keywords.pdbx_keywords   HYDROLASE 
_struct_keywords.text            'catK, cysteine protease, HYDROLASE' 
# 
loop_
_struct_asym.id 
_struct_asym.pdbx_blank_PDB_chainid_flag 
_struct_asym.pdbx_modified 
_struct_asym.entity_id 
_struct_asym.details 
A N N 1 ? 
B N N 2 ? 
C N N 3 ? 
# 
_struct_ref.id                         1 
_struct_ref.db_name                    UNP 
_struct_ref.db_code                    CATK_HUMAN 
_struct_ref.pdbx_db_accession          P43235 
_struct_ref.entity_id                  1 
_struct_ref.pdbx_align_begin           115 
_struct_ref.pdbx_db_isoform            ? 
_struct_ref.pdbx_seq_one_letter_code   ? 
# 
_struct_ref_seq.align_id                      1 
_struct_ref_seq.ref_id                        1 
_struct_ref_seq.pdbx_PDB_id_code              2AUX 
_struct_ref_seq.pdbx_strand_id                A 
_struct_ref_seq.seq_align_beg                 1 
_struct_ref_seq.pdbx_seq_align_beg_ins_code   ? 
_struct_ref_seq.seq_align_end                 215 
_struct_ref_seq.pdbx_seq_align_end_ins_code   ? 
_struct_ref_seq.pdbx_db_accession             P43235 
_struct_ref_seq.db_align_beg                  115 
_struct_ref_seq.pdbx_db_align_beg_ins_code    ? 
_struct_ref_seq.db_align_end                  329 
_struct_ref_seq.pdbx_db_align_end_ins_code    ? 
_struct_ref_seq.pdbx_auth_seq_align_beg       1 
_struct_ref_seq.pdbx_auth_seq_align_end       215 
# 
_pdbx_struct_assembly.id                   1 
_pdbx_struct_assembly.details              author_defined_assembly 
_pdbx_struct_assembly.method_details       ? 
_pdbx_struct_assembly.oligomeric_details   monomeric 
_pdbx_struct_assembly.oligomeric_count     1 
# 
_pdbx_struct_assembly_gen.assembly_id       1 
_pdbx_struct_assembly_gen.oper_expression   1 
_pdbx_struct_assembly_gen.asym_id_list      A,B,C 
# 
_pdbx_struct_oper_list.id                   1 
_pdbx_struct_oper_list.type                 'identity operation' 
_pdbx_struct_oper_list.name                 1_555 
_pdbx_struct_oper_list.symmetry_operation   x,y,z 
_pdbx_struct_oper_list.matrix[1][1]         1.0000000000 
_pdbx_struct_oper_list.matrix[1][2]         0.0000000000 
_pdbx_struct_oper_list.matrix[1][3]         0.0000000000 
_pdbx_struct_oper_list.vector[1]            0.0000000000 
_pdbx_struct_oper_list.matrix[2][1]         0.0000000000 
_pdbx_struct_oper_list.matrix[2][2]         1.0000000000 
_pdbx_struct_oper_list.matrix[2][3]         0.0000000000 
_pdbx_struct_oper_list.vector[2]            0.0000000000 
_pdbx_struct_oper_list.matrix[3][1]         0.0000000000 
_pdbx_struct_oper_list.matrix[3][2]         0.0000000000 
_pdbx_struct_oper_list.matrix[3][3]         1.0000000000 
_pdbx_struct_oper_list.vector[3]            0.0000000000 
# 
loop_
_struct_conf.conf_type_id 
_struct_conf.id 
_struct_conf.pdbx_PDB_helix_id 
_struct_conf.beg_label_comp_id 
_struct_conf.beg_label_asym_id 
_struct_conf.beg_label_seq_id 
_struct_conf.pdbx_beg_PDB_ins_code 
_struct_conf.end_label_comp_id 
_struct_conf.end_label_asym_id 
_struct_conf.end_label_seq_id 
_struct_conf.pdbx_end_PDB_ins_code 
_struct_conf.beg_auth_comp_id 
_struct_conf.beg_auth_asym_id 
_struct_conf.beg_auth_seq_id 
_struct_conf.end_auth_comp_id 
_struct_conf.end_auth_asym_id 
_struct_conf.end_auth_seq_id 
_struct_conf.pdbx_PDB_helix_class 
_struct_conf.details 
_struct_conf.pdbx_PDB_helix_length 
HELX_P HELX_P1 1 ARG A 8   ? GLY A 11  ? ARG A 8   GLY A 11  5 ? 4  
HELX_P HELX_P2 2 SER A 24  ? GLY A 43  ? SER A 24  GLY A 43  1 ? 20 
HELX_P HELX_P3 3 SER A 49  ? VAL A 57  ? SER A 49  VAL A 57  1 ? 9  
HELX_P HELX_P4 4 ASP A 61  ? GLY A 65  ? ASP A 61  GLY A 65  5 ? 5  
HELX_P HELX_P5 5 TYR A 67  ? ASN A 78  ? TYR A 67  ASN A 78  1 ? 12 
HELX_P HELX_P6 6 ASN A 117 ? VAL A 128 ? ASN A 117 VAL A 128 1 ? 12 
HELX_P HELX_P7 7 LEU A 139 ? PHE A 144 ? LEU A 139 PHE A 144 1 ? 6  
HELX_P HELX_P8 8 ASN A 202 ? ILE A 206 ? ASN A 202 ILE A 206 5 ? 5  
# 
_struct_conf_type.id          HELX_P 
_struct_conf_type.criteria    ? 
_struct_conf_type.reference   ? 
# 
loop_
_struct_conn.id 
_struct_conn.conn_type_id 
_struct_conn.pdbx_leaving_atom_flag 
_struct_conn.pdbx_PDB_id 
_struct_conn.ptnr1_label_asym_id 
_struct_conn.ptnr1_label_comp_id 
_struct_conn.ptnr1_label_seq_id 
_struct_conn.ptnr1_label_atom_id 
_struct_conn.pdbx_ptnr1_label_alt_id 
_struct_conn.pdbx_ptnr1_PDB_ins_code 
_struct_conn.pdbx_ptnr1_standard_comp_id 
_struct_conn.ptnr1_symmetry 
_struct_conn.ptnr2_label_asym_id 
_struct_conn.ptnr2_label_comp_id 
_struct_conn.ptnr2_label_seq_id 
_struct_conn.ptnr2_label_atom_id 
_struct_conn.pdbx_ptnr2_label_alt_id 
_struct_conn.pdbx_ptnr2_PDB_ins_code 
_struct_conn.ptnr1_auth_asym_id 
_struct_conn.ptnr1_auth_comp_id 
_struct_conn.ptnr1_auth_seq_id 
_struct_conn.ptnr2_auth_asym_id 
_struct_conn.ptnr2_auth_comp_id 
_struct_conn.ptnr2_auth_seq_id 
_struct_conn.ptnr2_symmetry 
_struct_conn.pdbx_ptnr3_label_atom_id 
_struct_conn.pdbx_ptnr3_label_seq_id 
_struct_conn.pdbx_ptnr3_label_comp_id 
_struct_conn.pdbx_ptnr3_label_asym_id 
_struct_conn.pdbx_ptnr3_label_alt_id 
_struct_conn.pdbx_ptnr3_PDB_ins_code 
_struct_conn.details 
_struct_conn.pdbx_dist_value 
_struct_conn.pdbx_value_order 
_struct_conn.pdbx_role 
disulf1 disulf ?    ? A CYS 22  SG ? ? ? 1_555 A CYS 63  SG ? ? A CYS 22  A CYS 63  1_555 ? ? ? ? ? ? ? 2.032 ? ? 
disulf2 disulf ?    ? A CYS 56  SG ? ? ? 1_555 A CYS 96  SG ? ? A CYS 56  A CYS 96  1_555 ? ? ? ? ? ? ? 2.031 ? ? 
disulf3 disulf ?    ? A CYS 155 SG ? ? ? 1_555 A CYS 204 SG ? ? A CYS 155 A CYS 204 1_555 ? ? ? ? ? ? ? 2.031 ? ? 
covale1 covale none ? A CYS 25  SG ? ? ? 1_555 B CT1 .   C6 ? ? A CYS 25  A CT1 216 1_555 ? ? ? ? ? ? ? 1.448 ? ? 
# 
loop_
_struct_conn_type.id 
_struct_conn_type.criteria 
_struct_conn_type.reference 
disulf ? ? 
covale ? ? 
# 
loop_
_pdbx_modification_feature.ordinal 
_pdbx_modification_feature.label_comp_id 
_pdbx_modification_feature.label_asym_id 
_pdbx_modification_feature.label_seq_id 
_pdbx_modification_feature.label_alt_id 
_pdbx_modification_feature.modified_residue_label_comp_id 
_pdbx_modification_feature.modified_residue_label_asym_id 
_pdbx_modification_feature.modified_residue_label_seq_id 
_pdbx_modification_feature.modified_residue_label_alt_id 
_pdbx_modification_feature.auth_comp_id 
_pdbx_modification_feature.auth_asym_id 
_pdbx_modification_feature.auth_seq_id 
_pdbx_modification_feature.PDB_ins_code 
_pdbx_modification_feature.symmetry 
_pdbx_modification_feature.modified_residue_auth_comp_id 
_pdbx_modification_feature.modified_residue_auth_asym_id 
_pdbx_modification_feature.modified_residue_auth_seq_id 
_pdbx_modification_feature.modified_residue_PDB_ins_code 
_pdbx_modification_feature.modified_residue_symmetry 
_pdbx_modification_feature.comp_id_linking_atom 
_pdbx_modification_feature.modified_residue_id_linking_atom 
_pdbx_modification_feature.modified_residue_id 
_pdbx_modification_feature.ref_pcm_id 
_pdbx_modification_feature.ref_comp_id 
_pdbx_modification_feature.type 
_pdbx_modification_feature.category 
1 CT1 B .   ? CYS A 25  ? CT1 A 216 ? 1_555 CYS A 25  ? 1_555 C6 SG CYS 1 CT1 None 'Covalent chemical modification' 
2 CYS A 22  ? CYS A 63  ? CYS A 22  ? 1_555 CYS A 63  ? 1_555 SG SG .   . .   None 'Disulfide bridge'               
3 CYS A 56  ? CYS A 96  ? CYS A 56  ? 1_555 CYS A 96  ? 1_555 SG SG .   . .   None 'Disulfide bridge'               
4 CYS A 155 ? CYS A 204 ? CYS A 155 ? 1_555 CYS A 204 ? 1_555 SG SG .   . .   None 'Disulfide bridge'               
# 
loop_
_struct_sheet.id 
_struct_sheet.type 
_struct_sheet.number_strands 
_struct_sheet.details 
A ? 3 ? 
B ? 5 ? 
C ? 2 ? 
D ? 2 ? 
# 
loop_
_struct_sheet_order.sheet_id 
_struct_sheet_order.range_id_1 
_struct_sheet_order.range_id_2 
_struct_sheet_order.offset 
_struct_sheet_order.sense 
A 1 2 ? anti-parallel 
A 2 3 ? anti-parallel 
B 1 2 ? anti-parallel 
B 2 3 ? anti-parallel 
B 3 4 ? anti-parallel 
B 4 5 ? parallel      
C 1 2 ? anti-parallel 
D 1 2 ? anti-parallel 
# 
loop_
_struct_sheet_range.sheet_id 
_struct_sheet_range.id 
_struct_sheet_range.beg_label_comp_id 
_struct_sheet_range.beg_label_asym_id 
_struct_sheet_range.beg_label_seq_id 
_struct_sheet_range.pdbx_beg_PDB_ins_code 
_struct_sheet_range.end_label_comp_id 
_struct_sheet_range.end_label_asym_id 
_struct_sheet_range.end_label_seq_id 
_struct_sheet_range.pdbx_end_PDB_ins_code 
_struct_sheet_range.beg_auth_comp_id 
_struct_sheet_range.beg_auth_asym_id 
_struct_sheet_range.beg_auth_seq_id 
_struct_sheet_range.end_auth_comp_id 
_struct_sheet_range.end_auth_asym_id 
_struct_sheet_range.end_auth_seq_id 
A 1 VAL A 5   ? ASP A 6   ? VAL A 5   ASP A 6   
A 2 HIS A 162 ? GLN A 172 ? HIS A 162 GLN A 172 
A 3 VAL A 131 ? ILE A 135 ? VAL A 131 ILE A 135 
B 1 VAL A 5   ? ASP A 6   ? VAL A 5   ASP A 6   
B 2 HIS A 162 ? GLN A 172 ? HIS A 162 GLN A 172 
B 3 ASN A 175 ? LYS A 181 ? ASN A 175 LYS A 181 
B 4 TYR A 193 ? ALA A 197 ? TYR A 193 ALA A 197 
B 5 VAL A 149 ? TYR A 150 ? VAL A 149 TYR A 150 
C 1 ILE A 81  ? ASP A 82  ? ILE A 81  ASP A 82  
C 2 LYS A 103 ? ALA A 105 ? LYS A 103 ALA A 105 
D 1 TYR A 110 ? GLU A 112 ? TYR A 110 GLU A 112 
D 2 SER A 211 ? PRO A 213 ? SER A 211 PRO A 213 
# 
loop_
_pdbx_struct_sheet_hbond.sheet_id 
_pdbx_struct_sheet_hbond.range_id_1 
_pdbx_struct_sheet_hbond.range_id_2 
_pdbx_struct_sheet_hbond.range_1_label_atom_id 
_pdbx_struct_sheet_hbond.range_1_label_comp_id 
_pdbx_struct_sheet_hbond.range_1_label_asym_id 
_pdbx_struct_sheet_hbond.range_1_label_seq_id 
_pdbx_struct_sheet_hbond.range_1_PDB_ins_code 
_pdbx_struct_sheet_hbond.range_1_auth_atom_id 
_pdbx_struct_sheet_hbond.range_1_auth_comp_id 
_pdbx_struct_sheet_hbond.range_1_auth_asym_id 
_pdbx_struct_sheet_hbond.range_1_auth_seq_id 
_pdbx_struct_sheet_hbond.range_2_label_atom_id 
_pdbx_struct_sheet_hbond.range_2_label_comp_id 
_pdbx_struct_sheet_hbond.range_2_label_asym_id 
_pdbx_struct_sheet_hbond.range_2_label_seq_id 
_pdbx_struct_sheet_hbond.range_2_PDB_ins_code 
_pdbx_struct_sheet_hbond.range_2_auth_atom_id 
_pdbx_struct_sheet_hbond.range_2_auth_comp_id 
_pdbx_struct_sheet_hbond.range_2_auth_asym_id 
_pdbx_struct_sheet_hbond.range_2_auth_seq_id 
A 1 2 N VAL A 5   ? N VAL A 5   O TYR A 169 ? O TYR A 169 
A 2 3 O ALA A 166 ? O ALA A 166 N VAL A 131 ? N VAL A 131 
B 1 2 N VAL A 5   ? N VAL A 5   O TYR A 169 ? O TYR A 169 
B 2 3 N LEU A 165 ? N LEU A 165 O LYS A 181 ? O LYS A 181 
B 3 4 N TRP A 178 ? N TRP A 178 O MET A 196 ? O MET A 196 
B 4 5 O LEU A 195 ? O LEU A 195 N TYR A 150 ? N TYR A 150 
C 1 2 N ILE A 81  ? N ILE A 81  O ALA A 104 ? O ALA A 104 
D 1 2 N ARG A 111 ? N ARG A 111 O PHE A 212 ? O PHE A 212 
# 
_struct_site.id                   AC1 
_struct_site.pdbx_evidence_code   Software 
_struct_site.pdbx_auth_asym_id    A 
_struct_site.pdbx_auth_comp_id    CT1 
_struct_site.pdbx_auth_seq_id     216 
_struct_site.pdbx_auth_ins_code   ? 
_struct_site.pdbx_num_residues    12 
_struct_site.details              'BINDING SITE FOR RESIDUE CT1 A 216' 
# 
loop_
_struct_site_gen.id 
_struct_site_gen.site_id 
_struct_site_gen.pdbx_num_res 
_struct_site_gen.label_comp_id 
_struct_site_gen.label_asym_id 
_struct_site_gen.label_seq_id 
_struct_site_gen.pdbx_auth_ins_code 
_struct_site_gen.auth_comp_id 
_struct_site_gen.auth_asym_id 
_struct_site_gen.auth_seq_id 
_struct_site_gen.label_atom_id 
_struct_site_gen.label_alt_id 
_struct_site_gen.symmetry 
_struct_site_gen.details 
1  AC1 12 GLN A 19  ? GLN A 19  . ? 1_555 ? 
2  AC1 12 GLY A 23  ? GLY A 23  . ? 1_555 ? 
3  AC1 12 CYS A 25  ? CYS A 25  . ? 1_555 ? 
4  AC1 12 LYS A 41  ? LYS A 41  . ? 3_654 ? 
5  AC1 12 GLY A 64  ? GLY A 64  . ? 1_555 ? 
6  AC1 12 GLY A 65  ? GLY A 65  . ? 1_555 ? 
7  AC1 12 GLY A 66  ? GLY A 66  . ? 1_555 ? 
8  AC1 12 LEU A 160 ? LEU A 160 . ? 1_555 ? 
9  AC1 12 ASN A 161 ? ASN A 161 . ? 1_555 ? 
10 AC1 12 HIS A 162 ? HIS A 162 . ? 1_555 ? 
11 AC1 12 ALA A 163 ? ALA A 163 . ? 1_555 ? 
12 AC1 12 HOH C .   ? HOH A 304 . ? 1_555 ? 
# 
_pdbx_entry_details.entry_id                   2AUX 
_pdbx_entry_details.compound_details           ? 
_pdbx_entry_details.source_details             ? 
_pdbx_entry_details.nonpolymer_details         ? 
_pdbx_entry_details.sequence_details           ? 
_pdbx_entry_details.has_ligand_of_interest     ? 
_pdbx_entry_details.has_protein_modification   Y 
# 
_pdbx_validate_rmsd_bond.id                        1 
_pdbx_validate_rmsd_bond.PDB_model_num             1 
_pdbx_validate_rmsd_bond.auth_atom_id_1            CB 
_pdbx_validate_rmsd_bond.auth_asym_id_1            A 
_pdbx_validate_rmsd_bond.auth_comp_id_1            CYS 
_pdbx_validate_rmsd_bond.auth_seq_id_1             25 
_pdbx_validate_rmsd_bond.PDB_ins_code_1            ? 
_pdbx_validate_rmsd_bond.label_alt_id_1            ? 
_pdbx_validate_rmsd_bond.auth_atom_id_2            SG 
_pdbx_validate_rmsd_bond.auth_asym_id_2            A 
_pdbx_validate_rmsd_bond.auth_comp_id_2            CYS 
_pdbx_validate_rmsd_bond.auth_seq_id_2             25 
_pdbx_validate_rmsd_bond.PDB_ins_code_2            ? 
_pdbx_validate_rmsd_bond.label_alt_id_2            ? 
_pdbx_validate_rmsd_bond.bond_value                1.451 
_pdbx_validate_rmsd_bond.bond_target_value         1.812 
_pdbx_validate_rmsd_bond.bond_deviation            -0.361 
_pdbx_validate_rmsd_bond.bond_standard_deviation   0.016 
_pdbx_validate_rmsd_bond.linker_flag               N 
# 
_pdbx_validate_rmsd_angle.id                         1 
_pdbx_validate_rmsd_angle.PDB_model_num              1 
_pdbx_validate_rmsd_angle.auth_atom_id_1             C 
_pdbx_validate_rmsd_angle.auth_asym_id_1             A 
_pdbx_validate_rmsd_angle.auth_comp_id_1             TYR 
_pdbx_validate_rmsd_angle.auth_seq_id_1              87 
_pdbx_validate_rmsd_angle.PDB_ins_code_1             ? 
_pdbx_validate_rmsd_angle.label_alt_id_1             ? 
_pdbx_validate_rmsd_angle.auth_atom_id_2             N 
_pdbx_validate_rmsd_angle.auth_asym_id_2             A 
_pdbx_validate_rmsd_angle.auth_comp_id_2             PRO 
_pdbx_validate_rmsd_angle.auth_seq_id_2              88 
_pdbx_validate_rmsd_angle.PDB_ins_code_2             ? 
_pdbx_validate_rmsd_angle.label_alt_id_2             ? 
_pdbx_validate_rmsd_angle.auth_atom_id_3             CA 
_pdbx_validate_rmsd_angle.auth_asym_id_3             A 
_pdbx_validate_rmsd_angle.auth_comp_id_3             PRO 
_pdbx_validate_rmsd_angle.auth_seq_id_3              88 
_pdbx_validate_rmsd_angle.PDB_ins_code_3             ? 
_pdbx_validate_rmsd_angle.label_alt_id_3             ? 
_pdbx_validate_rmsd_angle.angle_value                130.45 
_pdbx_validate_rmsd_angle.angle_target_value         119.30 
_pdbx_validate_rmsd_angle.angle_deviation            11.15 
_pdbx_validate_rmsd_angle.angle_standard_deviation   1.50 
_pdbx_validate_rmsd_angle.linker_flag                Y 
# 
loop_
_pdbx_validate_torsion.id 
_pdbx_validate_torsion.PDB_model_num 
_pdbx_validate_torsion.auth_comp_id 
_pdbx_validate_torsion.auth_asym_id 
_pdbx_validate_torsion.auth_seq_id 
_pdbx_validate_torsion.PDB_ins_code 
_pdbx_validate_torsion.label_alt_id 
_pdbx_validate_torsion.phi 
_pdbx_validate_torsion.psi 
1 1 VAL A 57  ? ? -64.94  89.83 
2 1 ASN A 161 ? ? -142.55 12.96 
3 1 LYS A 200 ? ? -110.28 55.58 
# 
loop_
_pdbx_unobs_or_zero_occ_residues.id 
_pdbx_unobs_or_zero_occ_residues.PDB_model_num 
_pdbx_unobs_or_zero_occ_residues.polymer_flag 
_pdbx_unobs_or_zero_occ_residues.occupancy_flag 
_pdbx_unobs_or_zero_occ_residues.auth_asym_id 
_pdbx_unobs_or_zero_occ_residues.auth_comp_id 
_pdbx_unobs_or_zero_occ_residues.auth_seq_id 
_pdbx_unobs_or_zero_occ_residues.PDB_ins_code 
_pdbx_unobs_or_zero_occ_residues.label_asym_id 
_pdbx_unobs_or_zero_occ_residues.label_comp_id 
_pdbx_unobs_or_zero_occ_residues.label_seq_id 
1 1 Y 1 A ALA 1 ? A ALA 1 
2 1 Y 1 A PRO 2 ? A PRO 2 
# 
loop_
_chem_comp_atom.comp_id 
_chem_comp_atom.atom_id 
_chem_comp_atom.type_symbol 
_chem_comp_atom.pdbx_aromatic_flag 
_chem_comp_atom.pdbx_stereo_config 
_chem_comp_atom.pdbx_ordinal 
ALA N    N N N 1   
ALA CA   C N S 2   
ALA C    C N N 3   
ALA O    O N N 4   
ALA CB   C N N 5   
ALA OXT  O N N 6   
ALA H    H N N 7   
ALA H2   H N N 8   
ALA HA   H N N 9   
ALA HB1  H N N 10  
ALA HB2  H N N 11  
ALA HB3  H N N 12  
ALA HXT  H N N 13  
ARG N    N N N 14  
ARG CA   C N S 15  
ARG C    C N N 16  
ARG O    O N N 17  
ARG CB   C N N 18  
ARG CG   C N N 19  
ARG CD   C N N 20  
ARG NE   N N N 21  
ARG CZ   C N N 22  
ARG NH1  N N N 23  
ARG NH2  N N N 24  
ARG OXT  O N N 25  
ARG H    H N N 26  
ARG H2   H N N 27  
ARG HA   H N N 28  
ARG HB2  H N N 29  
ARG HB3  H N N 30  
ARG HG2  H N N 31  
ARG HG3  H N N 32  
ARG HD2  H N N 33  
ARG HD3  H N N 34  
ARG HE   H N N 35  
ARG HH11 H N N 36  
ARG HH12 H N N 37  
ARG HH21 H N N 38  
ARG HH22 H N N 39  
ARG HXT  H N N 40  
ASN N    N N N 41  
ASN CA   C N S 42  
ASN C    C N N 43  
ASN O    O N N 44  
ASN CB   C N N 45  
ASN CG   C N N 46  
ASN OD1  O N N 47  
ASN ND2  N N N 48  
ASN OXT  O N N 49  
ASN H    H N N 50  
ASN H2   H N N 51  
ASN HA   H N N 52  
ASN HB2  H N N 53  
ASN HB3  H N N 54  
ASN HD21 H N N 55  
ASN HD22 H N N 56  
ASN HXT  H N N 57  
ASP N    N N N 58  
ASP CA   C N S 59  
ASP C    C N N 60  
ASP O    O N N 61  
ASP CB   C N N 62  
ASP CG   C N N 63  
ASP OD1  O N N 64  
ASP OD2  O N N 65  
ASP OXT  O N N 66  
ASP H    H N N 67  
ASP H2   H N N 68  
ASP HA   H N N 69  
ASP HB2  H N N 70  
ASP HB3  H N N 71  
ASP HD2  H N N 72  
ASP HXT  H N N 73  
CT1 C1   C N N 74  
CT1 C2   C N N 75  
CT1 C3   C N N 76  
CT1 C4   C N N 77  
CT1 O7   O N N 78  
CT1 N8   N N N 79  
CT1 C9   C N N 80  
CT1 O10  O N N 81  
CT1 O11  O N N 82  
CT1 C12  C N R 83  
CT1 C13  C N N 84  
CT1 C14  C Y N 85  
CT1 C15  C Y N 86  
CT1 C16  C Y N 87  
CT1 C17  C Y N 88  
CT1 C18  C Y N 89  
CT1 C19  C Y N 90  
CT1 C20  C N N 91  
CT1 C21  C N N 92  
CT1 C22  C N N 93  
CT1 C6   C N N 94  
CT1 C5   C N S 95  
CT1 H11  H N N 96  
CT1 H12A H N N 97  
CT1 H13  H N N 98  
CT1 H21  H N N 99  
CT1 H22  H N N 100 
CT1 H31  H N N 101 
CT1 H32  H N N 102 
CT1 H41  H N N 103 
CT1 H42  H N N 104 
CT1 HN8  H N N 105 
CT1 H12  H N N 106 
CT1 H131 H N N 107 
CT1 H132 H N N 108 
CT1 H15  H N N 109 
CT1 H16  H N N 110 
CT1 H17  H N N 111 
CT1 H18  H N N 112 
CT1 H19  H N N 113 
CT1 H20  H N N 114 
CT1 H211 H N N 115 
CT1 H212 H N N 116 
CT1 H213 H N N 117 
CT1 H221 H N N 118 
CT1 H222 H N N 119 
CT1 H223 H N N 120 
CT1 H6   H N N 121 
CT1 H5   H N N 122 
CYS N    N N N 123 
CYS CA   C N R 124 
CYS C    C N N 125 
CYS O    O N N 126 
CYS CB   C N N 127 
CYS SG   S N N 128 
CYS OXT  O N N 129 
CYS H    H N N 130 
CYS H2   H N N 131 
CYS HA   H N N 132 
CYS HB2  H N N 133 
CYS HB3  H N N 134 
CYS HG   H N N 135 
CYS HXT  H N N 136 
GLN N    N N N 137 
GLN CA   C N S 138 
GLN C    C N N 139 
GLN O    O N N 140 
GLN CB   C N N 141 
GLN CG   C N N 142 
GLN CD   C N N 143 
GLN OE1  O N N 144 
GLN NE2  N N N 145 
GLN OXT  O N N 146 
GLN H    H N N 147 
GLN H2   H N N 148 
GLN HA   H N N 149 
GLN HB2  H N N 150 
GLN HB3  H N N 151 
GLN HG2  H N N 152 
GLN HG3  H N N 153 
GLN HE21 H N N 154 
GLN HE22 H N N 155 
GLN HXT  H N N 156 
GLU N    N N N 157 
GLU CA   C N S 158 
GLU C    C N N 159 
GLU O    O N N 160 
GLU CB   C N N 161 
GLU CG   C N N 162 
GLU CD   C N N 163 
GLU OE1  O N N 164 
GLU OE2  O N N 165 
GLU OXT  O N N 166 
GLU H    H N N 167 
GLU H2   H N N 168 
GLU HA   H N N 169 
GLU HB2  H N N 170 
GLU HB3  H N N 171 
GLU HG2  H N N 172 
GLU HG3  H N N 173 
GLU HE2  H N N 174 
GLU HXT  H N N 175 
GLY N    N N N 176 
GLY CA   C N N 177 
GLY C    C N N 178 
GLY O    O N N 179 
GLY OXT  O N N 180 
GLY H    H N N 181 
GLY H2   H N N 182 
GLY HA2  H N N 183 
GLY HA3  H N N 184 
GLY HXT  H N N 185 
HIS N    N N N 186 
HIS CA   C N S 187 
HIS C    C N N 188 
HIS O    O N N 189 
HIS CB   C N N 190 
HIS CG   C Y N 191 
HIS ND1  N Y N 192 
HIS CD2  C Y N 193 
HIS CE1  C Y N 194 
HIS NE2  N Y N 195 
HIS OXT  O N N 196 
HIS H    H N N 197 
HIS H2   H N N 198 
HIS HA   H N N 199 
HIS HB2  H N N 200 
HIS HB3  H N N 201 
HIS HD1  H N N 202 
HIS HD2  H N N 203 
HIS HE1  H N N 204 
HIS HE2  H N N 205 
HIS HXT  H N N 206 
HOH O    O N N 207 
HOH H1   H N N 208 
HOH H2   H N N 209 
ILE N    N N N 210 
ILE CA   C N S 211 
ILE C    C N N 212 
ILE O    O N N 213 
ILE CB   C N S 214 
ILE CG1  C N N 215 
ILE CG2  C N N 216 
ILE CD1  C N N 217 
ILE OXT  O N N 218 
ILE H    H N N 219 
ILE H2   H N N 220 
ILE HA   H N N 221 
ILE HB   H N N 222 
ILE HG12 H N N 223 
ILE HG13 H N N 224 
ILE HG21 H N N 225 
ILE HG22 H N N 226 
ILE HG23 H N N 227 
ILE HD11 H N N 228 
ILE HD12 H N N 229 
ILE HD13 H N N 230 
ILE HXT  H N N 231 
LEU N    N N N 232 
LEU CA   C N S 233 
LEU C    C N N 234 
LEU O    O N N 235 
LEU CB   C N N 236 
LEU CG   C N N 237 
LEU CD1  C N N 238 
LEU CD2  C N N 239 
LEU OXT  O N N 240 
LEU H    H N N 241 
LEU H2   H N N 242 
LEU HA   H N N 243 
LEU HB2  H N N 244 
LEU HB3  H N N 245 
LEU HG   H N N 246 
LEU HD11 H N N 247 
LEU HD12 H N N 248 
LEU HD13 H N N 249 
LEU HD21 H N N 250 
LEU HD22 H N N 251 
LEU HD23 H N N 252 
LEU HXT  H N N 253 
LYS N    N N N 254 
LYS CA   C N S 255 
LYS C    C N N 256 
LYS O    O N N 257 
LYS CB   C N N 258 
LYS CG   C N N 259 
LYS CD   C N N 260 
LYS CE   C N N 261 
LYS NZ   N N N 262 
LYS OXT  O N N 263 
LYS H    H N N 264 
LYS H2   H N N 265 
LYS HA   H N N 266 
LYS HB2  H N N 267 
LYS HB3  H N N 268 
LYS HG2  H N N 269 
LYS HG3  H N N 270 
LYS HD2  H N N 271 
LYS HD3  H N N 272 
LYS HE2  H N N 273 
LYS HE3  H N N 274 
LYS HZ1  H N N 275 
LYS HZ2  H N N 276 
LYS HZ3  H N N 277 
LYS HXT  H N N 278 
MET N    N N N 279 
MET CA   C N S 280 
MET C    C N N 281 
MET O    O N N 282 
MET CB   C N N 283 
MET CG   C N N 284 
MET SD   S N N 285 
MET CE   C N N 286 
MET OXT  O N N 287 
MET H    H N N 288 
MET H2   H N N 289 
MET HA   H N N 290 
MET HB2  H N N 291 
MET HB3  H N N 292 
MET HG2  H N N 293 
MET HG3  H N N 294 
MET HE1  H N N 295 
MET HE2  H N N 296 
MET HE3  H N N 297 
MET HXT  H N N 298 
PHE N    N N N 299 
PHE CA   C N S 300 
PHE C    C N N 301 
PHE O    O N N 302 
PHE CB   C N N 303 
PHE CG   C Y N 304 
PHE CD1  C Y N 305 
PHE CD2  C Y N 306 
PHE CE1  C Y N 307 
PHE CE2  C Y N 308 
PHE CZ   C Y N 309 
PHE OXT  O N N 310 
PHE H    H N N 311 
PHE H2   H N N 312 
PHE HA   H N N 313 
PHE HB2  H N N 314 
PHE HB3  H N N 315 
PHE HD1  H N N 316 
PHE HD2  H N N 317 
PHE HE1  H N N 318 
PHE HE2  H N N 319 
PHE HZ   H N N 320 
PHE HXT  H N N 321 
PRO N    N N N 322 
PRO CA   C N S 323 
PRO C    C N N 324 
PRO O    O N N 325 
PRO CB   C N N 326 
PRO CG   C N N 327 
PRO CD   C N N 328 
PRO OXT  O N N 329 
PRO H    H N N 330 
PRO HA   H N N 331 
PRO HB2  H N N 332 
PRO HB3  H N N 333 
PRO HG2  H N N 334 
PRO HG3  H N N 335 
PRO HD2  H N N 336 
PRO HD3  H N N 337 
PRO HXT  H N N 338 
SER N    N N N 339 
SER CA   C N S 340 
SER C    C N N 341 
SER O    O N N 342 
SER CB   C N N 343 
SER OG   O N N 344 
SER OXT  O N N 345 
SER H    H N N 346 
SER H2   H N N 347 
SER HA   H N N 348 
SER HB2  H N N 349 
SER HB3  H N N 350 
SER HG   H N N 351 
SER HXT  H N N 352 
THR N    N N N 353 
THR CA   C N S 354 
THR C    C N N 355 
THR O    O N N 356 
THR CB   C N R 357 
THR OG1  O N N 358 
THR CG2  C N N 359 
THR OXT  O N N 360 
THR H    H N N 361 
THR H2   H N N 362 
THR HA   H N N 363 
THR HB   H N N 364 
THR HG1  H N N 365 
THR HG21 H N N 366 
THR HG22 H N N 367 
THR HG23 H N N 368 
THR HXT  H N N 369 
TRP N    N N N 370 
TRP CA   C N S 371 
TRP C    C N N 372 
TRP O    O N N 373 
TRP CB   C N N 374 
TRP CG   C Y N 375 
TRP CD1  C Y N 376 
TRP CD2  C Y N 377 
TRP NE1  N Y N 378 
TRP CE2  C Y N 379 
TRP CE3  C Y N 380 
TRP CZ2  C Y N 381 
TRP CZ3  C Y N 382 
TRP CH2  C Y N 383 
TRP OXT  O N N 384 
TRP H    H N N 385 
TRP H2   H N N 386 
TRP HA   H N N 387 
TRP HB2  H N N 388 
TRP HB3  H N N 389 
TRP HD1  H N N 390 
TRP HE1  H N N 391 
TRP HE3  H N N 392 
TRP HZ2  H N N 393 
TRP HZ3  H N N 394 
TRP HH2  H N N 395 
TRP HXT  H N N 396 
TYR N    N N N 397 
TYR CA   C N S 398 
TYR C    C N N 399 
TYR O    O N N 400 
TYR CB   C N N 401 
TYR CG   C Y N 402 
TYR CD1  C Y N 403 
TYR CD2  C Y N 404 
TYR CE1  C Y N 405 
TYR CE2  C Y N 406 
TYR CZ   C Y N 407 
TYR OH   O N N 408 
TYR OXT  O N N 409 
TYR H    H N N 410 
TYR H2   H N N 411 
TYR HA   H N N 412 
TYR HB2  H N N 413 
TYR HB3  H N N 414 
TYR HD1  H N N 415 
TYR HD2  H N N 416 
TYR HE1  H N N 417 
TYR HE2  H N N 418 
TYR HH   H N N 419 
TYR HXT  H N N 420 
VAL N    N N N 421 
VAL CA   C N S 422 
VAL C    C N N 423 
VAL O    O N N 424 
VAL CB   C N N 425 
VAL CG1  C N N 426 
VAL CG2  C N N 427 
VAL OXT  O N N 428 
VAL H    H N N 429 
VAL H2   H N N 430 
VAL HA   H N N 431 
VAL HB   H N N 432 
VAL HG11 H N N 433 
VAL HG12 H N N 434 
VAL HG13 H N N 435 
VAL HG21 H N N 436 
VAL HG22 H N N 437 
VAL HG23 H N N 438 
VAL HXT  H N N 439 
# 
loop_
_chem_comp_bond.comp_id 
_chem_comp_bond.atom_id_1 
_chem_comp_bond.atom_id_2 
_chem_comp_bond.value_order 
_chem_comp_bond.pdbx_aromatic_flag 
_chem_comp_bond.pdbx_stereo_config 
_chem_comp_bond.pdbx_ordinal 
ALA N   CA   sing N N 1   
ALA N   H    sing N N 2   
ALA N   H2   sing N N 3   
ALA CA  C    sing N N 4   
ALA CA  CB   sing N N 5   
ALA CA  HA   sing N N 6   
ALA C   O    doub N N 7   
ALA C   OXT  sing N N 8   
ALA CB  HB1  sing N N 9   
ALA CB  HB2  sing N N 10  
ALA CB  HB3  sing N N 11  
ALA OXT HXT  sing N N 12  
ARG N   CA   sing N N 13  
ARG N   H    sing N N 14  
ARG N   H2   sing N N 15  
ARG CA  C    sing N N 16  
ARG CA  CB   sing N N 17  
ARG CA  HA   sing N N 18  
ARG C   O    doub N N 19  
ARG C   OXT  sing N N 20  
ARG CB  CG   sing N N 21  
ARG CB  HB2  sing N N 22  
ARG CB  HB3  sing N N 23  
ARG CG  CD   sing N N 24  
ARG CG  HG2  sing N N 25  
ARG CG  HG3  sing N N 26  
ARG CD  NE   sing N N 27  
ARG CD  HD2  sing N N 28  
ARG CD  HD3  sing N N 29  
ARG NE  CZ   sing N N 30  
ARG NE  HE   sing N N 31  
ARG CZ  NH1  sing N N 32  
ARG CZ  NH2  doub N N 33  
ARG NH1 HH11 sing N N 34  
ARG NH1 HH12 sing N N 35  
ARG NH2 HH21 sing N N 36  
ARG NH2 HH22 sing N N 37  
ARG OXT HXT  sing N N 38  
ASN N   CA   sing N N 39  
ASN N   H    sing N N 40  
ASN N   H2   sing N N 41  
ASN CA  C    sing N N 42  
ASN CA  CB   sing N N 43  
ASN CA  HA   sing N N 44  
ASN C   O    doub N N 45  
ASN C   OXT  sing N N 46  
ASN CB  CG   sing N N 47  
ASN CB  HB2  sing N N 48  
ASN CB  HB3  sing N N 49  
ASN CG  OD1  doub N N 50  
ASN CG  ND2  sing N N 51  
ASN ND2 HD21 sing N N 52  
ASN ND2 HD22 sing N N 53  
ASN OXT HXT  sing N N 54  
ASP N   CA   sing N N 55  
ASP N   H    sing N N 56  
ASP N   H2   sing N N 57  
ASP CA  C    sing N N 58  
ASP CA  CB   sing N N 59  
ASP CA  HA   sing N N 60  
ASP C   O    doub N N 61  
ASP C   OXT  sing N N 62  
ASP CB  CG   sing N N 63  
ASP CB  HB2  sing N N 64  
ASP CB  HB3  sing N N 65  
ASP CG  OD1  doub N N 66  
ASP CG  OD2  sing N N 67  
ASP OD2 HD2  sing N N 68  
ASP OXT HXT  sing N N 69  
CT1 C1  C2   sing N N 70  
CT1 C1  H11  sing N N 71  
CT1 C1  H12A sing N N 72  
CT1 C1  H13  sing N N 73  
CT1 C2  C3   sing N N 74  
CT1 C2  H21  sing N N 75  
CT1 C2  H22  sing N N 76  
CT1 C3  C4   sing N N 77  
CT1 C3  H31  sing N N 78  
CT1 C3  H32  sing N N 79  
CT1 C4  C5   sing N N 80  
CT1 C4  H41  sing N N 81  
CT1 C4  H42  sing N N 82  
CT1 O7  C6   doub N N 83  
CT1 N8  C9   sing N N 84  
CT1 N8  C5   sing N N 85  
CT1 N8  HN8  sing N N 86  
CT1 C9  O10  doub N N 87  
CT1 C9  O11  sing N N 88  
CT1 O11 C12  sing N N 89  
CT1 C12 C13  sing N N 90  
CT1 C12 C20  sing N N 91  
CT1 C12 H12  sing N N 92  
CT1 C13 C14  sing N N 93  
CT1 C13 H131 sing N N 94  
CT1 C13 H132 sing N N 95  
CT1 C14 C15  sing Y N 96  
CT1 C14 C19  doub Y N 97  
CT1 C15 C16  doub Y N 98  
CT1 C15 H15  sing N N 99  
CT1 C16 C17  sing Y N 100 
CT1 C16 H16  sing N N 101 
CT1 C17 C18  doub Y N 102 
CT1 C17 H17  sing N N 103 
CT1 C18 C19  sing Y N 104 
CT1 C18 H18  sing N N 105 
CT1 C19 H19  sing N N 106 
CT1 C20 C21  sing N N 107 
CT1 C20 C22  sing N N 108 
CT1 C20 H20  sing N N 109 
CT1 C21 H211 sing N N 110 
CT1 C21 H212 sing N N 111 
CT1 C21 H213 sing N N 112 
CT1 C22 H221 sing N N 113 
CT1 C22 H222 sing N N 114 
CT1 C22 H223 sing N N 115 
CT1 C6  C5   sing N N 116 
CT1 C6  H6   sing N N 117 
CT1 C5  H5   sing N N 118 
CYS N   CA   sing N N 119 
CYS N   H    sing N N 120 
CYS N   H2   sing N N 121 
CYS CA  C    sing N N 122 
CYS CA  CB   sing N N 123 
CYS CA  HA   sing N N 124 
CYS C   O    doub N N 125 
CYS C   OXT  sing N N 126 
CYS CB  SG   sing N N 127 
CYS CB  HB2  sing N N 128 
CYS CB  HB3  sing N N 129 
CYS SG  HG   sing N N 130 
CYS OXT HXT  sing N N 131 
GLN N   CA   sing N N 132 
GLN N   H    sing N N 133 
GLN N   H2   sing N N 134 
GLN CA  C    sing N N 135 
GLN CA  CB   sing N N 136 
GLN CA  HA   sing N N 137 
GLN C   O    doub N N 138 
GLN C   OXT  sing N N 139 
GLN CB  CG   sing N N 140 
GLN CB  HB2  sing N N 141 
GLN CB  HB3  sing N N 142 
GLN CG  CD   sing N N 143 
GLN CG  HG2  sing N N 144 
GLN CG  HG3  sing N N 145 
GLN CD  OE1  doub N N 146 
GLN CD  NE2  sing N N 147 
GLN NE2 HE21 sing N N 148 
GLN NE2 HE22 sing N N 149 
GLN OXT HXT  sing N N 150 
GLU N   CA   sing N N 151 
GLU N   H    sing N N 152 
GLU N   H2   sing N N 153 
GLU CA  C    sing N N 154 
GLU CA  CB   sing N N 155 
GLU CA  HA   sing N N 156 
GLU C   O    doub N N 157 
GLU C   OXT  sing N N 158 
GLU CB  CG   sing N N 159 
GLU CB  HB2  sing N N 160 
GLU CB  HB3  sing N N 161 
GLU CG  CD   sing N N 162 
GLU CG  HG2  sing N N 163 
GLU CG  HG3  sing N N 164 
GLU CD  OE1  doub N N 165 
GLU CD  OE2  sing N N 166 
GLU OE2 HE2  sing N N 167 
GLU OXT HXT  sing N N 168 
GLY N   CA   sing N N 169 
GLY N   H    sing N N 170 
GLY N   H2   sing N N 171 
GLY CA  C    sing N N 172 
GLY CA  HA2  sing N N 173 
GLY CA  HA3  sing N N 174 
GLY C   O    doub N N 175 
GLY C   OXT  sing N N 176 
GLY OXT HXT  sing N N 177 
HIS N   CA   sing N N 178 
HIS N   H    sing N N 179 
HIS N   H2   sing N N 180 
HIS CA  C    sing N N 181 
HIS CA  CB   sing N N 182 
HIS CA  HA   sing N N 183 
HIS C   O    doub N N 184 
HIS C   OXT  sing N N 185 
HIS CB  CG   sing N N 186 
HIS CB  HB2  sing N N 187 
HIS CB  HB3  sing N N 188 
HIS CG  ND1  sing Y N 189 
HIS CG  CD2  doub Y N 190 
HIS ND1 CE1  doub Y N 191 
HIS ND1 HD1  sing N N 192 
HIS CD2 NE2  sing Y N 193 
HIS CD2 HD2  sing N N 194 
HIS CE1 NE2  sing Y N 195 
HIS CE1 HE1  sing N N 196 
HIS NE2 HE2  sing N N 197 
HIS OXT HXT  sing N N 198 
HOH O   H1   sing N N 199 
HOH O   H2   sing N N 200 
ILE N   CA   sing N N 201 
ILE N   H    sing N N 202 
ILE N   H2   sing N N 203 
ILE CA  C    sing N N 204 
ILE CA  CB   sing N N 205 
ILE CA  HA   sing N N 206 
ILE C   O    doub N N 207 
ILE C   OXT  sing N N 208 
ILE CB  CG1  sing N N 209 
ILE CB  CG2  sing N N 210 
ILE CB  HB   sing N N 211 
ILE CG1 CD1  sing N N 212 
ILE CG1 HG12 sing N N 213 
ILE CG1 HG13 sing N N 214 
ILE CG2 HG21 sing N N 215 
ILE CG2 HG22 sing N N 216 
ILE CG2 HG23 sing N N 217 
ILE CD1 HD11 sing N N 218 
ILE CD1 HD12 sing N N 219 
ILE CD1 HD13 sing N N 220 
ILE OXT HXT  sing N N 221 
LEU N   CA   sing N N 222 
LEU N   H    sing N N 223 
LEU N   H2   sing N N 224 
LEU CA  C    sing N N 225 
LEU CA  CB   sing N N 226 
LEU CA  HA   sing N N 227 
LEU C   O    doub N N 228 
LEU C   OXT  sing N N 229 
LEU CB  CG   sing N N 230 
LEU CB  HB2  sing N N 231 
LEU CB  HB3  sing N N 232 
LEU CG  CD1  sing N N 233 
LEU CG  CD2  sing N N 234 
LEU CG  HG   sing N N 235 
LEU CD1 HD11 sing N N 236 
LEU CD1 HD12 sing N N 237 
LEU CD1 HD13 sing N N 238 
LEU CD2 HD21 sing N N 239 
LEU CD2 HD22 sing N N 240 
LEU CD2 HD23 sing N N 241 
LEU OXT HXT  sing N N 242 
LYS N   CA   sing N N 243 
LYS N   H    sing N N 244 
LYS N   H2   sing N N 245 
LYS CA  C    sing N N 246 
LYS CA  CB   sing N N 247 
LYS CA  HA   sing N N 248 
LYS C   O    doub N N 249 
LYS C   OXT  sing N N 250 
LYS CB  CG   sing N N 251 
LYS CB  HB2  sing N N 252 
LYS CB  HB3  sing N N 253 
LYS CG  CD   sing N N 254 
LYS CG  HG2  sing N N 255 
LYS CG  HG3  sing N N 256 
LYS CD  CE   sing N N 257 
LYS CD  HD2  sing N N 258 
LYS CD  HD3  sing N N 259 
LYS CE  NZ   sing N N 260 
LYS CE  HE2  sing N N 261 
LYS CE  HE3  sing N N 262 
LYS NZ  HZ1  sing N N 263 
LYS NZ  HZ2  sing N N 264 
LYS NZ  HZ3  sing N N 265 
LYS OXT HXT  sing N N 266 
MET N   CA   sing N N 267 
MET N   H    sing N N 268 
MET N   H2   sing N N 269 
MET CA  C    sing N N 270 
MET CA  CB   sing N N 271 
MET CA  HA   sing N N 272 
MET C   O    doub N N 273 
MET C   OXT  sing N N 274 
MET CB  CG   sing N N 275 
MET CB  HB2  sing N N 276 
MET CB  HB3  sing N N 277 
MET CG  SD   sing N N 278 
MET CG  HG2  sing N N 279 
MET CG  HG3  sing N N 280 
MET SD  CE   sing N N 281 
MET CE  HE1  sing N N 282 
MET CE  HE2  sing N N 283 
MET CE  HE3  sing N N 284 
MET OXT HXT  sing N N 285 
PHE N   CA   sing N N 286 
PHE N   H    sing N N 287 
PHE N   H2   sing N N 288 
PHE CA  C    sing N N 289 
PHE CA  CB   sing N N 290 
PHE CA  HA   sing N N 291 
PHE C   O    doub N N 292 
PHE C   OXT  sing N N 293 
PHE CB  CG   sing N N 294 
PHE CB  HB2  sing N N 295 
PHE CB  HB3  sing N N 296 
PHE CG  CD1  doub Y N 297 
PHE CG  CD2  sing Y N 298 
PHE CD1 CE1  sing Y N 299 
PHE CD1 HD1  sing N N 300 
PHE CD2 CE2  doub Y N 301 
PHE CD2 HD2  sing N N 302 
PHE CE1 CZ   doub Y N 303 
PHE CE1 HE1  sing N N 304 
PHE CE2 CZ   sing Y N 305 
PHE CE2 HE2  sing N N 306 
PHE CZ  HZ   sing N N 307 
PHE OXT HXT  sing N N 308 
PRO N   CA   sing N N 309 
PRO N   CD   sing N N 310 
PRO N   H    sing N N 311 
PRO CA  C    sing N N 312 
PRO CA  CB   sing N N 313 
PRO CA  HA   sing N N 314 
PRO C   O    doub N N 315 
PRO C   OXT  sing N N 316 
PRO CB  CG   sing N N 317 
PRO CB  HB2  sing N N 318 
PRO CB  HB3  sing N N 319 
PRO CG  CD   sing N N 320 
PRO CG  HG2  sing N N 321 
PRO CG  HG3  sing N N 322 
PRO CD  HD2  sing N N 323 
PRO CD  HD3  sing N N 324 
PRO OXT HXT  sing N N 325 
SER N   CA   sing N N 326 
SER N   H    sing N N 327 
SER N   H2   sing N N 328 
SER CA  C    sing N N 329 
SER CA  CB   sing N N 330 
SER CA  HA   sing N N 331 
SER C   O    doub N N 332 
SER C   OXT  sing N N 333 
SER CB  OG   sing N N 334 
SER CB  HB2  sing N N 335 
SER CB  HB3  sing N N 336 
SER OG  HG   sing N N 337 
SER OXT HXT  sing N N 338 
THR N   CA   sing N N 339 
THR N   H    sing N N 340 
THR N   H2   sing N N 341 
THR CA  C    sing N N 342 
THR CA  CB   sing N N 343 
THR CA  HA   sing N N 344 
THR C   O    doub N N 345 
THR C   OXT  sing N N 346 
THR CB  OG1  sing N N 347 
THR CB  CG2  sing N N 348 
THR CB  HB   sing N N 349 
THR OG1 HG1  sing N N 350 
THR CG2 HG21 sing N N 351 
THR CG2 HG22 sing N N 352 
THR CG2 HG23 sing N N 353 
THR OXT HXT  sing N N 354 
TRP N   CA   sing N N 355 
TRP N   H    sing N N 356 
TRP N   H2   sing N N 357 
TRP CA  C    sing N N 358 
TRP CA  CB   sing N N 359 
TRP CA  HA   sing N N 360 
TRP C   O    doub N N 361 
TRP C   OXT  sing N N 362 
TRP CB  CG   sing N N 363 
TRP CB  HB2  sing N N 364 
TRP CB  HB3  sing N N 365 
TRP CG  CD1  doub Y N 366 
TRP CG  CD2  sing Y N 367 
TRP CD1 NE1  sing Y N 368 
TRP CD1 HD1  sing N N 369 
TRP CD2 CE2  doub Y N 370 
TRP CD2 CE3  sing Y N 371 
TRP NE1 CE2  sing Y N 372 
TRP NE1 HE1  sing N N 373 
TRP CE2 CZ2  sing Y N 374 
TRP CE3 CZ3  doub Y N 375 
TRP CE3 HE3  sing N N 376 
TRP CZ2 CH2  doub Y N 377 
TRP CZ2 HZ2  sing N N 378 
TRP CZ3 CH2  sing Y N 379 
TRP CZ3 HZ3  sing N N 380 
TRP CH2 HH2  sing N N 381 
TRP OXT HXT  sing N N 382 
TYR N   CA   sing N N 383 
TYR N   H    sing N N 384 
TYR N   H2   sing N N 385 
TYR CA  C    sing N N 386 
TYR CA  CB   sing N N 387 
TYR CA  HA   sing N N 388 
TYR C   O    doub N N 389 
TYR C   OXT  sing N N 390 
TYR CB  CG   sing N N 391 
TYR CB  HB2  sing N N 392 
TYR CB  HB3  sing N N 393 
TYR CG  CD1  doub Y N 394 
TYR CG  CD2  sing Y N 395 
TYR CD1 CE1  sing Y N 396 
TYR CD1 HD1  sing N N 397 
TYR CD2 CE2  doub Y N 398 
TYR CD2 HD2  sing N N 399 
TYR CE1 CZ   doub Y N 400 
TYR CE1 HE1  sing N N 401 
TYR CE2 CZ   sing Y N 402 
TYR CE2 HE2  sing N N 403 
TYR CZ  OH   sing N N 404 
TYR OH  HH   sing N N 405 
TYR OXT HXT  sing N N 406 
VAL N   CA   sing N N 407 
VAL N   H    sing N N 408 
VAL N   H2   sing N N 409 
VAL CA  C    sing N N 410 
VAL CA  CB   sing N N 411 
VAL CA  HA   sing N N 412 
VAL C   O    doub N N 413 
VAL C   OXT  sing N N 414 
VAL CB  CG1  sing N N 415 
VAL CB  CG2  sing N N 416 
VAL CB  HB   sing N N 417 
VAL CG1 HG11 sing N N 418 
VAL CG1 HG12 sing N N 419 
VAL CG1 HG13 sing N N 420 
VAL CG2 HG21 sing N N 421 
VAL CG2 HG22 sing N N 422 
VAL CG2 HG23 sing N N 423 
VAL OXT HXT  sing N N 424 
# 
_pdbx_initial_refinement_model.id               1 
_pdbx_initial_refinement_model.entity_id_list   ? 
_pdbx_initial_refinement_model.type             'experimental model' 
_pdbx_initial_refinement_model.source_name      PDB 
_pdbx_initial_refinement_model.accession_code   1ATK 
_pdbx_initial_refinement_model.details          'PDB entry 1ATK' 
# 
_atom_sites.entry_id                    2AUX 
_atom_sites.fract_transf_matrix[1][1]   0.00652922 
_atom_sites.fract_transf_matrix[1][2]   -0.00789364 
_atom_sites.fract_transf_matrix[1][3]   0.01266457 
_atom_sites.fract_transf_matrix[2][1]   -0.00535177 
_atom_sites.fract_transf_matrix[2][2]   0.01166562 
_atom_sites.fract_transf_matrix[2][3]   0.01003012 
_atom_sites.fract_transf_matrix[3][1]   -0.00776446 
_atom_sites.fract_transf_matrix[3][2]   -0.00456006 
_atom_sites.fract_transf_matrix[3][3]   0.00116074 
_atom_sites.fract_transf_vector[1]      0.329257 
_atom_sites.fract_transf_vector[2]      1.162938 
_atom_sites.fract_transf_vector[3]      0.750269 
# 
loop_
_atom_type.symbol 
C 
N 
O 
S 
# 
loop_
_atom_site.group_PDB 
_atom_site.id 
_atom_site.type_symbol 
_atom_site.label_atom_id 
_atom_site.label_alt_id 
_atom_site.label_comp_id 
_atom_site.label_asym_id 
_atom_site.label_entity_id 
_atom_site.label_seq_id 
_atom_site.pdbx_PDB_ins_code 
_atom_site.Cartn_x 
_atom_site.Cartn_y 
_atom_site.Cartn_z 
_atom_site.occupancy 
_atom_site.B_iso_or_equiv 
_atom_site.pdbx_formal_charge 
_atom_site.auth_seq_id 
_atom_site.auth_comp_id 
_atom_site.auth_asym_id 
_atom_site.auth_atom_id 
_atom_site.pdbx_PDB_model_num 
ATOM   1    N N   . ASP A 1 3   ? -1.403  12.432  19.223  1.00 32.47 ? 3   ASP A N   1 
ATOM   2    C CA  . ASP A 1 3   ? -2.153  11.438  18.402  1.00 31.08 ? 3   ASP A CA  1 
ATOM   3    C C   . ASP A 1 3   ? -1.240  10.739  17.390  1.00 30.08 ? 3   ASP A C   1 
ATOM   4    O O   . ASP A 1 3   ? -0.540  11.371  16.591  1.00 27.59 ? 3   ASP A O   1 
ATOM   5    C CB  . ASP A 1 3   ? -3.323  12.121  17.688  1.00 32.27 ? 3   ASP A CB  1 
ATOM   6    C CG  . ASP A 1 3   ? -4.129  11.096  16.912  1.00 34.65 ? 3   ASP A CG  1 
ATOM   7    O OD1 . ASP A 1 3   ? -3.587  10.590  15.916  1.00 37.59 ? 3   ASP A OD1 1 
ATOM   8    O OD2 . ASP A 1 3   ? -5.294  10.795  17.286  1.00 34.16 ? 3   ASP A OD2 1 
ATOM   9    N N   . SER A 1 4   ? -1.255  9.416   17.458  1.00 28.48 ? 4   SER A N   1 
ATOM   10   C CA  . SER A 1 4   ? -0.459  8.567   16.596  1.00 27.39 ? 4   SER A CA  1 
ATOM   11   C C   . SER A 1 4   ? -1.114  7.197   16.579  1.00 27.00 ? 4   SER A C   1 
ATOM   12   O O   . SER A 1 4   ? -1.786  6.813   17.536  1.00 27.32 ? 4   SER A O   1 
ATOM   13   C CB  . SER A 1 4   ? 0.964   8.452   17.147  1.00 28.44 ? 4   SER A CB  1 
ATOM   14   O OG  . SER A 1 4   ? 0.915   7.982   18.485  1.00 26.95 ? 4   SER A OG  1 
ATOM   15   N N   . VAL A 1 5   ? -0.943  6.464   15.486  1.00 27.08 ? 5   VAL A N   1 
ATOM   16   C CA  . VAL A 1 5   ? -1.511  5.126   15.395  1.00 26.47 ? 5   VAL A CA  1 
ATOM   17   C C   . VAL A 1 5   ? -0.506  4.200   14.739  1.00 24.75 ? 5   VAL A C   1 
ATOM   18   O O   . VAL A 1 5   ? 0.273   4.619   13.893  1.00 25.96 ? 5   VAL A O   1 
ATOM   19   C CB  . VAL A 1 5   ? -2.816  5.109   14.572  1.00 25.77 ? 5   VAL A CB  1 
ATOM   20   C CG1 . VAL A 1 5   ? -2.548  5.595   13.173  1.00 28.43 ? 5   VAL A CG1 1 
ATOM   21   C CG2 . VAL A 1 5   ? -3.388  3.699   14.530  1.00 28.12 ? 5   VAL A CG2 1 
ATOM   22   N N   . ASP A 1 6   ? -0.506  2.943   15.157  1.00 25.08 ? 6   ASP A N   1 
ATOM   23   C CA  . ASP A 1 6   ? 0.394   1.954   14.588  1.00 24.41 ? 6   ASP A CA  1 
ATOM   24   C C   . ASP A 1 6   ? -0.394  0.668   14.456  1.00 23.50 ? 6   ASP A C   1 
ATOM   25   O O   . ASP A 1 6   ? -0.486  -0.099  15.413  1.00 24.15 ? 6   ASP A O   1 
ATOM   26   C CB  . ASP A 1 6   ? 1.598   1.715   15.501  1.00 24.47 ? 6   ASP A CB  1 
ATOM   27   C CG  . ASP A 1 6   ? 2.645   0.920   14.738  1.00 26.29 ? 6   ASP A CG  1 
ATOM   28   O OD1 . ASP A 1 6   ? 2.275   0.232   13.762  1.00 26.09 ? 6   ASP A OD1 1 
ATOM   29   O OD2 . ASP A 1 6   ? 3.840   0.969   15.117  1.00 28.60 ? 6   ASP A OD2 1 
ATOM   30   N N   . TYR A 1 7   ? -0.967  0.442   13.275  1.00 22.37 ? 7   TYR A N   1 
ATOM   31   C CA  . TYR A 1 7   ? -1.758  -0.758  13.017  1.00 21.75 ? 7   TYR A CA  1 
ATOM   32   C C   . TYR A 1 7   ? -0.973  -2.053  13.166  1.00 21.59 ? 7   TYR A C   1 
ATOM   33   O O   . TYR A 1 7   ? -1.558  -3.123  13.316  1.00 21.51 ? 7   TYR A O   1 
ATOM   34   C CB  . TYR A 1 7   ? -2.392  -0.682  11.631  1.00 20.40 ? 7   TYR A CB  1 
ATOM   35   C CG  . TYR A 1 7   ? -3.537  0.304   11.701  1.00 18.95 ? 7   TYR A CG  1 
ATOM   36   C CD1 . TYR A 1 7   ? -4.638  0.056   12.512  1.00 16.89 ? 7   TYR A CD1 1 
ATOM   37   C CD2 . TYR A 1 7   ? -3.505  1.492   10.981  1.00 16.05 ? 7   TYR A CD2 1 
ATOM   38   C CE1 . TYR A 1 7   ? -5.678  0.965   12.605  1.00 16.71 ? 7   TYR A CE1 1 
ATOM   39   C CE2 . TYR A 1 7   ? -4.536  2.405   11.066  1.00 16.14 ? 7   TYR A CE2 1 
ATOM   40   C CZ  . TYR A 1 7   ? -5.625  2.139   11.878  1.00 17.66 ? 7   TYR A CZ  1 
ATOM   41   O OH  . TYR A 1 7   ? -6.673  3.038   11.946  1.00 15.55 ? 7   TYR A OH  1 
ATOM   42   N N   . ARG A 1 8   ? 0.352   -1.963  13.131  1.00 22.30 ? 8   ARG A N   1 
ATOM   43   C CA  . ARG A 1 8   ? 1.170   -3.155  13.305  1.00 22.53 ? 8   ARG A CA  1 
ATOM   44   C C   . ARG A 1 8   ? 0.910   -3.686  14.710  1.00 23.86 ? 8   ARG A C   1 
ATOM   45   O O   . ARG A 1 8   ? 0.893   -4.896  14.939  1.00 25.33 ? 8   ARG A O   1 
ATOM   46   C CB  . ARG A 1 8   ? 2.654   -2.818  13.163  1.00 21.32 ? 8   ARG A CB  1 
ATOM   47   C CG  . ARG A 1 8   ? 2.972   -2.526  11.712  1.00 22.03 ? 8   ARG A CG  1 
ATOM   48   C CD  . ARG A 1 8   ? 4.443   -2.179  11.578  1.00 20.79 ? 8   ARG A CD  1 
ATOM   49   N NE  . ARG A 1 8   ? 4.728   -0.986  12.366  1.00 20.28 ? 8   ARG A NE  1 
ATOM   50   C CZ  . ARG A 1 8   ? 5.908   -0.379  12.391  1.00 19.19 ? 8   ARG A CZ  1 
ATOM   51   N NH1 . ARG A 1 8   ? 6.910   -0.861  11.664  1.00 20.12 ? 8   ARG A NH1 1 
ATOM   52   N NH2 . ARG A 1 8   ? 6.086   0.698   13.144  1.00 14.78 ? 8   ARG A NH2 1 
ATOM   53   N N   . LYS A 1 9   ? 0.697   -2.763  15.644  1.00 24.23 ? 9   LYS A N   1 
ATOM   54   C CA  . LYS A 1 9   ? 0.451   -3.103  17.041  1.00 24.95 ? 9   LYS A CA  1 
ATOM   55   C C   . LYS A 1 9   ? -0.929  -3.705  17.287  1.00 24.76 ? 9   LYS A C   1 
ATOM   56   O O   . LYS A 1 9   ? -1.178  -4.293  18.340  1.00 22.69 ? 9   LYS A O   1 
ATOM   57   C CB  . LYS A 1 9   ? 0.625   -1.856  17.914  1.00 26.99 ? 9   LYS A CB  1 
ATOM   58   C CG  . LYS A 1 9   ? 2.096   -1.451  17.957  1.00 30.61 ? 9   LYS A CG  1 
ATOM   59   C CD  . LYS A 1 9   ? 2.252   -0.207  18.825  1.00 32.32 ? 9   LYS A CD  1 
ATOM   60   C CE  . LYS A 1 9   ? 3.716   0.183   18.903  1.00 34.45 ? 9   LYS A CE  1 
ATOM   61   N NZ  . LYS A 1 9   ? 3.841   1.467   19.654  1.00 37.60 ? 9   LYS A NZ  1 
ATOM   62   N N   . LYS A 1 10  ? -1.821  -3.560  16.312  1.00 23.87 ? 10  LYS A N   1 
ATOM   63   C CA  . LYS A 1 10  ? -3.168  -4.089  16.444  1.00 22.21 ? 10  LYS A CA  1 
ATOM   64   C C   . LYS A 1 10  ? -3.352  -5.350  15.614  1.00 21.30 ? 10  LYS A C   1 
ATOM   65   O O   . LYS A 1 10  ? -4.434  -5.938  15.598  1.00 22.60 ? 10  LYS A O   1 
ATOM   66   C CB  . LYS A 1 10  ? -4.176  -3.026  16.017  1.00 24.49 ? 10  LYS A CB  1 
ATOM   67   C CG  . LYS A 1 10  ? -3.876  -1.745  16.788  1.00 27.17 ? 10  LYS A CG  1 
ATOM   68   C CD  . LYS A 1 10  ? -4.837  -0.647  16.374  1.00 30.60 ? 10  LYS A CD  1 
ATOM   69   C CE  . LYS A 1 10  ? -6.264  -1.071  16.685  1.00 32.41 ? 10  LYS A CE  1 
ATOM   70   N NZ  . LYS A 1 10  ? -7.181  0.091   16.473  1.00 34.19 ? 10  LYS A NZ  1 
ATOM   71   N N   . GLY A 1 11  ? -2.294  -5.767  14.927  1.00 18.82 ? 11  GLY A N   1 
ATOM   72   C CA  . GLY A 1 11  ? -2.376  -6.961  14.109  1.00 16.24 ? 11  GLY A CA  1 
ATOM   73   C C   . GLY A 1 11  ? -3.142  -6.782  12.810  1.00 15.82 ? 11  GLY A C   1 
ATOM   74   O O   . GLY A 1 11  ? -3.768  -7.725  12.326  1.00 13.58 ? 11  GLY A O   1 
ATOM   75   N N   . TYR A 1 12  ? -3.096  -5.573  12.247  1.00 15.18 ? 12  TYR A N   1 
ATOM   76   C CA  . TYR A 1 12  ? -3.771  -5.276  10.979  1.00 16.74 ? 12  TYR A CA  1 
ATOM   77   C C   . TYR A 1 12  ? -2.820  -5.416  9.787   1.00 15.84 ? 12  TYR A C   1 
ATOM   78   O O   . TYR A 1 12  ? -3.237  -5.263  8.641   1.00 14.22 ? 12  TYR A O   1 
ATOM   79   C CB  . TYR A 1 12  ? -4.306  -3.835  10.953  1.00 18.82 ? 12  TYR A CB  1 
ATOM   80   C CG  . TYR A 1 12  ? -5.640  -3.640  11.652  1.00 19.36 ? 12  TYR A CG  1 
ATOM   81   C CD1 . TYR A 1 12  ? -6.570  -2.744  11.136  1.00 21.80 ? 12  TYR A CD1 1 
ATOM   82   C CD2 . TYR A 1 12  ? -5.943  -4.278  12.850  1.00 20.78 ? 12  TYR A CD2 1 
ATOM   83   C CE1 . TYR A 1 12  ? -7.760  -2.477  11.785  1.00 21.92 ? 12  TYR A CE1 1 
ATOM   84   C CE2 . TYR A 1 12  ? -7.143  -4.014  13.516  1.00 19.48 ? 12  TYR A CE2 1 
ATOM   85   C CZ  . TYR A 1 12  ? -8.043  -3.110  12.974  1.00 21.26 ? 12  TYR A CZ  1 
ATOM   86   O OH  . TYR A 1 12  ? -9.223  -2.807  13.616  1.00 22.55 ? 12  TYR A OH  1 
ATOM   87   N N   . VAL A 1 13  ? -1.546  -5.701  10.047  1.00 16.21 ? 13  VAL A N   1 
ATOM   88   C CA  . VAL A 1 13  ? -0.573  -5.797  8.963   1.00 14.19 ? 13  VAL A CA  1 
ATOM   89   C C   . VAL A 1 13  ? 0.169   -7.127  8.842   1.00 15.39 ? 13  VAL A C   1 
ATOM   90   O O   . VAL A 1 13  ? 0.725   -7.652  9.808   1.00 14.01 ? 13  VAL A O   1 
ATOM   91   C CB  . VAL A 1 13  ? 0.461   -4.654  9.079   1.00 13.56 ? 13  VAL A CB  1 
ATOM   92   C CG1 . VAL A 1 13  ? 1.286   -4.550  7.812   1.00 10.51 ? 13  VAL A CG1 1 
ATOM   93   C CG2 . VAL A 1 13  ? -0.261  -3.349  9.358   1.00 13.51 ? 13  VAL A CG2 1 
ATOM   94   N N   . THR A 1 14  ? 0.172   -7.662  7.627   1.00 15.47 ? 14  THR A N   1 
ATOM   95   C CA  . THR A 1 14  ? 0.834   -8.918  7.348   1.00 17.53 ? 14  THR A CA  1 
ATOM   96   C C   . THR A 1 14  ? 2.324   -8.651  7.191   1.00 17.37 ? 14  THR A C   1 
ATOM   97   O O   . THR A 1 14  ? 2.757   -7.502  7.166   1.00 17.87 ? 14  THR A O   1 
ATOM   98   C CB  . THR A 1 14  ? 0.288   -9.539  6.061   1.00 19.83 ? 14  THR A CB  1 
ATOM   99   O OG1 . THR A 1 14  ? 0.587   -8.681  4.953   1.00 21.67 ? 14  THR A OG1 1 
ATOM   100  C CG2 . THR A 1 14  ? -1.228  -9.710  6.164   1.00 20.19 ? 14  THR A CG2 1 
ATOM   101  N N   . PRO A 1 15  ? 3.132   -9.713  7.109   1.00 16.90 ? 15  PRO A N   1 
ATOM   102  C CA  . PRO A 1 15  ? 4.574   -9.520  6.954   1.00 17.78 ? 15  PRO A CA  1 
ATOM   103  C C   . PRO A 1 15  ? 4.920   -8.806  5.656   1.00 18.91 ? 15  PRO A C   1 
ATOM   104  O O   . PRO A 1 15  ? 4.131   -8.794  4.709   1.00 20.58 ? 15  PRO A O   1 
ATOM   105  C CB  . PRO A 1 15  ? 5.103   -10.944 6.990   1.00 15.92 ? 15  PRO A CB  1 
ATOM   106  C CG  . PRO A 1 15  ? 4.138   -11.708 7.815   1.00 14.81 ? 15  PRO A CG  1 
ATOM   107  C CD  . PRO A 1 15  ? 2.808   -11.132 7.358   1.00 16.13 ? 15  PRO A CD  1 
ATOM   108  N N   . VAL A 1 16  ? 6.106   -8.213  5.623   1.00 18.87 ? 16  VAL A N   1 
ATOM   109  C CA  . VAL A 1 16  ? 6.586   -7.505  4.449   1.00 19.04 ? 16  VAL A CA  1 
ATOM   110  C C   . VAL A 1 16  ? 6.830   -8.481  3.299   1.00 21.04 ? 16  VAL A C   1 
ATOM   111  O O   . VAL A 1 16  ? 7.440   -9.538  3.489   1.00 21.20 ? 16  VAL A O   1 
ATOM   112  C CB  . VAL A 1 16  ? 7.893   -6.755  4.777   1.00 18.69 ? 16  VAL A CB  1 
ATOM   113  C CG1 . VAL A 1 16  ? 8.504   -6.167  3.504   1.00 16.11 ? 16  VAL A CG1 1 
ATOM   114  C CG2 . VAL A 1 16  ? 7.601   -5.657  5.800   1.00 16.14 ? 16  VAL A CG2 1 
ATOM   115  N N   . LYS A 1 17  ? 6.349   -8.126  2.109   1.00 20.84 ? 17  LYS A N   1 
ATOM   116  C CA  . LYS A 1 17  ? 6.521   -8.974  0.928   1.00 20.82 ? 17  LYS A CA  1 
ATOM   117  C C   . LYS A 1 17  ? 7.635   -8.411  0.049   1.00 21.22 ? 17  LYS A C   1 
ATOM   118  O O   . LYS A 1 17  ? 8.137   -7.319  0.310   1.00 22.94 ? 17  LYS A O   1 
ATOM   119  C CB  . LYS A 1 17  ? 5.223   -9.023  0.114   1.00 19.76 ? 17  LYS A CB  1 
ATOM   120  C CG  . LYS A 1 17  ? 4.047   -9.420  0.994   1.00 18.73 ? 17  LYS A CG  1 
ATOM   121  C CD  . LYS A 1 17  ? 4.317   -10.773 1.630   1.00 17.92 ? 17  LYS A CD  1 
ATOM   122  C CE  . LYS A 1 17  ? 3.012   -11.357 2.155   1.00 19.38 ? 17  LYS A CE  1 
ATOM   123  N NZ  . LYS A 1 17  ? 2.312   -10.349 3.007   1.00 20.80 ? 17  LYS A NZ  1 
ATOM   124  N N   . ASN A 1 18  ? 8.014   -9.156  -0.989  1.00 20.86 ? 18  ASN A N   1 
ATOM   125  C CA  . ASN A 1 18  ? 9.050   -8.718  -1.931  1.00 19.98 ? 18  ASN A CA  1 
ATOM   126  C C   . ASN A 1 18  ? 8.518   -8.890  -3.365  1.00 20.26 ? 18  ASN A C   1 
ATOM   127  O O   . ASN A 1 18  ? 8.215   -10.003 -3.798  1.00 18.61 ? 18  ASN A O   1 
ATOM   128  C CB  . ASN A 1 18  ? 10.332  -9.548  -1.755  1.00 21.10 ? 18  ASN A CB  1 
ATOM   129  C CG  . ASN A 1 18  ? 11.508  -8.912  -2.518  1.00 21.15 ? 18  ASN A CG  1 
ATOM   130  O OD1 . ASN A 1 18  ? 11.389  -8.551  -3.692  1.00 19.27 ? 18  ASN A OD1 1 
ATOM   131  N ND2 . ASN A 1 18  ? 12.653  -8.788  -1.845  1.00 20.49 ? 18  ASN A ND2 1 
ATOM   132  N N   . GLN A 1 19  ? 8.411   -7.779  -4.088  1.00 19.32 ? 19  GLN A N   1 
ATOM   133  C CA  . GLN A 1 19  ? 7.922   -7.774  -5.464  1.00 19.01 ? 19  GLN A CA  1 
ATOM   134  C C   . GLN A 1 19  ? 8.731   -8.682  -6.387  1.00 17.70 ? 19  GLN A C   1 
ATOM   135  O O   . GLN A 1 19  ? 8.256   -9.081  -7.442  1.00 17.57 ? 19  GLN A O   1 
ATOM   136  C CB  . GLN A 1 19  ? 7.971   -6.348  -6.036  1.00 19.31 ? 19  GLN A CB  1 
ATOM   137  C CG  . GLN A 1 19  ? 7.197   -5.398  -5.148  1.00 21.29 ? 19  GLN A CG  1 
ATOM   138  C CD  . GLN A 1 19  ? 7.417   -3.952  -5.597  1.00 22.26 ? 19  GLN A CD  1 
ATOM   139  O OE1 . GLN A 1 19  ? 7.034   -3.017  -4.900  1.00 22.76 ? 19  GLN A OE1 1 
ATOM   140  N NE2 . GLN A 1 19  ? 8.023   -3.769  -6.760  1.00 21.77 ? 19  GLN A NE2 1 
ATOM   141  N N   . GLY A 1 20  ? 9.953   -9.014  -6.000  1.00 18.66 ? 20  GLY A N   1 
ATOM   142  C CA  . GLY A 1 20  ? 10.767  -9.831  -6.880  1.00 19.88 ? 20  GLY A CA  1 
ATOM   143  C C   . GLY A 1 20  ? 11.135  -8.941  -8.056  1.00 22.61 ? 20  GLY A C   1 
ATOM   144  O O   . GLY A 1 20  ? 11.237  -7.725  -7.891  1.00 21.14 ? 20  GLY A O   1 
ATOM   145  N N   . GLN A 1 21  ? 11.329  -9.513  -9.241  1.00 23.75 ? 21  GLN A N   1 
ATOM   146  C CA  . GLN A 1 21  ? 11.681  -8.693  -10.399 1.00 26.35 ? 21  GLN A CA  1 
ATOM   147  C C   . GLN A 1 21  ? 10.418  -8.367  -11.177 1.00 24.68 ? 21  GLN A C   1 
ATOM   148  O O   . GLN A 1 21  ? 10.250  -8.794  -12.315 1.00 25.38 ? 21  GLN A O   1 
ATOM   149  C CB  . GLN A 1 21  ? 12.684  -9.422  -11.299 1.00 28.52 ? 21  GLN A CB  1 
ATOM   150  C CG  . GLN A 1 21  ? 13.993  -9.640  -10.538 1.00 30.88 ? 21  GLN A CG  1 
ATOM   151  C CD  . GLN A 1 21  ? 13.773  -10.662 -9.436  1.00 36.42 ? 21  GLN A CD  1 
ATOM   152  O OE1 . GLN A 1 21  ? 13.261  -11.756 -9.687  1.00 39.11 ? 21  GLN A OE1 1 
ATOM   153  N NE2 . GLN A 1 21  ? 14.154  -10.313 -8.209  1.00 36.94 ? 21  GLN A NE2 1 
ATOM   154  N N   . CYS A 1 22  ? 9.548   -7.582  -10.546 1.00 24.42 ? 22  CYS A N   1 
ATOM   155  C CA  . CYS A 1 22  ? 8.259   -7.184  -11.106 1.00 22.69 ? 22  CYS A CA  1 
ATOM   156  C C   . CYS A 1 22  ? 7.840   -5.828  -10.515 1.00 22.74 ? 22  CYS A C   1 
ATOM   157  O O   . CYS A 1 22  ? 7.880   -5.636  -9.297  1.00 22.22 ? 22  CYS A O   1 
ATOM   158  C CB  . CYS A 1 22  ? 7.231   -8.271  -10.747 1.00 22.03 ? 22  CYS A CB  1 
ATOM   159  S SG  . CYS A 1 22  ? 5.527   -7.829  -11.232 1.00 22.09 ? 22  CYS A SG  1 
ATOM   160  N N   . GLY A 1 23  ? 7.449   -4.891  -11.376 1.00 22.44 ? 23  GLY A N   1 
ATOM   161  C CA  . GLY A 1 23  ? 7.020   -3.581  -10.912 1.00 21.44 ? 23  GLY A CA  1 
ATOM   162  C C   . GLY A 1 23  ? 5.566   -3.590  -10.462 1.00 22.12 ? 23  GLY A C   1 
ATOM   163  O O   . GLY A 1 23  ? 4.733   -2.827  -10.969 1.00 19.94 ? 23  GLY A O   1 
ATOM   164  N N   . SER A 1 24  ? 5.268   -4.449  -9.487  1.00 21.41 ? 24  SER A N   1 
ATOM   165  C CA  . SER A 1 24  ? 3.911   -4.608  -8.965  1.00 19.71 ? 24  SER A CA  1 
ATOM   166  C C   . SER A 1 24  ? 3.628   -3.865  -7.659  1.00 18.69 ? 24  SER A C   1 
ATOM   167  O O   . SER A 1 24  ? 2.775   -4.291  -6.881  1.00 17.10 ? 24  SER A O   1 
ATOM   168  C CB  . SER A 1 24  ? 3.625   -6.096  -8.766  1.00 17.71 ? 24  SER A CB  1 
ATOM   169  O OG  . SER A 1 24  ? 4.727   -6.687  -8.100  1.00 16.04 ? 24  SER A OG  1 
ATOM   170  N N   . CYS A 1 25  ? 4.339   -2.764  -7.427  1.00 17.86 ? 25  CYS A N   1 
ATOM   171  C CA  . CYS A 1 25  ? 4.160   -1.967  -6.210  1.00 17.68 ? 25  CYS A CA  1 
ATOM   172  C C   . CYS A 1 25  ? 2.690   -1.757  -5.894  1.00 17.83 ? 25  CYS A C   1 
ATOM   173  O O   . CYS A 1 25  ? 2.233   -2.035  -4.788  1.00 17.44 ? 25  CYS A O   1 
ATOM   174  C CB  . CYS A 1 25  ? 4.843   -0.592  -6.348  1.00 16.76 ? 25  CYS A CB  1 
ATOM   175  S SG  . CYS A 1 25  ? 4.486   0.047   -7.601  1.00 15.34 ? 25  CYS A SG  1 
ATOM   176  N N   . TRP A 1 26  ? 1.951   -1.279  -6.887  1.00 18.75 ? 26  TRP A N   1 
ATOM   177  C CA  . TRP A 1 26  ? 0.536   -0.998  -6.717  1.00 17.27 ? 26  TRP A CA  1 
ATOM   178  C C   . TRP A 1 26  ? -0.288  -2.197  -6.266  1.00 16.70 ? 26  TRP A C   1 
ATOM   179  O O   . TRP A 1 26  ? -1.260  -2.039  -5.529  1.00 15.98 ? 26  TRP A O   1 
ATOM   180  C CB  . TRP A 1 26  ? -0.055  -0.432  -8.015  1.00 16.70 ? 26  TRP A CB  1 
ATOM   181  C CG  . TRP A 1 26  ? 0.017   -1.460  -9.102  1.00 16.35 ? 26  TRP A CG  1 
ATOM   182  C CD1 . TRP A 1 26  ? 1.056   -1.678  -9.956  1.00 16.42 ? 26  TRP A CD1 1 
ATOM   183  C CD2 . TRP A 1 26  ? -0.983  -2.435  -9.426  1.00 15.71 ? 26  TRP A CD2 1 
ATOM   184  N NE1 . TRP A 1 26  ? 0.768   -2.726  -10.794 1.00 15.46 ? 26  TRP A NE1 1 
ATOM   185  C CE2 . TRP A 1 26  ? -0.477  -3.212  -10.487 1.00 16.81 ? 26  TRP A CE2 1 
ATOM   186  C CE3 . TRP A 1 26  ? -2.255  -2.728  -8.919  1.00 16.11 ? 26  TRP A CE3 1 
ATOM   187  C CZ2 . TRP A 1 26  ? -1.198  -4.267  -11.052 1.00 16.05 ? 26  TRP A CZ2 1 
ATOM   188  C CZ3 . TRP A 1 26  ? -2.973  -3.776  -9.480  1.00 16.53 ? 26  TRP A CZ3 1 
ATOM   189  C CH2 . TRP A 1 26  ? -2.440  -4.533  -10.537 1.00 17.91 ? 26  TRP A CH2 1 
ATOM   190  N N   . ALA A 1 27  ? 0.086   -3.390  -6.715  1.00 15.54 ? 27  ALA A N   1 
ATOM   191  C CA  . ALA A 1 27  ? -0.647  -4.586  -6.342  1.00 16.29 ? 27  ALA A CA  1 
ATOM   192  C C   . ALA A 1 27  ? -0.466  -4.873  -4.852  1.00 17.14 ? 27  ALA A C   1 
ATOM   193  O O   . ALA A 1 27  ? -1.434  -5.146  -4.136  1.00 17.76 ? 27  ALA A O   1 
ATOM   194  C CB  . ALA A 1 27  ? -0.173  -5.771  -7.170  1.00 14.66 ? 27  ALA A CB  1 
ATOM   195  N N   . PHE A 1 28  ? 0.774   -4.806  -4.384  1.00 16.96 ? 28  PHE A N   1 
ATOM   196  C CA  . PHE A 1 28  ? 1.056   -5.062  -2.980  1.00 17.49 ? 28  PHE A CA  1 
ATOM   197  C C   . PHE A 1 28  ? 0.384   -3.994  -2.121  1.00 17.27 ? 28  PHE A C   1 
ATOM   198  O O   . PHE A 1 28  ? -0.207  -4.300  -1.084  1.00 18.59 ? 28  PHE A O   1 
ATOM   199  C CB  . PHE A 1 28  ? 2.575   -5.085  -2.737  1.00 15.31 ? 28  PHE A CB  1 
ATOM   200  C CG  . PHE A 1 28  ? 3.145   -6.381  -3.251  1.00 14.11 ? 28  PHE A CG  1 
ATOM   201  C CD1 . PHE A 1 28  ? 3.155   -7.511  -2.454  1.00 14.71 ? 28  PHE A CD1 1 
ATOM   202  C CD2 . PHE A 1 28  ? 3.639   -6.479  -4.538  1.00 14.19 ? 28  PHE A CD2 1 
ATOM   203  C CE1 . PHE A 1 28  ? 3.648   -8.712  -2.932  1.00 12.89 ? 28  PHE A CE1 1 
ATOM   204  C CE2 . PHE A 1 28  ? 4.134   -7.685  -5.025  1.00 12.51 ? 28  PHE A CE2 1 
ATOM   205  C CZ  . PHE A 1 28  ? 4.138   -8.798  -4.221  1.00 12.12 ? 28  PHE A CZ  1 
ATOM   206  N N   . SER A 1 29  ? 0.470   -2.742  -2.559  1.00 16.81 ? 29  SER A N   1 
ATOM   207  C CA  . SER A 1 29  ? -0.135  -1.638  -1.826  1.00 16.47 ? 29  SER A CA  1 
ATOM   208  C C   . SER A 1 29  ? -1.625  -1.922  -1.633  1.00 16.32 ? 29  SER A C   1 
ATOM   209  O O   . SER A 1 29  ? -2.125  -1.905  -0.512  1.00 17.69 ? 29  SER A O   1 
ATOM   210  C CB  . SER A 1 29  ? 0.061   -0.327  -2.596  1.00 17.09 ? 29  SER A CB  1 
ATOM   211  O OG  . SER A 1 29  ? -0.587  0.732   -1.909  1.00 15.71 ? 29  SER A OG  1 
ATOM   212  N N   . SER A 1 30  ? -2.325  -2.195  -2.730  1.00 15.15 ? 30  SER A N   1 
ATOM   213  C CA  . SER A 1 30  ? -3.749  -2.504  -2.679  1.00 14.36 ? 30  SER A CA  1 
ATOM   214  C C   . SER A 1 30  ? -4.028  -3.686  -1.762  1.00 15.33 ? 30  SER A C   1 
ATOM   215  O O   . SER A 1 30  ? -4.946  -3.642  -0.944  1.00 15.36 ? 30  SER A O   1 
ATOM   216  C CB  . SER A 1 30  ? -4.269  -2.828  -4.075  1.00 13.48 ? 30  SER A CB  1 
ATOM   217  O OG  . SER A 1 30  ? -3.994  -1.748  -4.941  1.00 18.90 ? 30  SER A OG  1 
ATOM   218  N N   . VAL A 1 31  ? -3.239  -4.745  -1.900  1.00 16.10 ? 31  VAL A N   1 
ATOM   219  C CA  . VAL A 1 31  ? -3.420  -5.931  -1.066  1.00 16.83 ? 31  VAL A CA  1 
ATOM   220  C C   . VAL A 1 31  ? -3.247  -5.608  0.413   1.00 16.52 ? 31  VAL A C   1 
ATOM   221  O O   . VAL A 1 31  ? -4.023  -6.060  1.253   1.00 12.91 ? 31  VAL A O   1 
ATOM   222  C CB  . VAL A 1 31  ? -2.437  -7.038  -1.467  1.00 17.74 ? 31  VAL A CB  1 
ATOM   223  C CG1 . VAL A 1 31  ? -2.256  -8.008  -0.329  1.00 18.68 ? 31  VAL A CG1 1 
ATOM   224  C CG2 . VAL A 1 31  ? -2.975  -7.767  -2.688  1.00 18.87 ? 31  VAL A CG2 1 
ATOM   225  N N   . GLY A 1 32  ? -2.228  -4.812  0.726   1.00 18.50 ? 32  GLY A N   1 
ATOM   226  C CA  . GLY A 1 32  ? -1.996  -4.435  2.107   1.00 17.78 ? 32  GLY A CA  1 
ATOM   227  C C   . GLY A 1 32  ? -3.202  -3.718  2.687   1.00 17.87 ? 32  GLY A C   1 
ATOM   228  O O   . GLY A 1 32  ? -3.566  -3.943  3.843   1.00 18.17 ? 32  GLY A O   1 
ATOM   229  N N   . ALA A 1 33  ? -3.832  -2.862  1.886   1.00 17.54 ? 33  ALA A N   1 
ATOM   230  C CA  . ALA A 1 33  ? -5.002  -2.110  2.346   1.00 17.26 ? 33  ALA A CA  1 
ATOM   231  C C   . ALA A 1 33  ? -6.199  -3.023  2.601   1.00 16.84 ? 33  ALA A C   1 
ATOM   232  O O   . ALA A 1 33  ? -6.863  -2.912  3.629   1.00 17.41 ? 33  ALA A O   1 
ATOM   233  C CB  . ALA A 1 33  ? -5.371  -1.046  1.320   1.00 17.55 ? 33  ALA A CB  1 
ATOM   234  N N   . LEU A 1 34  ? -6.469  -3.917  1.654   1.00 16.40 ? 34  LEU A N   1 
ATOM   235  C CA  . LEU A 1 34  ? -7.578  -4.852  1.763   1.00 15.35 ? 34  LEU A CA  1 
ATOM   236  C C   . LEU A 1 34  ? -7.373  -5.772  2.962   1.00 16.95 ? 34  LEU A C   1 
ATOM   237  O O   . LEU A 1 34  ? -8.332  -6.123  3.649   1.00 17.16 ? 34  LEU A O   1 
ATOM   238  C CB  . LEU A 1 34  ? -7.689  -5.689  0.484   1.00 14.57 ? 34  LEU A CB  1 
ATOM   239  C CG  . LEU A 1 34  ? -8.079  -4.802  -0.704  1.00 14.55 ? 34  LEU A CG  1 
ATOM   240  C CD1 . LEU A 1 34  ? -7.862  -5.553  -2.013  1.00 13.25 ? 34  LEU A CD1 1 
ATOM   241  C CD2 . LEU A 1 34  ? -9.527  -4.380  -0.573  1.00 12.08 ? 34  LEU A CD2 1 
ATOM   242  N N   . GLU A 1 35  ? -6.124  -6.164  3.209   1.00 17.21 ? 35  GLU A N   1 
ATOM   243  C CA  . GLU A 1 35  ? -5.817  -7.046  4.333   1.00 16.39 ? 35  GLU A CA  1 
ATOM   244  C C   . GLU A 1 35  ? -6.201  -6.349  5.630   1.00 17.75 ? 35  GLU A C   1 
ATOM   245  O O   . GLU A 1 35  ? -6.741  -6.971  6.545   1.00 17.76 ? 35  GLU A O   1 
ATOM   246  C CB  . GLU A 1 35  ? -4.320  -7.405  4.364   1.00 14.37 ? 35  GLU A CB  1 
ATOM   247  C CG  . GLU A 1 35  ? -3.942  -8.209  3.117   1.00 15.46 ? 35  GLU A CG  1 
ATOM   248  C CD  . GLU A 1 35  ? -2.431  -8.423  3.070   1.00 16.57 ? 35  GLU A CD  1 
ATOM   249  O OE1 . GLU A 1 35  ? -1.681  -7.524  3.500   1.00 14.87 ? 35  GLU A OE1 1 
ATOM   250  O OE2 . GLU A 1 35  ? -1.987  -9.487  2.590   1.00 18.82 ? 35  GLU A OE2 1 
ATOM   251  N N   . GLY A 1 36  ? -5.922  -5.052  5.699   1.00 16.64 ? 36  GLY A N   1 
ATOM   252  C CA  . GLY A 1 36  ? -6.245  -4.294  6.890   1.00 16.81 ? 36  GLY A CA  1 
ATOM   253  C C   . GLY A 1 36  ? -7.736  -4.255  7.149   1.00 17.86 ? 36  GLY A C   1 
ATOM   254  O O   . GLY A 1 36  ? -8.178  -4.418  8.285   1.00 16.98 ? 36  GLY A O   1 
ATOM   255  N N   . GLN A 1 37  ? -8.521  -4.041  6.099   1.00 18.20 ? 37  GLN A N   1 
ATOM   256  C CA  . GLN A 1 37  ? -9.968  -3.984  6.246   1.00 19.31 ? 37  GLN A CA  1 
ATOM   257  C C   . GLN A 1 37  ? -10.540 -5.358  6.594   1.00 19.56 ? 37  GLN A C   1 
ATOM   258  O O   . GLN A 1 37  ? -11.492 -5.462  7.360   1.00 20.44 ? 37  GLN A O   1 
ATOM   259  C CB  . GLN A 1 37  ? -10.598 -3.443  4.964   1.00 19.36 ? 37  GLN A CB  1 
ATOM   260  C CG  . GLN A 1 37  ? -10.076 -2.045  4.734   1.00 20.86 ? 37  GLN A CG  1 
ATOM   261  C CD  . GLN A 1 37  ? -10.512 -1.155  5.886   1.00 21.43 ? 37  GLN A CD  1 
ATOM   262  O OE1 . GLN A 1 37  ? -11.688 -0.819  6.016   1.00 24.18 ? 37  GLN A OE1 1 
ATOM   263  N NE2 . GLN A 1 37  ? -9.568  -0.780  6.732   1.00 21.60 ? 37  GLN A NE2 1 
ATOM   264  N N   . LEU A 1 38  ? -9.943  -6.409  6.038   1.00 20.12 ? 38  LEU A N   1 
ATOM   265  C CA  . LEU A 1 38  ? -10.376 -7.780  6.291   1.00 18.99 ? 38  LEU A CA  1 
ATOM   266  C C   . LEU A 1 38  ? -10.193 -8.122  7.770   1.00 19.36 ? 38  LEU A C   1 
ATOM   267  O O   . LEU A 1 38  ? -11.034 -8.784  8.374   1.00 19.58 ? 38  LEU A O   1 
ATOM   268  C CB  . LEU A 1 38  ? -9.565  -8.746  5.419   1.00 18.17 ? 38  LEU A CB  1 
ATOM   269  C CG  . LEU A 1 38  ? -10.078 -10.178 5.588   1.00 19.92 ? 38  LEU A CG  1 
ATOM   270  C CD1 . LEU A 1 38  ? -11.551 -10.278 5.196   1.00 16.82 ? 38  LEU A CD1 1 
ATOM   271  C CD2 . LEU A 1 38  ? -9.236  -11.095 4.715   1.00 17.00 ? 38  LEU A CD2 1 
ATOM   272  N N   . LYS A 1 39  ? -9.086  -7.660  8.348   1.00 20.33 ? 39  LYS A N   1 
ATOM   273  C CA  . LYS A 1 39  ? -8.784  -7.891  9.763   1.00 20.63 ? 39  LYS A CA  1 
ATOM   274  C C   . LYS A 1 39  ? -9.779  -7.122  10.627  1.00 21.12 ? 39  LYS A C   1 
ATOM   275  O O   . LYS A 1 39  ? -10.339 -7.649  11.588  1.00 19.76 ? 39  LYS A O   1 
ATOM   276  C CB  . LYS A 1 39  ? -7.366  -7.415  10.085  1.00 19.47 ? 39  LYS A CB  1 
ATOM   277  C CG  . LYS A 1 39  ? -7.169  -7.326  11.597  1.00 18.32 ? 39  LYS A CG  1 
ATOM   278  C CD  . LYS A 1 39  ? -7.186  -8.713  12.231  1.00 15.08 ? 39  LYS A CD  1 
ATOM   279  C CE  . LYS A 1 39  ? -7.024  -8.562  13.745  1.00 18.75 ? 39  LYS A CE  1 
ATOM   280  N NZ  . LYS A 1 39  ? -6.971  -9.904  14.411  1.00 14.87 ? 39  LYS A NZ  1 
ATOM   281  N N   . LYS A 1 40  ? -9.986  -5.863  10.267  1.00 22.01 ? 40  LYS A N   1 
ATOM   282  C CA  . LYS A 1 40  ? -10.904 -4.990  10.980  1.00 21.95 ? 40  LYS A CA  1 
ATOM   283  C C   . LYS A 1 40  ? -12.317 -5.555  10.932  1.00 21.30 ? 40  LYS A C   1 
ATOM   284  O O   . LYS A 1 40  ? -13.022 -5.593  11.938  1.00 21.77 ? 40  LYS A O   1 
ATOM   285  C CB  . LYS A 1 40  ? -10.880 -3.593  10.349  1.00 21.29 ? 40  LYS A CB  1 
ATOM   286  C CG  . LYS A 1 40  ? -11.735 -2.633  11.157  1.00 22.60 ? 40  LYS A CG  1 
ATOM   287  C CD  . LYS A 1 40  ? -11.570 -1.225  10.598  1.00 21.97 ? 40  LYS A CD  1 
ATOM   288  C CE  . LYS A 1 40  ? -12.254 -0.226  11.512  1.00 20.86 ? 40  LYS A CE  1 
ATOM   289  N NZ  . LYS A 1 40  ? -12.041 1.156   10.990  1.00 20.05 ? 40  LYS A NZ  1 
ATOM   290  N N   . LYS A 1 41  ? -12.713 -6.023  9.758   1.00 20.73 ? 41  LYS A N   1 
ATOM   291  C CA  . LYS A 1 41  ? -14.050 -6.558  9.561   1.00 22.29 ? 41  LYS A CA  1 
ATOM   292  C C   . LYS A 1 41  ? -14.319 -7.958  10.112  1.00 22.75 ? 41  LYS A C   1 
ATOM   293  O O   . LYS A 1 41  ? -15.408 -8.218  10.629  1.00 22.25 ? 41  LYS A O   1 
ATOM   294  C CB  . LYS A 1 41  ? -14.374 -6.534  8.068   1.00 24.47 ? 41  LYS A CB  1 
ATOM   295  C CG  . LYS A 1 41  ? -15.750 -7.133  7.791   1.00 27.02 ? 41  LYS A CG  1 
ATOM   296  C CD  . LYS A 1 41  ? -15.922 -7.228  6.274   1.00 30.28 ? 41  LYS A CD  1 
ATOM   297  C CE  . LYS A 1 41  ? -17.264 -7.849  5.915   1.00 32.76 ? 41  LYS A CE  1 
ATOM   298  N NZ  . LYS A 1 41  ? -17.300 -8.105  4.438   1.00 34.13 ? 41  LYS A NZ  1 
ATOM   299  N N   . THR A 1 42  ? -13.335 -8.852  10.018  1.00 22.16 ? 42  THR A N   1 
ATOM   300  C CA  . THR A 1 42  ? -13.545 -10.229 10.461  1.00 21.35 ? 42  THR A CA  1 
ATOM   301  C C   . THR A 1 42  ? -12.657 -10.762 11.577  1.00 22.32 ? 42  THR A C   1 
ATOM   302  O O   . THR A 1 42  ? -12.970 -11.796 12.173  1.00 19.54 ? 42  THR A O   1 
ATOM   303  C CB  . THR A 1 42  ? -13.406 -11.195 9.279   1.00 19.91 ? 42  THR A CB  1 
ATOM   304  O OG1 . THR A 1 42  ? -12.027 -11.285 8.899   1.00 19.64 ? 42  THR A OG1 1 
ATOM   305  C CG2 . THR A 1 42  ? -14.216 -10.695 8.094   1.00 20.21 ? 42  THR A CG2 1 
ATOM   306  N N   . GLY A 1 43  ? -11.546 -10.082 11.844  1.00 23.78 ? 43  GLY A N   1 
ATOM   307  C CA  . GLY A 1 43  ? -10.652 -10.530 12.894  1.00 22.80 ? 43  GLY A CA  1 
ATOM   308  C C   . GLY A 1 43  ? -9.557  -11.447 12.384  1.00 25.50 ? 43  GLY A C   1 
ATOM   309  O O   . GLY A 1 43  ? -8.697  -11.876 13.153  1.00 24.53 ? 43  GLY A O   1 
ATOM   310  N N   . LYS A 1 44  ? -9.582  -11.764 11.091  1.00 26.45 ? 44  LYS A N   1 
ATOM   311  C CA  . LYS A 1 44  ? -8.548  -12.627 10.532  1.00 28.10 ? 44  LYS A CA  1 
ATOM   312  C C   . LYS A 1 44  ? -7.526  -11.835 9.711   1.00 25.88 ? 44  LYS A C   1 
ATOM   313  O O   . LYS A 1 44  ? -7.875  -10.975 8.900   1.00 26.29 ? 44  LYS A O   1 
ATOM   314  C CB  . LYS A 1 44  ? -9.165  -13.758 9.685   1.00 30.36 ? 44  LYS A CB  1 
ATOM   315  C CG  . LYS A 1 44  ? -9.925  -13.207 8.487   1.00 38.91 ? 44  LYS A CG  1 
ATOM   316  C CD  . LYS A 1 44  ? -10.482 -14.371 7.626   1.00 44.50 ? 44  LYS A CD  1 
ATOM   317  C CE  . LYS A 1 44  ? -11.214 -13.808 6.388   1.00 47.57 ? 44  LYS A CE  1 
ATOM   318  N NZ  . LYS A 1 44  ? -11.366 -14.877 5.336   1.00 47.27 ? 44  LYS A NZ  1 
ATOM   319  N N   . LEU A 1 45  ? -6.254  -12.119 9.962   1.00 23.53 ? 45  LEU A N   1 
ATOM   320  C CA  . LEU A 1 45  ? -5.148  -11.473 9.274   1.00 21.33 ? 45  LEU A CA  1 
ATOM   321  C C   . LEU A 1 45  ? -4.517  -12.532 8.383   1.00 21.83 ? 45  LEU A C   1 
ATOM   322  O O   . LEU A 1 45  ? -3.981  -13.523 8.878   1.00 21.52 ? 45  LEU A O   1 
ATOM   323  C CB  . LEU A 1 45  ? -4.120  -10.973 10.296  1.00 22.59 ? 45  LEU A CB  1 
ATOM   324  C CG  . LEU A 1 45  ? -2.945  -10.274 9.604   1.00 23.45 ? 45  LEU A CG  1 
ATOM   325  C CD1 . LEU A 1 45  ? -3.343  -8.876  9.162   1.00 22.09 ? 45  LEU A CD1 1 
ATOM   326  C CD2 . LEU A 1 45  ? -1.785  -10.175 10.579  1.00 24.03 ? 45  LEU A CD2 1 
ATOM   327  N N   . LEU A 1 46  ? -4.607  -12.342 7.071   1.00 21.63 ? 46  LEU A N   1 
ATOM   328  C CA  . LEU A 1 46  ? -4.011  -13.280 6.127   1.00 20.10 ? 46  LEU A CA  1 
ATOM   329  C C   . LEU A 1 46  ? -3.618  -12.564 4.852   1.00 18.96 ? 46  LEU A C   1 
ATOM   330  O O   . LEU A 1 46  ? -4.177  -11.522 4.519   1.00 19.51 ? 46  LEU A O   1 
ATOM   331  C CB  . LEU A 1 46  ? -4.961  -14.456 5.823   1.00 20.08 ? 46  LEU A CB  1 
ATOM   332  C CG  . LEU A 1 46  ? -6.312  -13.979 5.288   1.00 21.90 ? 46  LEU A CG  1 
ATOM   333  C CD1 . LEU A 1 46  ? -6.238  -13.612 3.808   1.00 22.81 ? 46  LEU A CD1 1 
ATOM   334  C CD2 . LEU A 1 46  ? -7.302  -15.114 5.460   1.00 24.38 ? 46  LEU A CD2 1 
ATOM   335  N N   . ASN A 1 47  ? -2.652  -13.133 4.141   1.00 19.55 ? 47  ASN A N   1 
ATOM   336  C CA  . ASN A 1 47  ? -2.151  -12.544 2.905   1.00 18.18 ? 47  ASN A CA  1 
ATOM   337  C C   . ASN A 1 47  ? -3.114  -12.671 1.743   1.00 17.40 ? 47  ASN A C   1 
ATOM   338  O O   . ASN A 1 47  ? -3.611  -13.764 1.460   1.00 18.45 ? 47  ASN A O   1 
ATOM   339  C CB  . ASN A 1 47  ? -0.825  -13.201 2.501   1.00 18.29 ? 47  ASN A CB  1 
ATOM   340  C CG  . ASN A 1 47  ? 0.177   -13.088 3.617   1.00 18.30 ? 47  ASN A CG  1 
ATOM   341  O OD1 . ASN A 1 47  ? 0.293   -12.043 4.255   1.00 21.95 ? 47  ASN A OD1 1 
ATOM   342  N ND2 . ASN A 1 47  ? 0.919   -14.164 3.859   1.00 18.30 ? 47  ASN A ND2 1 
ATOM   343  N N   . LEU A 1 48  ? -3.380  -11.557 1.072   1.00 15.51 ? 48  LEU A N   1 
ATOM   344  C CA  . LEU A 1 48  ? -4.254  -11.589 -0.094  1.00 16.97 ? 48  LEU A CA  1 
ATOM   345  C C   . LEU A 1 48  ? -3.330  -11.730 -1.293  1.00 16.78 ? 48  LEU A C   1 
ATOM   346  O O   . LEU A 1 48  ? -2.121  -11.562 -1.171  1.00 17.57 ? 48  LEU A O   1 
ATOM   347  C CB  . LEU A 1 48  ? -5.118  -10.324 -0.190  1.00 13.97 ? 48  LEU A CB  1 
ATOM   348  C CG  . LEU A 1 48  ? -6.222  -10.395 0.878   1.00 15.38 ? 48  LEU A CG  1 
ATOM   349  C CD1 . LEU A 1 48  ? -7.163  -9.202  0.745   1.00 13.07 ? 48  LEU A CD1 1 
ATOM   350  C CD2 . LEU A 1 48  ? -6.997  -11.704 0.735   1.00 11.29 ? 48  LEU A CD2 1 
ATOM   351  N N   . SER A 1 49  ? -3.893  -12.039 -2.449  1.00 18.55 ? 49  SER A N   1 
ATOM   352  C CA  . SER A 1 49  ? -3.097  -12.271 -3.638  1.00 16.91 ? 49  SER A CA  1 
ATOM   353  C C   . SER A 1 49  ? -2.757  -11.095 -4.540  1.00 17.56 ? 49  SER A C   1 
ATOM   354  O O   . SER A 1 49  ? -3.618  -10.557 -5.241  1.00 18.13 ? 49  SER A O   1 
ATOM   355  C CB  . SER A 1 49  ? -3.779  -13.356 -4.475  1.00 18.39 ? 49  SER A CB  1 
ATOM   356  O OG  . SER A 1 49  ? -3.133  -13.474 -5.728  1.00 18.85 ? 49  SER A OG  1 
ATOM   357  N N   . PRO A 1 50  ? -1.490  -10.666 -4.524  1.00 17.11 ? 50  PRO A N   1 
ATOM   358  C CA  . PRO A 1 50  ? -1.125  -9.550  -5.397  1.00 16.81 ? 50  PRO A CA  1 
ATOM   359  C C   . PRO A 1 50  ? -1.072  -10.065 -6.844  1.00 15.48 ? 50  PRO A C   1 
ATOM   360  O O   . PRO A 1 50  ? -1.267  -9.309  -7.793  1.00 15.45 ? 50  PRO A O   1 
ATOM   361  C CB  . PRO A 1 50  ? 0.247   -9.138  -4.868  1.00 17.77 ? 50  PRO A CB  1 
ATOM   362  C CG  . PRO A 1 50  ? 0.802   -10.322 -4.155  1.00 17.29 ? 50  PRO A CG  1 
ATOM   363  C CD  . PRO A 1 50  ? -0.445  -10.920 -3.511  1.00 16.96 ? 50  PRO A CD  1 
ATOM   364  N N   . GLN A 1 51  ? -0.822  -11.363 -6.995  1.00 15.20 ? 51  GLN A N   1 
ATOM   365  C CA  . GLN A 1 51  ? -0.741  -11.985 -8.313  1.00 16.06 ? 51  GLN A CA  1 
ATOM   366  C C   . GLN A 1 51  ? -2.103  -11.908 -8.996  1.00 17.51 ? 51  GLN A C   1 
ATOM   367  O O   . GLN A 1 51  ? -2.195  -11.657 -10.200 1.00 17.26 ? 51  GLN A O   1 
ATOM   368  C CB  . GLN A 1 51  ? -0.298  -13.448 -8.185  1.00 17.17 ? 51  GLN A CB  1 
ATOM   369  C CG  . GLN A 1 51  ? 0.118   -14.008 -9.548  1.00 17.72 ? 51  GLN A CG  1 
ATOM   370  C CD  . GLN A 1 51  ? 1.434   -13.382 -9.999  1.00 19.08 ? 51  GLN A CD  1 
ATOM   371  O OE1 . GLN A 1 51  ? 2.438   -13.438 -9.290  1.00 18.93 ? 51  GLN A OE1 1 
ATOM   372  N NE2 . GLN A 1 51  ? 1.431   -12.789 -11.186 1.00 18.85 ? 51  GLN A NE2 1 
ATOM   373  N N   . ASN A 1 52  ? -3.161  -12.115 -8.217  1.00 17.56 ? 52  ASN A N   1 
ATOM   374  C CA  . ASN A 1 52  ? -4.521  -12.050 -8.742  1.00 17.27 ? 52  ASN A CA  1 
ATOM   375  C C   . ASN A 1 52  ? -4.734  -10.676 -9.388  1.00 17.41 ? 52  ASN A C   1 
ATOM   376  O O   . ASN A 1 52  ? -5.331  -10.571 -10.460 1.00 16.99 ? 52  ASN A O   1 
ATOM   377  C CB  . ASN A 1 52  ? -5.524  -12.275 -7.598  1.00 17.09 ? 52  ASN A CB  1 
ATOM   378  C CG  . ASN A 1 52  ? -6.961  -12.445 -8.101  1.00 19.26 ? 52  ASN A CG  1 
ATOM   379  O OD1 . ASN A 1 52  ? -7.871  -12.692 -7.306  1.00 20.12 ? 52  ASN A OD1 1 
ATOM   380  N ND2 . ASN A 1 52  ? -7.171  -12.310 -9.411  1.00 16.65 ? 52  ASN A ND2 1 
ATOM   381  N N   . LEU A 1 53  ? -4.234  -9.624  -8.740  1.00 17.42 ? 53  LEU A N   1 
ATOM   382  C CA  . LEU A 1 53  ? -4.390  -8.273  -9.277  1.00 17.53 ? 53  LEU A CA  1 
ATOM   383  C C   . LEU A 1 53  ? -3.503  -8.084  -10.511 1.00 19.86 ? 53  LEU A C   1 
ATOM   384  O O   . LEU A 1 53  ? -3.954  -7.572  -11.540 1.00 19.11 ? 53  LEU A O   1 
ATOM   385  C CB  . LEU A 1 53  ? -4.038  -7.214  -8.223  1.00 14.80 ? 53  LEU A CB  1 
ATOM   386  C CG  . LEU A 1 53  ? -4.878  -7.409  -6.952  1.00 15.52 ? 53  LEU A CG  1 
ATOM   387  C CD1 . LEU A 1 53  ? -4.560  -6.297  -5.956  1.00 14.06 ? 53  LEU A CD1 1 
ATOM   388  C CD2 . LEU A 1 53  ? -6.362  -7.385  -7.281  1.00 15.26 ? 53  LEU A CD2 1 
ATOM   389  N N   . VAL A 1 54  ? -2.242  -8.500  -10.409 1.00 19.78 ? 54  VAL A N   1 
ATOM   390  C CA  . VAL A 1 54  ? -1.327  -8.360  -11.532 1.00 19.94 ? 54  VAL A CA  1 
ATOM   391  C C   . VAL A 1 54  ? -1.906  -9.013  -12.784 1.00 20.58 ? 54  VAL A C   1 
ATOM   392  O O   . VAL A 1 54  ? -2.000  -8.383  -13.834 1.00 21.24 ? 54  VAL A O   1 
ATOM   393  C CB  . VAL A 1 54  ? 0.039   -8.998  -11.228 1.00 20.50 ? 54  VAL A CB  1 
ATOM   394  C CG1 . VAL A 1 54  ? 0.856   -9.098  -12.508 1.00 19.75 ? 54  VAL A CG1 1 
ATOM   395  C CG2 . VAL A 1 54  ? 0.782   -8.169  -10.198 1.00 17.98 ? 54  VAL A CG2 1 
ATOM   396  N N   . ASP A 1 55  ? -2.310  -10.272 -12.658 1.00 21.13 ? 55  ASP A N   1 
ATOM   397  C CA  . ASP A 1 55  ? -2.878  -11.023 -13.773 1.00 20.78 ? 55  ASP A CA  1 
ATOM   398  C C   . ASP A 1 55  ? -4.231  -10.535 -14.272 1.00 20.65 ? 55  ASP A C   1 
ATOM   399  O O   . ASP A 1 55  ? -4.521  -10.617 -15.467 1.00 21.69 ? 55  ASP A O   1 
ATOM   400  C CB  . ASP A 1 55  ? -3.054  -12.499 -13.396 1.00 21.45 ? 55  ASP A CB  1 
ATOM   401  C CG  . ASP A 1 55  ? -1.725  -13.167 -13.161 1.00 22.76 ? 55  ASP A CG  1 
ATOM   402  O OD1 . ASP A 1 55  ? -0.678  -12.531 -13.399 1.00 25.64 ? 55  ASP A OD1 1 
ATOM   403  O OD2 . ASP A 1 55  ? -1.732  -14.341 -12.745 1.00 24.93 ? 55  ASP A OD2 1 
ATOM   404  N N   . CYS A 1 56  ? -5.055  -10.020 -13.370 1.00 20.11 ? 56  CYS A N   1 
ATOM   405  C CA  . CYS A 1 56  ? -6.404  -9.629  -13.748 1.00 21.63 ? 56  CYS A CA  1 
ATOM   406  C C   . CYS A 1 56  ? -6.789  -8.177  -13.974 1.00 22.89 ? 56  CYS A C   1 
ATOM   407  O O   . CYS A 1 56  ? -7.643  -7.905  -14.814 1.00 25.83 ? 56  CYS A O   1 
ATOM   408  C CB  . CYS A 1 56  ? -7.383  -10.233 -12.742 1.00 21.57 ? 56  CYS A CB  1 
ATOM   409  S SG  . CYS A 1 56  ? -7.134  -12.036 -12.662 1.00 21.53 ? 56  CYS A SG  1 
ATOM   410  N N   . VAL A 1 57  ? -6.203  -7.239  -13.239 1.00 23.39 ? 57  VAL A N   1 
ATOM   411  C CA  . VAL A 1 57  ? -6.578  -5.838  -13.420 1.00 23.76 ? 57  VAL A CA  1 
ATOM   412  C C   . VAL A 1 57  ? -6.192  -5.354  -14.813 1.00 24.72 ? 57  VAL A C   1 
ATOM   413  O O   . VAL A 1 57  ? -5.089  -4.848  -15.024 1.00 25.30 ? 57  VAL A O   1 
ATOM   414  C CB  . VAL A 1 57  ? -5.928  -4.930  -12.341 1.00 22.68 ? 57  VAL A CB  1 
ATOM   415  C CG1 . VAL A 1 57  ? -6.425  -3.496  -12.487 1.00 21.51 ? 57  VAL A CG1 1 
ATOM   416  C CG2 . VAL A 1 57  ? -6.283  -5.445  -10.958 1.00 22.94 ? 57  VAL A CG2 1 
ATOM   417  N N   . SER A 1 58  ? -7.119  -5.516  -15.756 1.00 25.46 ? 58  SER A N   1 
ATOM   418  C CA  . SER A 1 58  ? -6.917  -5.123  -17.152 1.00 28.23 ? 58  SER A CA  1 
ATOM   419  C C   . SER A 1 58  ? -6.534  -3.662  -17.353 1.00 29.11 ? 58  SER A C   1 
ATOM   420  O O   . SER A 1 58  ? -5.759  -3.328  -18.251 1.00 27.96 ? 58  SER A O   1 
ATOM   421  C CB  . SER A 1 58  ? -8.183  -5.412  -17.964 1.00 29.54 ? 58  SER A CB  1 
ATOM   422  O OG  . SER A 1 58  ? -8.413  -6.811  -18.010 1.00 33.24 ? 58  SER A OG  1 
ATOM   423  N N   . GLU A 1 59  ? -7.089  -2.786  -16.524 1.00 31.11 ? 59  GLU A N   1 
ATOM   424  C CA  . GLU A 1 59  ? -6.800  -1.362  -16.634 1.00 30.96 ? 59  GLU A CA  1 
ATOM   425  C C   . GLU A 1 59  ? -5.364  -0.996  -16.242 1.00 29.93 ? 59  GLU A C   1 
ATOM   426  O O   . GLU A 1 59  ? -4.918  0.114   -16.507 1.00 29.81 ? 59  GLU A O   1 
ATOM   427  C CB  . GLU A 1 59  ? -7.795  -0.568  -15.788 1.00 33.68 ? 59  GLU A CB  1 
ATOM   428  C CG  . GLU A 1 59  ? -9.208  -0.862  -16.272 1.00 37.95 ? 59  GLU A CG  1 
ATOM   429  C CD  . GLU A 1 59  ? -9.314  -0.560  -17.758 1.00 40.20 ? 59  GLU A CD  1 
ATOM   430  O OE1 . GLU A 1 59  ? -9.071  0.602   -18.152 1.00 41.61 ? 59  GLU A OE1 1 
ATOM   431  O OE2 . GLU A 1 59  ? -9.641  -1.489  -18.531 1.00 42.19 ? 59  GLU A OE2 1 
ATOM   432  N N   . ASN A 1 60  ? -4.643  -1.921  -15.612 1.00 28.55 ? 60  ASN A N   1 
ATOM   433  C CA  . ASN A 1 60  ? -3.253  -1.654  -15.225 1.00 28.67 ? 60  ASN A CA  1 
ATOM   434  C C   . ASN A 1 60  ? -2.258  -2.357  -16.162 1.00 28.20 ? 60  ASN A C   1 
ATOM   435  O O   . ASN A 1 60  ? -2.661  -3.082  -17.066 1.00 28.13 ? 60  ASN A O   1 
ATOM   436  C CB  . ASN A 1 60  ? -2.993  -2.089  -13.772 1.00 26.86 ? 60  ASN A CB  1 
ATOM   437  C CG  . ASN A 1 60  ? -3.672  -1.131  -12.803 1.00 24.78 ? 60  ASN A CG  1 
ATOM   438  O OD1 . ASN A 1 60  ? -3.894  0.042   -13.118 1.00 24.14 ? 60  ASN A OD1 1 
ATOM   439  N ND2 . ASN A 1 60  ? -3.981  -1.620  -11.608 1.00 21.86 ? 60  ASN A ND2 1 
ATOM   440  N N   . ASP A 1 61  ? -0.960  -2.137  -15.944 1.00 29.45 ? 61  ASP A N   1 
ATOM   441  C CA  . ASP A 1 61  ? 0.076   -2.751  -16.776 1.00 29.79 ? 61  ASP A CA  1 
ATOM   442  C C   . ASP A 1 61  ? 0.851   -3.857  -16.057 1.00 28.51 ? 61  ASP A C   1 
ATOM   443  O O   . ASP A 1 61  ? 2.059   -3.998  -16.252 1.00 26.87 ? 61  ASP A O   1 
ATOM   444  C CB  . ASP A 1 61  ? 1.071   -1.692  -17.263 1.00 33.57 ? 61  ASP A CB  1 
ATOM   445  C CG  . ASP A 1 61  ? 0.330   -0.555  -17.931 1.00 37.93 ? 61  ASP A CG  1 
ATOM   446  O OD1 . ASP A 1 61  ? -0.385  -0.807  -18.923 1.00 41.42 ? 61  ASP A OD1 1 
ATOM   447  O OD2 . ASP A 1 61  ? 0.458   0.599   -17.465 1.00 42.47 ? 61  ASP A OD2 1 
ATOM   448  N N   . GLY A 1 62  ? 0.159   -4.638  -15.233 1.00 26.98 ? 62  GLY A N   1 
ATOM   449  C CA  . GLY A 1 62  ? 0.815   -5.715  -14.511 1.00 25.59 ? 62  GLY A CA  1 
ATOM   450  C C   . GLY A 1 62  ? 2.147   -5.331  -13.890 1.00 24.74 ? 62  GLY A C   1 
ATOM   451  O O   . GLY A 1 62  ? 2.193   -4.498  -12.987 1.00 25.82 ? 62  GLY A O   1 
ATOM   452  N N   . CYS A 1 63  ? 3.231   -5.932  -14.377 1.00 23.49 ? 63  CYS A N   1 
ATOM   453  C CA  . CYS A 1 63  ? 4.575   -5.668  -13.867 1.00 21.55 ? 63  CYS A CA  1 
ATOM   454  C C   . CYS A 1 63  ? 5.171   -4.356  -14.355 1.00 21.24 ? 63  CYS A C   1 
ATOM   455  O O   . CYS A 1 63  ? 6.275   -3.979  -13.959 1.00 19.58 ? 63  CYS A O   1 
ATOM   456  C CB  . CYS A 1 63  ? 5.520   -6.812  -14.241 1.00 21.48 ? 63  CYS A CB  1 
ATOM   457  S SG  . CYS A 1 63  ? 5.160   -8.250  -13.186 1.00 25.71 ? 63  CYS A SG  1 
ATOM   458  N N   . GLY A 1 64  ? 4.439   -3.660  -15.215 1.00 21.10 ? 64  GLY A N   1 
ATOM   459  C CA  . GLY A 1 64  ? 4.929   -2.398  -15.732 1.00 20.43 ? 64  GLY A CA  1 
ATOM   460  C C   . GLY A 1 64  ? 4.319   -1.169  -15.081 1.00 21.67 ? 64  GLY A C   1 
ATOM   461  O O   . GLY A 1 64  ? 4.542   -0.059  -15.552 1.00 22.90 ? 64  GLY A O   1 
ATOM   462  N N   . GLY A 1 65  ? 3.558   -1.355  -14.005 1.00 20.47 ? 65  GLY A N   1 
ATOM   463  C CA  . GLY A 1 65  ? 2.947   -0.220  -13.332 1.00 21.67 ? 65  GLY A CA  1 
ATOM   464  C C   . GLY A 1 65  ? 1.433   -0.311  -13.240 1.00 22.25 ? 65  GLY A C   1 
ATOM   465  O O   . GLY A 1 65  ? 0.806   -1.110  -13.944 1.00 22.93 ? 65  GLY A O   1 
ATOM   466  N N   . GLY A 1 66  ? 0.841   0.506   -12.374 1.00 21.23 ? 66  GLY A N   1 
ATOM   467  C CA  . GLY A 1 66  ? -0.603  0.495   -12.214 1.00 21.75 ? 66  GLY A CA  1 
ATOM   468  C C   . GLY A 1 66  ? -1.136  1.445   -11.156 1.00 22.68 ? 66  GLY A C   1 
ATOM   469  O O   . GLY A 1 66  ? -0.384  2.189   -10.526 1.00 22.46 ? 66  GLY A O   1 
ATOM   470  N N   . TYR A 1 67  ? -2.449  1.405   -10.955 1.00 23.55 ? 67  TYR A N   1 
ATOM   471  C CA  . TYR A 1 67  ? -3.122  2.263   -9.989  1.00 24.32 ? 67  TYR A CA  1 
ATOM   472  C C   . TYR A 1 67  ? -3.925  1.459   -8.974  1.00 25.06 ? 67  TYR A C   1 
ATOM   473  O O   . TYR A 1 67  ? -4.633  0.518   -9.338  1.00 27.53 ? 67  TYR A O   1 
ATOM   474  C CB  . TYR A 1 67  ? -4.056  3.225   -10.727 1.00 25.84 ? 67  TYR A CB  1 
ATOM   475  C CG  . TYR A 1 67  ? -3.221  4.164   -11.552 1.00 26.96 ? 67  TYR A CG  1 
ATOM   476  C CD1 . TYR A 1 67  ? -2.539  5.218   -10.956 1.00 28.61 ? 67  TYR A CD1 1 
ATOM   477  C CD2 . TYR A 1 67  ? -3.079  3.977   -12.919 1.00 28.02 ? 67  TYR A CD2 1 
ATOM   478  C CE1 . TYR A 1 67  ? -1.736  6.061   -11.698 1.00 30.98 ? 67  TYR A CE1 1 
ATOM   479  C CE2 . TYR A 1 67  ? -2.274  4.814   -13.674 1.00 30.35 ? 67  TYR A CE2 1 
ATOM   480  C CZ  . TYR A 1 67  ? -1.605  5.855   -13.056 1.00 32.53 ? 67  TYR A CZ  1 
ATOM   481  O OH  . TYR A 1 67  ? -0.789  6.689   -13.790 1.00 36.64 ? 67  TYR A OH  1 
ATOM   482  N N   . MET A 1 68  ? -3.817  1.843   -7.705  1.00 22.62 ? 68  MET A N   1 
ATOM   483  C CA  . MET A 1 68  ? -4.536  1.172   -6.627  1.00 22.33 ? 68  MET A CA  1 
ATOM   484  C C   . MET A 1 68  ? -6.046  1.280   -6.832  1.00 22.59 ? 68  MET A C   1 
ATOM   485  O O   . MET A 1 68  ? -6.785  0.330   -6.584  1.00 20.58 ? 68  MET A O   1 
ATOM   486  C CB  . MET A 1 68  ? -4.158  1.779   -5.269  1.00 20.12 ? 68  MET A CB  1 
ATOM   487  C CG  . MET A 1 68  ? -2.703  1.450   -4.932  1.00 18.88 ? 68  MET A CG  1 
ATOM   488  S SD  . MET A 1 68  ? -1.587  2.620   -5.741  1.00 19.31 ? 68  MET A SD  1 
ATOM   489  C CE  . MET A 1 68  ? -1.529  3.942   -4.510  1.00 17.62 ? 68  MET A CE  1 
ATOM   490  N N   . THR A 1 69  ? -6.502  2.444   -7.286  1.00 22.31 ? 69  THR A N   1 
ATOM   491  C CA  . THR A 1 69  ? -7.926  2.648   -7.511  1.00 22.84 ? 69  THR A CA  1 
ATOM   492  C C   . THR A 1 69  ? -8.467  1.600   -8.482  1.00 24.20 ? 69  THR A C   1 
ATOM   493  O O   . THR A 1 69  ? -9.487  0.964   -8.214  1.00 25.75 ? 69  THR A O   1 
ATOM   494  C CB  . THR A 1 69  ? -8.223  4.073   -8.070  1.00 21.54 ? 69  THR A CB  1 
ATOM   495  O OG1 . THR A 1 69  ? -7.421  4.315   -9.236  1.00 21.61 ? 69  THR A OG1 1 
ATOM   496  C CG2 . THR A 1 69  ? -7.940  5.144   -7.010  1.00 17.98 ? 69  THR A CG2 1 
ATOM   497  N N   . ASN A 1 70  ? -7.781  1.420   -9.606  1.00 24.06 ? 70  ASN A N   1 
ATOM   498  C CA  . ASN A 1 70  ? -8.212  0.440   -10.590 1.00 22.93 ? 70  ASN A CA  1 
ATOM   499  C C   . ASN A 1 70  ? -8.298  -0.927  -9.934  1.00 23.31 ? 70  ASN A C   1 
ATOM   500  O O   . ASN A 1 70  ? -9.196  -1.712  -10.233 1.00 22.78 ? 70  ASN A O   1 
ATOM   501  C CB  . ASN A 1 70  ? -7.234  0.375   -11.763 1.00 22.96 ? 70  ASN A CB  1 
ATOM   502  C CG  . ASN A 1 70  ? -7.401  1.598   -12.628 1.00 25.03 ? 70  ASN A CG  1 
ATOM   503  O OD1 . ASN A 1 70  ? -8.520  2.056   -12.865 1.00 25.22 ? 70  ASN A OD1 1 
ATOM   504  N ND2 . ASN A 1 70  ? -6.289  2.128   -13.122 1.00 25.68 ? 70  ASN A ND2 1 
ATOM   505  N N   . ALA A 1 71  ? -7.359  -1.207  -9.036  1.00 21.70 ? 71  ALA A N   1 
ATOM   506  C CA  . ALA A 1 71  ? -7.340  -2.486  -8.345  1.00 20.87 ? 71  ALA A CA  1 
ATOM   507  C C   . ALA A 1 71  ? -8.586  -2.645  -7.479  1.00 20.85 ? 71  ALA A C   1 
ATOM   508  O O   . ALA A 1 71  ? -9.261  -3.679  -7.536  1.00 22.35 ? 71  ALA A O   1 
ATOM   509  C CB  . ALA A 1 71  ? -6.083  -2.603  -7.493  1.00 17.86 ? 71  ALA A CB  1 
ATOM   510  N N   . PHE A 1 72  ? -8.892  -1.624  -6.682  1.00 19.66 ? 72  PHE A N   1 
ATOM   511  C CA  . PHE A 1 72  ? -10.064 -1.672  -5.814  1.00 21.27 ? 72  PHE A CA  1 
ATOM   512  C C   . PHE A 1 72  ? -11.342 -1.834  -6.630  1.00 21.94 ? 72  PHE A C   1 
ATOM   513  O O   . PHE A 1 72  ? -12.282 -2.500  -6.202  1.00 21.25 ? 72  PHE A O   1 
ATOM   514  C CB  . PHE A 1 72  ? -10.173 -0.402  -4.959  1.00 20.00 ? 72  PHE A CB  1 
ATOM   515  C CG  . PHE A 1 72  ? -9.010  -0.303  -4.014  1.00 21.58 ? 72  PHE A CG  1 
ATOM   516  C CD1 . PHE A 1 72  ? -8.476  -1.439  -3.429  1.00 22.37 ? 72  PHE A CD1 1 
ATOM   517  C CD2 . PHE A 1 72  ? -8.466  0.932   -3.687  1.00 21.06 ? 72  PHE A CD2 1 
ATOM   518  C CE1 . PHE A 1 72  ? -7.424  -1.344  -2.536  1.00 21.76 ? 72  PHE A CE1 1 
ATOM   519  C CE2 . PHE A 1 72  ? -7.416  1.031   -2.793  1.00 19.97 ? 72  PHE A CE2 1 
ATOM   520  C CZ  . PHE A 1 72  ? -6.895  -0.105  -2.218  1.00 21.65 ? 72  PHE A CZ  1 
ATOM   521  N N   . GLN A 1 73  ? -11.369 -1.219  -7.807  1.00 24.25 ? 73  GLN A N   1 
ATOM   522  C CA  . GLN A 1 73  ? -12.534 -1.293  -8.683  1.00 26.49 ? 73  GLN A CA  1 
ATOM   523  C C   . GLN A 1 73  ? -12.700 -2.722  -9.184  1.00 25.01 ? 73  GLN A C   1 
ATOM   524  O O   . GLN A 1 73  ? -13.809 -3.255  -9.226  1.00 26.37 ? 73  GLN A O   1 
ATOM   525  C CB  . GLN A 1 73  ? -12.355 -0.349  -9.874  1.00 29.62 ? 73  GLN A CB  1 
ATOM   526  C CG  . GLN A 1 73  ? -13.706 -0.063  -10.510 1.00 35.92 ? 73  GLN A CG  1 
ATOM   527  C CD  . GLN A 1 73  ? -13.507 0.903   -11.659 1.00 40.55 ? 73  GLN A CD  1 
ATOM   528  O OE1 . GLN A 1 73  ? -12.704 1.837   -11.569 1.00 43.90 ? 73  GLN A OE1 1 
ATOM   529  N NE2 . GLN A 1 73  ? -14.245 0.692   -12.745 1.00 41.49 ? 73  GLN A NE2 1 
ATOM   530  N N   . TYR A 1 74  ? -11.587 -3.334  -9.571  1.00 22.66 ? 74  TYR A N   1 
ATOM   531  C CA  . TYR A 1 74  ? -11.598 -4.702  -10.058 1.00 22.10 ? 74  TYR A CA  1 
ATOM   532  C C   . TYR A 1 74  ? -12.126 -5.649  -8.988  1.00 21.47 ? 74  TYR A C   1 
ATOM   533  O O   . TYR A 1 74  ? -13.038 -6.429  -9.240  1.00 21.77 ? 74  TYR A O   1 
ATOM   534  C CB  . TYR A 1 74  ? -10.186 -5.130  -10.462 1.00 22.31 ? 74  TYR A CB  1 
ATOM   535  C CG  . TYR A 1 74  ? -10.166 -6.617  -10.732 1.00 22.20 ? 74  TYR A CG  1 
ATOM   536  C CD1 . TYR A 1 74  ? -10.830 -7.155  -11.826 1.00 23.33 ? 74  TYR A CD1 1 
ATOM   537  C CD2 . TYR A 1 74  ? -9.501  -7.483  -9.881  1.00 22.96 ? 74  TYR A CD2 1 
ATOM   538  C CE1 . TYR A 1 74  ? -10.833 -8.519  -12.063 1.00 24.29 ? 74  TYR A CE1 1 
ATOM   539  C CE2 . TYR A 1 74  ? -9.496  -8.846  -10.109 1.00 23.50 ? 74  TYR A CE2 1 
ATOM   540  C CZ  . TYR A 1 74  ? -10.163 -9.361  -11.199 1.00 25.62 ? 74  TYR A CZ  1 
ATOM   541  O OH  . TYR A 1 74  ? -10.158 -10.726 -11.418 1.00 29.19 ? 74  TYR A OH  1 
ATOM   542  N N   . VAL A 1 75  ? -11.564 -5.572  -7.787  1.00 20.90 ? 75  VAL A N   1 
ATOM   543  C CA  . VAL A 1 75  ? -12.002 -6.458  -6.717  1.00 20.19 ? 75  VAL A CA  1 
ATOM   544  C C   . VAL A 1 75  ? -13.506 -6.355  -6.472  1.00 20.95 ? 75  VAL A C   1 
ATOM   545  O O   . VAL A 1 75  ? -14.169 -7.355  -6.210  1.00 20.44 ? 75  VAL A O   1 
ATOM   546  C CB  . VAL A 1 75  ? -11.255 -6.164  -5.412  1.00 18.27 ? 75  VAL A CB  1 
ATOM   547  C CG1 . VAL A 1 75  ? -11.754 -7.095  -4.306  1.00 18.24 ? 75  VAL A CG1 1 
ATOM   548  C CG2 . VAL A 1 75  ? -9.761  -6.343  -5.624  1.00 15.59 ? 75  VAL A CG2 1 
ATOM   549  N N   . GLN A 1 76  ? -14.043 -5.146  -6.560  1.00 22.38 ? 76  GLN A N   1 
ATOM   550  C CA  . GLN A 1 76  ? -15.468 -4.945  -6.352  1.00 25.46 ? 76  GLN A CA  1 
ATOM   551  C C   . GLN A 1 76  ? -16.309 -5.547  -7.480  1.00 25.76 ? 76  GLN A C   1 
ATOM   552  O O   . GLN A 1 76  ? -17.257 -6.298  -7.237  1.00 25.51 ? 76  GLN A O   1 
ATOM   553  C CB  . GLN A 1 76  ? -15.769 -3.458  -6.236  1.00 26.43 ? 76  GLN A CB  1 
ATOM   554  C CG  . GLN A 1 76  ? -17.210 -3.219  -6.611  1.00 30.22 ? 76  GLN A CG  1 
ATOM   555  C CD  . GLN A 1 76  ? -17.490 -1.745  -6.500  1.00 32.96 ? 76  GLN A CD  1 
ATOM   556  O OE1 . GLN A 1 76  ? -16.654 -0.917  -6.861  1.00 33.67 ? 76  GLN A OE1 1 
ATOM   557  N NE2 . GLN A 1 76  ? -18.674 -1.404  -6.009  1.00 33.85 ? 76  GLN A NE2 1 
ATOM   558  N N   . LYS A 1 77  ? -15.955 -5.209  -8.711  1.00 25.02 ? 77  LYS A N   1 
ATOM   559  C CA  . LYS A 1 77  ? -16.665 -5.703  -9.881  1.00 27.05 ? 77  LYS A CA  1 
ATOM   560  C C   . LYS A 1 77  ? -16.483 -7.210  -10.054 1.00 27.40 ? 77  LYS A C   1 
ATOM   561  O O   . LYS A 1 77  ? -17.331 -7.890  -10.623 1.00 27.63 ? 77  LYS A O   1 
ATOM   562  C CB  . LYS A 1 77  ? -16.147 -4.972  -11.119 1.00 29.49 ? 77  LYS A CB  1 
ATOM   563  C CG  . LYS A 1 77  ? -16.840 -5.468  -12.375 1.00 34.74 ? 77  LYS A CG  1 
ATOM   564  C CD  . LYS A 1 77  ? -16.278 -4.706  -13.582 1.00 38.70 ? 77  LYS A CD  1 
ATOM   565  C CE  . LYS A 1 77  ? -16.989 -5.141  -14.857 1.00 40.71 ? 77  LYS A CE  1 
ATOM   566  N NZ  . LYS A 1 77  ? -16.446 -4.373  -16.018 1.00 41.29 ? 77  LYS A NZ  1 
ATOM   567  N N   . ASN A 1 78  ? -15.376 -7.725  -9.535  1.00 27.95 ? 78  ASN A N   1 
ATOM   568  C CA  . ASN A 1 78  ? -15.029 -9.135  -9.651  1.00 28.22 ? 78  ASN A CA  1 
ATOM   569  C C   . ASN A 1 78  ? -15.615 -10.018 -8.553  1.00 29.50 ? 78  ASN A C   1 
ATOM   570  O O   . ASN A 1 78  ? -15.433 -11.236 -8.564  1.00 30.49 ? 78  ASN A O   1 
ATOM   571  C CB  . ASN A 1 78  ? -13.505 -9.262  -9.650  1.00 28.18 ? 78  ASN A CB  1 
ATOM   572  C CG  . ASN A 1 78  ? -13.096 -10.699 -9.858  1.00 29.95 ? 78  ASN A CG  1 
ATOM   573  O OD1 . ASN A 1 78  ? -13.317 -11.272 -10.927 1.00 29.98 ? 78  ASN A OD1 1 
ATOM   574  N ND2 . ASN A 1 78  ? -12.490 -11.296 -8.835  1.00 29.67 ? 78  ASN A ND2 1 
ATOM   575  N N   . ARG A 1 79  ? -16.306 -9.407  -7.600  1.00 29.93 ? 79  ARG A N   1 
ATOM   576  C CA  . ARG A 1 79  ? -16.898 -10.149 -6.492  1.00 30.40 ? 79  ARG A CA  1 
ATOM   577  C C   . ARG A 1 79  ? -15.840 -10.686 -5.540  1.00 30.20 ? 79  ARG A C   1 
ATOM   578  O O   . ARG A 1 79  ? -16.123 -11.576 -4.737  1.00 31.86 ? 79  ARG A O   1 
ATOM   579  C CB  . ARG A 1 79  ? -17.755 -11.301 -7.015  1.00 30.60 ? 79  ARG A CB  1 
ATOM   580  N N   . GLY A 1 80  ? -14.617 -10.168 -5.633  1.00 29.25 ? 80  GLY A N   1 
ATOM   581  C CA  . GLY A 1 80  ? -13.582 -10.622 -4.720  1.00 27.42 ? 80  GLY A CA  1 
ATOM   582  C C   . GLY A 1 80  ? -12.151 -10.783 -5.207  1.00 26.21 ? 80  GLY A C   1 
ATOM   583  O O   . GLY A 1 80  ? -11.835 -10.602 -6.384  1.00 25.63 ? 80  GLY A O   1 
ATOM   584  N N   . ILE A 1 81  ? -11.279 -11.119 -4.264  1.00 23.74 ? 81  ILE A N   1 
ATOM   585  C CA  . ILE A 1 81  ? -9.868  -11.348 -4.541  1.00 22.27 ? 81  ILE A CA  1 
ATOM   586  C C   . ILE A 1 81  ? -9.494  -12.615 -3.781  1.00 22.23 ? 81  ILE A C   1 
ATOM   587  O O   . ILE A 1 81  ? -10.000 -12.849 -2.681  1.00 22.06 ? 81  ILE A O   1 
ATOM   588  C CB  . ILE A 1 81  ? -8.984  -10.159 -4.056  1.00 19.41 ? 81  ILE A CB  1 
ATOM   589  C CG1 . ILE A 1 81  ? -7.504  -10.513 -4.197  1.00 15.18 ? 81  ILE A CG1 1 
ATOM   590  C CG2 . ILE A 1 81  ? -9.304  -9.814  -2.613  1.00 19.33 ? 81  ILE A CG2 1 
ATOM   591  C CD1 . ILE A 1 81  ? -6.640  -9.319  -3.787  1.00 11.17 ? 81  ILE A CD1 1 
ATOM   592  N N   . ASP A 1 82  ? -8.633  -13.439 -4.373  1.00 22.81 ? 82  ASP A N   1 
ATOM   593  C CA  . ASP A 1 82  ? -8.210  -14.677 -3.726  1.00 20.82 ? 82  ASP A CA  1 
ATOM   594  C C   . ASP A 1 82  ? -7.168  -14.383 -2.660  1.00 19.99 ? 82  ASP A C   1 
ATOM   595  O O   . ASP A 1 82  ? -6.759  -13.238 -2.466  1.00 19.21 ? 82  ASP A O   1 
ATOM   596  C CB  . ASP A 1 82  ? -7.604  -15.659 -4.742  1.00 22.09 ? 82  ASP A CB  1 
ATOM   597  C CG  . ASP A 1 82  ? -8.630  -16.088 -5.784  1.00 23.48 ? 82  ASP A CG  1 
ATOM   598  O OD1 . ASP A 1 82  ? -9.842  -15.999 -5.513  1.00 22.75 ? 82  ASP A OD1 1 
ATOM   599  O OD2 . ASP A 1 82  ? -8.218  -16.531 -6.878  1.00 25.71 ? 82  ASP A OD2 1 
ATOM   600  N N   . SER A 1 83  ? -6.743  -15.433 -1.973  1.00 20.60 ? 83  SER A N   1 
ATOM   601  C CA  . SER A 1 83  ? -5.728  -15.319 -0.943  1.00 21.29 ? 83  SER A CA  1 
ATOM   602  C C   . SER A 1 83  ? -4.400  -15.692 -1.591  1.00 22.48 ? 83  SER A C   1 
ATOM   603  O O   . SER A 1 83  ? -4.379  -16.324 -2.648  1.00 23.99 ? 83  SER A O   1 
ATOM   604  C CB  . SER A 1 83  ? -6.016  -16.292 0.199   1.00 20.59 ? 83  SER A CB  1 
ATOM   605  O OG  . SER A 1 83  ? -5.734  -17.614 -0.232  1.00 18.59 ? 83  SER A OG  1 
ATOM   606  N N   . GLU A 1 84  ? -3.302  -15.296 -0.957  1.00 22.45 ? 84  GLU A N   1 
ATOM   607  C CA  . GLU A 1 84  ? -1.965  -15.599 -1.451  1.00 22.14 ? 84  GLU A CA  1 
ATOM   608  C C   . GLU A 1 84  ? -1.805  -17.110 -1.608  1.00 23.23 ? 84  GLU A C   1 
ATOM   609  O O   . GLU A 1 84  ? -1.211  -17.576 -2.584  1.00 24.21 ? 84  GLU A O   1 
ATOM   610  C CB  . GLU A 1 84  ? -0.918  -15.043 -0.468  1.00 20.63 ? 84  GLU A CB  1 
ATOM   611  C CG  . GLU A 1 84  ? 0.489   -15.577 -0.754  1.00 16.70 ? 84  GLU A CG  1 
ATOM   612  C CD  . GLU A 1 84  ? 1.024   -15.095 -2.102  1.00 18.70 ? 84  GLU A CD  1 
ATOM   613  O OE1 . GLU A 1 84  ? 0.590   -14.030 -2.597  1.00 16.56 ? 84  GLU A OE1 1 
ATOM   614  O OE2 . GLU A 1 84  ? 1.903   -15.784 -2.660  1.00 19.85 ? 84  GLU A OE2 1 
ATOM   615  N N   . ASP A 1 85  ? -2.343  -17.878 -0.660  1.00 24.55 ? 85  ASP A N   1 
ATOM   616  C CA  . ASP A 1 85  ? -2.243  -19.337 -0.727  1.00 26.40 ? 85  ASP A CA  1 
ATOM   617  C C   . ASP A 1 85  ? -2.979  -19.928 -1.923  1.00 26.13 ? 85  ASP A C   1 
ATOM   618  O O   . ASP A 1 85  ? -2.520  -20.904 -2.513  1.00 28.16 ? 85  ASP A O   1 
ATOM   619  C CB  . ASP A 1 85  ? -2.773  -19.993 0.552   1.00 28.81 ? 85  ASP A CB  1 
ATOM   620  C CG  . ASP A 1 85  ? -1.694  -19.986 1.616   1.00 34.57 ? 85  ASP A CG  1 
ATOM   621  O OD1 . ASP A 1 85  ? -0.502  -20.090 1.248   1.00 36.86 ? 85  ASP A OD1 1 
ATOM   622  O OD2 . ASP A 1 85  ? -2.033  -19.892 2.820   1.00 36.61 ? 85  ASP A OD2 1 
ATOM   623  N N   . ALA A 1 86  ? -4.113  -19.333 -2.281  1.00 23.37 ? 86  ALA A N   1 
ATOM   624  C CA  . ALA A 1 86  ? -4.915  -19.812 -3.401  1.00 22.27 ? 86  ALA A CA  1 
ATOM   625  C C   . ALA A 1 86  ? -4.477  -19.266 -4.763  1.00 21.76 ? 86  ALA A C   1 
ATOM   626  O O   . ALA A 1 86  ? -4.748  -19.879 -5.794  1.00 22.87 ? 86  ALA A O   1 
ATOM   627  C CB  . ALA A 1 86  ? -6.387  -19.471 -3.163  1.00 22.26 ? 86  ALA A CB  1 
ATOM   628  N N   . TYR A 1 87  ? -3.804  -18.121 -4.772  1.00 20.02 ? 87  TYR A N   1 
ATOM   629  C CA  . TYR A 1 87  ? -3.362  -17.501 -6.024  1.00 18.08 ? 87  TYR A CA  1 
ATOM   630  C C   . TYR A 1 87  ? -1.970  -16.921 -5.762  1.00 16.38 ? 87  TYR A C   1 
ATOM   631  O O   . TYR A 1 87  ? -1.785  -15.702 -5.653  1.00 13.65 ? 87  TYR A O   1 
ATOM   632  C CB  . TYR A 1 87  ? -4.372  -16.410 -6.419  1.00 16.87 ? 87  TYR A CB  1 
ATOM   633  C CG  . TYR A 1 87  ? -4.303  -16.056 -7.898  1.00 17.69 ? 87  TYR A CG  1 
ATOM   634  C CD1 . TYR A 1 87  ? -5.444  -15.630 -8.577  1.00 18.15 ? 87  TYR A CD1 1 
ATOM   635  C CD2 . TYR A 1 87  ? -3.108  -16.116 -8.606  1.00 16.68 ? 87  TYR A CD2 1 
ATOM   636  C CE1 . TYR A 1 87  ? -5.399  -15.277 -9.915  1.00 15.92 ? 87  TYR A CE1 1 
ATOM   637  C CE2 . TYR A 1 87  ? -3.053  -15.762 -9.945  1.00 16.34 ? 87  TYR A CE2 1 
ATOM   638  C CZ  . TYR A 1 87  ? -4.203  -15.346 -10.595 1.00 16.54 ? 87  TYR A CZ  1 
ATOM   639  O OH  . TYR A 1 87  ? -4.160  -15.017 -11.935 1.00 16.98 ? 87  TYR A OH  1 
ATOM   640  N N   . PRO A 1 88  ? -0.976  -17.816 -5.646  1.00 15.83 ? 88  PRO A N   1 
ATOM   641  C CA  . PRO A 1 88  ? 0.454   -17.621 -5.390  1.00 17.02 ? 88  PRO A CA  1 
ATOM   642  C C   . PRO A 1 88  ? 1.130   -16.543 -6.218  1.00 19.01 ? 88  PRO A C   1 
ATOM   643  O O   . PRO A 1 88  ? 0.849   -16.380 -7.406  1.00 20.04 ? 88  PRO A O   1 
ATOM   644  C CB  . PRO A 1 88  ? 1.034   -18.997 -5.668  1.00 16.23 ? 88  PRO A CB  1 
ATOM   645  C CG  . PRO A 1 88  ? -0.027  -19.949 -5.392  1.00 17.63 ? 88  PRO A CG  1 
ATOM   646  C CD  . PRO A 1 88  ? -1.258  -19.236 -5.938  1.00 17.31 ? 88  PRO A CD  1 
ATOM   647  N N   . TYR A 1 89  ? 2.037   -15.814 -5.575  1.00 19.34 ? 89  TYR A N   1 
ATOM   648  C CA  . TYR A 1 89  ? 2.784   -14.754 -6.238  1.00 19.43 ? 89  TYR A CA  1 
ATOM   649  C C   . TYR A 1 89  ? 3.927   -15.385 -7.025  1.00 20.85 ? 89  TYR A C   1 
ATOM   650  O O   . TYR A 1 89  ? 4.672   -16.206 -6.481  1.00 20.72 ? 89  TYR A O   1 
ATOM   651  C CB  . TYR A 1 89  ? 3.365   -13.789 -5.207  1.00 16.53 ? 89  TYR A CB  1 
ATOM   652  C CG  . TYR A 1 89  ? 4.029   -12.648 -5.939  1.00 14.15 ? 89  TYR A CG  1 
ATOM   653  C CD1 . TYR A 1 89  ? 3.280   -11.773 -6.701  1.00 11.49 ? 89  TYR A CD1 1 
ATOM   654  C CD2 . TYR A 1 89  ? 5.399   -12.428 -5.842  1.00 13.66 ? 89  TYR A CD2 1 
ATOM   655  C CE1 . TYR A 1 89  ? 3.868   -10.705 -7.342  1.00 13.15 ? 89  TYR A CE1 1 
ATOM   656  C CE2 . TYR A 1 89  ? 6.001   -11.353 -6.482  1.00 11.71 ? 89  TYR A CE2 1 
ATOM   657  C CZ  . TYR A 1 89  ? 5.226   -10.496 -7.228  1.00 12.15 ? 89  TYR A CZ  1 
ATOM   658  O OH  . TYR A 1 89  ? 5.786   -9.405  -7.851  1.00 13.48 ? 89  TYR A OH  1 
ATOM   659  N N   . VAL A 1 90  ? 4.074   -14.999 -8.291  1.00 20.60 ? 90  VAL A N   1 
ATOM   660  C CA  . VAL A 1 90  ? 5.134   -15.558 -9.125  1.00 23.20 ? 90  VAL A CA  1 
ATOM   661  C C   . VAL A 1 90  ? 6.105   -14.526 -9.682  1.00 24.06 ? 90  VAL A C   1 
ATOM   662  O O   . VAL A 1 90  ? 6.999   -14.865 -10.455 1.00 25.12 ? 90  VAL A O   1 
ATOM   663  C CB  . VAL A 1 90  ? 4.553   -16.399 -10.300 1.00 22.90 ? 90  VAL A CB  1 
ATOM   664  C CG1 . VAL A 1 90  ? 3.972   -17.692 -9.765  1.00 23.96 ? 90  VAL A CG1 1 
ATOM   665  C CG2 . VAL A 1 90  ? 3.481   -15.623 -11.028 1.00 23.76 ? 90  VAL A CG2 1 
ATOM   666  N N   . GLY A 1 91  ? 5.929   -13.268 -9.295  1.00 24.89 ? 91  GLY A N   1 
ATOM   667  C CA  . GLY A 1 91  ? 6.832   -12.225 -9.751  1.00 26.25 ? 91  GLY A CA  1 
ATOM   668  C C   . GLY A 1 91  ? 6.836   -11.916 -11.235 1.00 27.71 ? 91  GLY A C   1 
ATOM   669  O O   . GLY A 1 91  ? 7.767   -11.275 -11.735 1.00 27.57 ? 91  GLY A O   1 
ATOM   670  N N   . GLN A 1 92  ? 5.811   -12.368 -11.948 1.00 28.81 ? 92  GLN A N   1 
ATOM   671  C CA  . GLN A 1 92  ? 5.706   -12.107 -13.376 1.00 30.61 ? 92  GLN A CA  1 
ATOM   672  C C   . GLN A 1 92  ? 4.248   -12.257 -13.782 1.00 30.32 ? 92  GLN A C   1 
ATOM   673  O O   . GLN A 1 92  ? 3.532   -13.100 -13.249 1.00 30.93 ? 92  GLN A O   1 
ATOM   674  C CB  . GLN A 1 92  ? 6.599   -13.074 -14.161 1.00 33.93 ? 92  GLN A CB  1 
ATOM   675  C CG  . GLN A 1 92  ? 6.118   -14.504 -14.011 1.00 38.85 ? 92  GLN A CG  1 
ATOM   676  C CD  . GLN A 1 92  ? 7.071   -15.430 -14.755 1.00 43.39 ? 92  GLN A CD  1 
ATOM   677  O OE1 . GLN A 1 92  ? 8.009   -14.977 -15.417 1.00 45.82 ? 92  GLN A OE1 1 
ATOM   678  N NE2 . GLN A 1 92  ? 6.830   -16.736 -14.653 1.00 43.67 ? 92  GLN A NE2 1 
ATOM   679  N N   . GLU A 1 93  ? 3.817   -11.429 -14.723 1.00 30.31 ? 93  GLU A N   1 
ATOM   680  C CA  . GLU A 1 93  ? 2.439   -11.428 -15.194 1.00 30.25 ? 93  GLU A CA  1 
ATOM   681  C C   . GLU A 1 93  ? 2.017   -12.629 -16.034 1.00 29.27 ? 93  GLU A C   1 
ATOM   682  O O   . GLU A 1 93  ? 2.692   -12.992 -16.995 1.00 29.29 ? 93  GLU A O   1 
ATOM   683  C CB  . GLU A 1 93  ? 2.192   -10.147 -15.977 1.00 32.10 ? 93  GLU A CB  1 
ATOM   684  C CG  . GLU A 1 93  ? 0.824   -10.197 -16.611 1.00 35.53 ? 93  GLU A CG  1 
ATOM   685  C CD  . GLU A 1 93  ? 0.490   -8.822  -17.127 1.00 37.33 ? 93  GLU A CD  1 
ATOM   686  O OE1 . GLU A 1 93  ? 1.373   -8.193  -17.752 1.00 39.30 ? 93  GLU A OE1 1 
ATOM   687  O OE2 . GLU A 1 93  ? -0.653  -8.370  -16.907 1.00 39.76 ? 93  GLU A OE2 1 
ATOM   688  N N   . GLU A 1 94  ? 0.884   -13.227 -15.679 1.00 27.56 ? 94  GLU A N   1 
ATOM   689  C CA  . GLU A 1 94  ? 0.368   -14.391 -16.399 1.00 27.16 ? 94  GLU A CA  1 
ATOM   690  C C   . GLU A 1 94  ? -1.125  -14.250 -16.692 1.00 25.65 ? 94  GLU A C   1 
ATOM   691  O O   . GLU A 1 94  ? -1.726  -13.207 -16.440 1.00 24.32 ? 94  GLU A O   1 
ATOM   692  C CB  . GLU A 1 94  ? 0.594   -15.667 -15.580 1.00 27.69 ? 94  GLU A CB  1 
ATOM   693  C CG  . GLU A 1 94  ? 2.013   -15.689 -15.023 1.00 29.00 ? 94  GLU A CG  1 
ATOM   694  C CD  . GLU A 1 94  ? 2.268   -17.004 -14.297 1.00 29.98 ? 94  GLU A CD  1 
ATOM   695  O OE1 . GLU A 1 94  ? 1.406   -17.435 -13.498 1.00 32.93 ? 94  GLU A OE1 1 
ATOM   696  O OE2 . GLU A 1 94  ? 3.340   -17.608 -14.518 1.00 32.26 ? 94  GLU A OE2 1 
ATOM   697  N N   . SER A 1 95  ? -1.720  -15.312 -17.223 1.00 25.11 ? 95  SER A N   1 
ATOM   698  C CA  . SER A 1 95  ? -3.146  -15.304 -17.535 1.00 26.18 ? 95  SER A CA  1 
ATOM   699  C C   . SER A 1 95  ? -3.988  -15.129 -16.287 1.00 24.00 ? 95  SER A C   1 
ATOM   700  O O   . SER A 1 95  ? -3.682  -15.686 -15.237 1.00 22.18 ? 95  SER A O   1 
ATOM   701  C CB  . SER A 1 95  ? -3.566  -16.617 -18.203 1.00 27.79 ? 95  SER A CB  1 
ATOM   702  O OG  . SER A 1 95  ? -3.051  -16.673 -19.518 1.00 35.68 ? 95  SER A OG  1 
ATOM   703  N N   . CYS A 1 96  ? -5.058  -14.357 -16.406 1.00 24.21 ? 96  CYS A N   1 
ATOM   704  C CA  . CYS A 1 96  ? -5.949  -14.162 -15.282 1.00 24.27 ? 96  CYS A CA  1 
ATOM   705  C C   . CYS A 1 96  ? -6.591  -15.525 -15.028 1.00 24.75 ? 96  CYS A C   1 
ATOM   706  O O   . CYS A 1 96  ? -7.314  -16.035 -15.877 1.00 23.67 ? 96  CYS A O   1 
ATOM   707  C CB  . CYS A 1 96  ? -7.029  -13.129 -15.623 1.00 23.32 ? 96  CYS A CB  1 
ATOM   708  S SG  . CYS A 1 96  ? -8.131  -12.946 -14.180 1.00 22.67 ? 96  CYS A SG  1 
ATOM   709  N N   . MET A 1 97  ? -6.299  -16.121 -13.875 1.00 26.97 ? 97  MET A N   1 
ATOM   710  C CA  . MET A 1 97  ? -6.861  -17.417 -13.523 1.00 29.99 ? 97  MET A CA  1 
ATOM   711  C C   . MET A 1 97  ? -8.010  -17.299 -12.529 1.00 29.25 ? 97  MET A C   1 
ATOM   712  O O   . MET A 1 97  ? -7.964  -16.506 -11.590 1.00 28.74 ? 97  MET A O   1 
ATOM   713  C CB  . MET A 1 97  ? -5.779  -18.335 -12.951 1.00 35.80 ? 97  MET A CB  1 
ATOM   714  C CG  . MET A 1 97  ? -4.825  -18.720 -14.074 1.00 44.96 ? 97  MET A CG  1 
ATOM   715  S SD  . MET A 1 97  ? -3.619  -19.926 -13.480 1.00 56.03 ? 97  MET A SD  1 
ATOM   716  C CE  . MET A 1 97  ? -2.363  -18.840 -12.746 1.00 51.22 ? 97  MET A CE  1 
ATOM   717  N N   . TYR A 1 98  ? -9.044  -18.099 -12.758 1.00 28.47 ? 98  TYR A N   1 
ATOM   718  C CA  . TYR A 1 98  ? -10.230 -18.116 -11.918 1.00 27.62 ? 98  TYR A CA  1 
ATOM   719  C C   . TYR A 1 98  ? -10.211 -19.323 -10.985 1.00 29.42 ? 98  TYR A C   1 
ATOM   720  O O   . TYR A 1 98  ? -10.016 -20.460 -11.425 1.00 29.10 ? 98  TYR A O   1 
ATOM   721  C CB  . TYR A 1 98  ? -11.456 -18.167 -12.819 1.00 27.51 ? 98  TYR A CB  1 
ATOM   722  C CG  . TYR A 1 98  ? -12.700 -18.386 -12.004 1.00 27.17 ? 98  TYR A CG  1 
ATOM   723  C CD1 . TYR A 1 98  ? -13.565 -19.427 -12.310 1.00 25.38 ? 98  TYR A CD1 1 
ATOM   724  C CD2 . TYR A 1 98  ? -13.034 -17.535 -10.959 1.00 25.79 ? 98  TYR A CD2 1 
ATOM   725  C CE1 . TYR A 1 98  ? -14.725 -19.619 -11.610 1.00 24.02 ? 98  TYR A CE1 1 
ATOM   726  C CE2 . TYR A 1 98  ? -14.205 -17.719 -10.246 1.00 27.96 ? 98  TYR A CE2 1 
ATOM   727  C CZ  . TYR A 1 98  ? -15.049 -18.770 -10.585 1.00 26.65 ? 98  TYR A CZ  1 
ATOM   728  O OH  . TYR A 1 98  ? -16.234 -18.962 -9.919  1.00 27.50 ? 98  TYR A OH  1 
ATOM   729  N N   . ASN A 1 99  ? -10.399 -19.075 -9.694  1.00 31.61 ? 99  ASN A N   1 
ATOM   730  C CA  . ASN A 1 99  ? -10.407 -20.148 -8.705  1.00 33.26 ? 99  ASN A CA  1 
ATOM   731  C C   . ASN A 1 99  ? -11.716 -20.078 -7.927  1.00 33.82 ? 99  ASN A C   1 
ATOM   732  O O   . ASN A 1 99  ? -11.893 -19.190 -7.090  1.00 34.97 ? 99  ASN A O   1 
ATOM   733  C CB  . ASN A 1 99  ? -9.209  -19.992 -7.755  1.00 33.42 ? 99  ASN A CB  1 
ATOM   734  N N   . PRO A 1 100 ? -12.647 -21.013 -8.195  1.00 34.41 ? 100 PRO A N   1 
ATOM   735  C CA  . PRO A 1 100 ? -13.964 -21.092 -7.546  1.00 34.70 ? 100 PRO A CA  1 
ATOM   736  C C   . PRO A 1 100 ? -13.966 -20.937 -6.027  1.00 35.88 ? 100 PRO A C   1 
ATOM   737  O O   . PRO A 1 100 ? -14.821 -20.249 -5.461  1.00 37.07 ? 100 PRO A O   1 
ATOM   738  C CB  . PRO A 1 100 ? -14.473 -22.455 -7.985  1.00 33.53 ? 100 PRO A CB  1 
ATOM   739  C CG  . PRO A 1 100 ? -13.839 -22.711 -9.302  1.00 32.11 ? 100 PRO A CG  1 
ATOM   740  C CD  . PRO A 1 100 ? -12.422 -22.181 -9.072  1.00 31.93 ? 100 PRO A CD  1 
ATOM   741  N N   . THR A 1 101 ? -13.000 -21.559 -5.368  1.00 36.90 ? 101 THR A N   1 
ATOM   742  C CA  . THR A 1 101 ? -12.919 -21.496 -3.914  1.00 37.31 ? 101 THR A CA  1 
ATOM   743  C C   . THR A 1 101 ? -11.781 -20.595 -3.419  1.00 37.73 ? 101 THR A C   1 
ATOM   744  O O   . THR A 1 101 ? -11.302 -20.749 -2.300  1.00 37.66 ? 101 THR A O   1 
ATOM   745  C CB  . THR A 1 101 ? -12.715 -22.908 -3.349  1.00 37.27 ? 101 THR A CB  1 
ATOM   746  O OG1 . THR A 1 101 ? -11.408 -23.380 -3.692  1.00 37.06 ? 101 THR A OG1 1 
ATOM   747  C CG2 . THR A 1 101 ? -13.742 -23.867 -3.939  1.00 38.85 ? 101 THR A CG2 1 
ATOM   748  N N   . GLY A 1 102 ? -11.361 -19.637 -4.240  1.00 38.23 ? 102 GLY A N   1 
ATOM   749  C CA  . GLY A 1 102 ? -10.254 -18.783 -3.843  1.00 37.61 ? 102 GLY A CA  1 
ATOM   750  C C   . GLY A 1 102 ? -10.505 -17.433 -3.186  1.00 37.66 ? 102 GLY A C   1 
ATOM   751  O O   . GLY A 1 102 ? -9.601  -16.918 -2.516  1.00 37.39 ? 102 GLY A O   1 
ATOM   752  N N   . LYS A 1 103 ? -11.692 -16.845 -3.350  1.00 35.61 ? 103 LYS A N   1 
ATOM   753  C CA  . LYS A 1 103 ? -11.933 -15.532 -2.754  1.00 33.75 ? 103 LYS A CA  1 
ATOM   754  C C   . LYS A 1 103 ? -11.783 -15.515 -1.232  1.00 30.33 ? 103 LYS A C   1 
ATOM   755  O O   . LYS A 1 103 ? -12.397 -16.305 -0.519  1.00 29.85 ? 103 LYS A O   1 
ATOM   756  C CB  . LYS A 1 103 ? -13.303 -14.985 -3.165  1.00 35.69 ? 103 LYS A CB  1 
ATOM   757  C CG  . LYS A 1 103 ? -14.384 -15.994 -2.890  1.00 41.87 ? 103 LYS A CG  1 
ATOM   758  C CD  . LYS A 1 103 ? -15.733 -15.391 -3.279  1.00 44.84 ? 103 LYS A CD  1 
ATOM   759  C CE  . LYS A 1 103 ? -16.851 -16.379 -2.951  1.00 47.09 ? 103 LYS A CE  1 
ATOM   760  N NZ  . LYS A 1 103 ? -18.176 -15.783 -3.307  1.00 48.25 ? 103 LYS A NZ  1 
ATOM   761  N N   . ALA A 1 104 ? -10.948 -14.601 -0.749  1.00 26.26 ? 104 ALA A N   1 
ATOM   762  C CA  . ALA A 1 104 ? -10.678 -14.470 0.675   1.00 23.58 ? 104 ALA A CA  1 
ATOM   763  C C   . ALA A 1 104 ? -11.132 -13.124 1.222   1.00 21.42 ? 104 ALA A C   1 
ATOM   764  O O   . ALA A 1 104 ? -11.203 -12.928 2.432   1.00 20.96 ? 104 ALA A O   1 
ATOM   765  C CB  . ALA A 1 104 ? -9.188  -14.659 0.933   1.00 19.93 ? 104 ALA A CB  1 
ATOM   766  N N   . ALA A 1 105 ? -11.426 -12.192 0.326   1.00 21.77 ? 105 ALA A N   1 
ATOM   767  C CA  . ALA A 1 105 ? -11.867 -10.863 0.733   1.00 21.64 ? 105 ALA A CA  1 
ATOM   768  C C   . ALA A 1 105 ? -12.769 -10.225 -0.316  1.00 21.31 ? 105 ALA A C   1 
ATOM   769  O O   . ALA A 1 105 ? -12.853 -10.697 -1.452  1.00 20.14 ? 105 ALA A O   1 
ATOM   770  C CB  . ALA A 1 105 ? -10.656 -9.969  0.996   1.00 19.58 ? 105 ALA A CB  1 
ATOM   771  N N   . LYS A 1 106 ? -13.442 -9.147  0.077   1.00 22.15 ? 106 LYS A N   1 
ATOM   772  C CA  . LYS A 1 106 ? -14.338 -8.429  -0.819  1.00 23.19 ? 106 LYS A CA  1 
ATOM   773  C C   . LYS A 1 106 ? -14.094 -6.932  -0.806  1.00 22.99 ? 106 LYS A C   1 
ATOM   774  O O   . LYS A 1 106 ? -13.352 -6.413  0.027   1.00 23.17 ? 106 LYS A O   1 
ATOM   775  C CB  . LYS A 1 106 ? -15.794 -8.709  -0.461  1.00 25.86 ? 106 LYS A CB  1 
ATOM   776  C CG  . LYS A 1 106 ? -16.128 -10.127 -0.872  1.00 29.49 ? 106 LYS A CG  1 
ATOM   777  C CD  . LYS A 1 106 ? -17.618 -10.322 -0.792  1.00 32.27 ? 106 LYS A CD  1 
ATOM   778  C CE  . LYS A 1 106 ? -17.979 -11.698 -1.310  1.00 34.10 ? 106 LYS A CE  1 
ATOM   779  N NZ  . LYS A 1 106 ? -19.450 -11.893 -1.167  1.00 37.85 ? 106 LYS A NZ  1 
ATOM   780  N N   . CYS A 1 107 ? -14.736 -6.238  -1.736  1.00 23.76 ? 107 CYS A N   1 
ATOM   781  C CA  . CYS A 1 107 ? -14.580 -4.801  -1.855  1.00 23.93 ? 107 CYS A CA  1 
ATOM   782  C C   . CYS A 1 107 ? -15.852 -4.147  -2.389  1.00 25.95 ? 107 CYS A C   1 
ATOM   783  O O   . CYS A 1 107 ? -16.383 -4.572  -3.413  1.00 28.34 ? 107 CYS A O   1 
ATOM   784  C CB  . CYS A 1 107 ? -13.411 -4.506  -2.795  1.00 22.38 ? 107 CYS A CB  1 
ATOM   785  S SG  . CYS A 1 107 ? -13.225 -2.739  -3.003  1.00 21.11 ? 107 CYS A SG  1 
ATOM   786  N N   . ARG A 1 108 ? -16.327 -3.111  -1.697  1.00 27.90 ? 108 ARG A N   1 
ATOM   787  C CA  . ARG A 1 108 ? -17.536 -2.377  -2.101  1.00 29.16 ? 108 ARG A CA  1 
ATOM   788  C C   . ARG A 1 108 ? -17.172 -1.053  -2.775  1.00 27.66 ? 108 ARG A C   1 
ATOM   789  O O   . ARG A 1 108 ? -17.959 -0.108  -2.768  1.00 28.47 ? 108 ARG A O   1 
ATOM   790  C CB  . ARG A 1 108 ? -18.414 -2.059  -0.883  1.00 30.32 ? 108 ARG A CB  1 
ATOM   791  C CG  . ARG A 1 108 ? -18.928 -3.334  -0.219  1.00 34.98 ? 108 ARG A CG  1 
ATOM   792  C CD  . ARG A 1 108 ? -19.544 -2.962  1.124   1.00 36.51 ? 108 ARG A CD  1 
ATOM   793  N NE  . ARG A 1 108 ? -20.659 -2.047  0.898   1.00 40.80 ? 108 ARG A NE  1 
ATOM   794  C CZ  . ARG A 1 108 ? -21.170 -1.238  1.822   1.00 43.11 ? 108 ARG A CZ  1 
ATOM   795  N NH1 . ARG A 1 108 ? -20.666 -1.217  3.051   1.00 43.46 ? 108 ARG A NH1 1 
ATOM   796  N NH2 . ARG A 1 108 ? -22.197 -0.451  1.517   1.00 44.10 ? 108 ARG A NH2 1 
ATOM   797  N N   . GLY A 1 109 ? -15.978 -0.974  -3.344  1.00 25.57 ? 109 GLY A N   1 
ATOM   798  C CA  . GLY A 1 109 ? -15.564 0.261   -3.985  1.00 24.45 ? 109 GLY A CA  1 
ATOM   799  C C   . GLY A 1 109 ? -14.395 0.885   -3.248  1.00 23.32 ? 109 GLY A C   1 
ATOM   800  O O   . GLY A 1 109 ? -13.626 0.183   -2.598  1.00 23.07 ? 109 GLY A O   1 
ATOM   801  N N   . TYR A 1 110 ? -14.250 2.201   -3.339  1.00 22.32 ? 110 TYR A N   1 
ATOM   802  C CA  . TYR A 1 110 ? -13.147 2.857   -2.653  1.00 22.08 ? 110 TYR A CA  1 
ATOM   803  C C   . TYR A 1 110 ? -13.351 4.359   -2.493  1.00 22.27 ? 110 TYR A C   1 
ATOM   804  O O   . TYR A 1 110 ? -14.294 4.940   -3.026  1.00 20.78 ? 110 TYR A O   1 
ATOM   805  C CB  . TYR A 1 110 ? -11.832 2.610   -3.402  1.00 20.40 ? 110 TYR A CB  1 
ATOM   806  C CG  . TYR A 1 110 ? -11.915 3.284   -4.753  1.00 20.80 ? 110 TYR A CG  1 
ATOM   807  C CD1 . TYR A 1 110 ? -12.592 2.687   -5.815  1.00 20.09 ? 110 TYR A CD1 1 
ATOM   808  C CD2 . TYR A 1 110 ? -11.364 4.543   -4.955  1.00 20.00 ? 110 TYR A CD2 1 
ATOM   809  C CE1 . TYR A 1 110 ? -12.716 3.327   -7.037  1.00 17.72 ? 110 TYR A CE1 1 
ATOM   810  C CE2 . TYR A 1 110 ? -11.487 5.192   -6.174  1.00 20.02 ? 110 TYR A CE2 1 
ATOM   811  C CZ  . TYR A 1 110 ? -12.162 4.579   -7.211  1.00 19.41 ? 110 TYR A CZ  1 
ATOM   812  O OH  . TYR A 1 110 ? -12.270 5.220   -8.429  1.00 20.58 ? 110 TYR A OH  1 
ATOM   813  N N   . ARG A 1 111 ? -12.446 4.981   -1.750  1.00 22.56 ? 111 ARG A N   1 
ATOM   814  C CA  . ARG A 1 111 ? -12.496 6.418   -1.530  1.00 23.79 ? 111 ARG A CA  1 
ATOM   815  C C   . ARG A 1 111 ? -11.098 6.988   -1.745  1.00 22.61 ? 111 ARG A C   1 
ATOM   816  O O   . ARG A 1 111 ? -10.095 6.319   -1.488  1.00 20.83 ? 111 ARG A O   1 
ATOM   817  C CB  . ARG A 1 111 ? -12.973 6.734   -0.106  1.00 25.61 ? 111 ARG A CB  1 
ATOM   818  C CG  . ARG A 1 111 ? -14.444 6.362   0.041   1.00 29.47 ? 111 ARG A CG  1 
ATOM   819  C CD  . ARG A 1 111 ? -15.287 7.230   -0.886  1.00 33.59 ? 111 ARG A CD  1 
ATOM   820  N NE  . ARG A 1 111 ? -16.645 6.703   -0.928  1.00 37.66 ? 111 ARG A NE  1 
ATOM   821  C CZ  . ARG A 1 111 ? -17.580 7.105   -1.784  1.00 39.45 ? 111 ARG A CZ  1 
ATOM   822  N NH1 . ARG A 1 111 ? -17.307 8.045   -2.677  1.00 41.09 ? 111 ARG A NH1 1 
ATOM   823  N NH2 . ARG A 1 111 ? -18.790 6.560   -1.750  1.00 38.66 ? 111 ARG A NH2 1 
ATOM   824  N N   . GLU A 1 112 ? -11.041 8.221   -2.232  1.00 22.08 ? 112 GLU A N   1 
ATOM   825  C CA  . GLU A 1 112 ? -9.771  8.881   -2.463  1.00 24.21 ? 112 GLU A CA  1 
ATOM   826  C C   . GLU A 1 112 ? -9.576  9.981   -1.432  1.00 23.78 ? 112 GLU A C   1 
ATOM   827  O O   . GLU A 1 112 ? -10.542 10.578  -0.965  1.00 24.36 ? 112 GLU A O   1 
ATOM   828  C CB  . GLU A 1 112 ? -9.724  9.477   -3.872  1.00 25.07 ? 112 GLU A CB  1 
ATOM   829  C CG  . GLU A 1 112 ? -9.724  8.346   -4.889  1.00 29.71 ? 112 GLU A CG  1 
ATOM   830  C CD  . GLU A 1 112 ? -9.568  8.918   -6.282  1.00 32.59 ? 112 GLU A CD  1 
ATOM   831  O OE1 . GLU A 1 112 ? -10.461 9.673   -6.715  1.00 33.86 ? 112 GLU A OE1 1 
ATOM   832  O OE2 . GLU A 1 112 ? -8.546  8.620   -6.941  1.00 35.97 ? 112 GLU A OE2 1 
ATOM   833  N N   . ILE A 1 113 ? -8.324  10.226  -1.061  1.00 23.27 ? 113 ILE A N   1 
ATOM   834  C CA  . ILE A 1 113 ? -8.016  11.275  -0.100  1.00 23.69 ? 113 ILE A CA  1 
ATOM   835  C C   . ILE A 1 113 ? -7.874  12.572  -0.888  1.00 23.86 ? 113 ILE A C   1 
ATOM   836  O O   . ILE A 1 113 ? -7.273  12.589  -1.966  1.00 24.69 ? 113 ILE A O   1 
ATOM   837  C CB  . ILE A 1 113 ? -6.679  11.012  0.630   1.00 23.14 ? 113 ILE A CB  1 
ATOM   838  C CG1 . ILE A 1 113 ? -6.749  9.702   1.413   1.00 24.03 ? 113 ILE A CG1 1 
ATOM   839  C CG2 . ILE A 1 113 ? -6.353  12.173  1.550   1.00 24.94 ? 113 ILE A CG2 1 
ATOM   840  C CD1 . ILE A 1 113 ? -7.870  9.769   2.390   1.00 25.16 ? 113 ILE A CD1 1 
ATOM   841  N N   . PRO A 1 114 ? -8.447  13.669  -0.378  1.00 22.27 ? 114 PRO A N   1 
ATOM   842  C CA  . PRO A 1 114 ? -8.332  14.942  -1.097  1.00 22.37 ? 114 PRO A CA  1 
ATOM   843  C C   . PRO A 1 114 ? -6.858  15.217  -1.410  1.00 22.65 ? 114 PRO A C   1 
ATOM   844  O O   . PRO A 1 114 ? -6.008  15.217  -0.517  1.00 20.95 ? 114 PRO A O   1 
ATOM   845  C CB  . PRO A 1 114 ? -8.938  15.922  -0.114  1.00 21.98 ? 114 PRO A CB  1 
ATOM   846  C CG  . PRO A 1 114 ? -9.994  15.142  0.598   1.00 22.76 ? 114 PRO A CG  1 
ATOM   847  C CD  . PRO A 1 114 ? -9.306  13.797  0.815   1.00 22.37 ? 114 PRO A CD  1 
ATOM   848  N N   . GLU A 1 115 ? -6.569  15.429  -2.690  1.00 23.39 ? 115 GLU A N   1 
ATOM   849  C CA  . GLU A 1 115 ? -5.207  15.657  -3.168  1.00 24.90 ? 115 GLU A CA  1 
ATOM   850  C C   . GLU A 1 115 ? -4.371  16.640  -2.348  1.00 24.18 ? 115 GLU A C   1 
ATOM   851  O O   . GLU A 1 115 ? -4.769  17.784  -2.119  1.00 23.72 ? 115 GLU A O   1 
ATOM   852  C CB  . GLU A 1 115 ? -5.242  16.116  -4.630  1.00 26.81 ? 115 GLU A CB  1 
ATOM   853  C CG  . GLU A 1 115 ? -3.880  15.874  -5.266  1.00 32.04 ? 115 GLU A CG  1 
ATOM   854  C CD  . GLU A 1 115 ? -3.834  16.498  -6.653  1.00 35.82 ? 115 GLU A CD  1 
ATOM   855  O OE1 . GLU A 1 115 ? -4.799  16.329  -7.430  1.00 37.79 ? 115 GLU A OE1 1 
ATOM   856  O OE2 . GLU A 1 115 ? -2.821  17.155  -6.972  1.00 39.71 ? 115 GLU A OE2 1 
ATOM   857  N N   . GLY A 1 116 ? -3.205  16.173  -1.912  1.00 23.26 ? 116 GLY A N   1 
ATOM   858  C CA  . GLY A 1 116 ? -2.296  17.002  -1.141  1.00 22.45 ? 116 GLY A CA  1 
ATOM   859  C C   . GLY A 1 116 ? -2.666  17.299  0.302   1.00 22.78 ? 116 GLY A C   1 
ATOM   860  O O   . GLY A 1 116 ? -1.886  17.940  1.006   1.00 21.47 ? 116 GLY A O   1 
ATOM   861  N N   . ASN A 1 117 ? -3.835  16.838  0.749   1.00 22.46 ? 117 ASN A N   1 
ATOM   862  C CA  . ASN A 1 117 ? -4.286  17.085  2.117   1.00 23.19 ? 117 ASN A CA  1 
ATOM   863  C C   . ASN A 1 117 ? -3.726  16.064  3.105   1.00 24.00 ? 117 ASN A C   1 
ATOM   864  O O   . ASN A 1 117 ? -4.254  14.960  3.226   1.00 24.60 ? 117 ASN A O   1 
ATOM   865  C CB  . ASN A 1 117 ? -5.820  17.052  2.189   1.00 21.34 ? 117 ASN A CB  1 
ATOM   866  C CG  . ASN A 1 117 ? -6.290  17.749  3.466   1.00 22.35 ? 117 ASN A CG  1 
ATOM   867  O OD1 . ASN A 1 117 ? -5.723  17.556  4.548   1.00 22.10 ? 117 ASN A OD1 1 
ATOM   868  N ND2 . ASN A 1 117 ? -7.338  18.553  3.345   1.00 18.19 ? 117 ASN A ND2 1 
ATOM   869  N N   . GLU A 1 118 ? -2.678  16.447  3.829   1.00 25.02 ? 118 GLU A N   1 
ATOM   870  C CA  . GLU A 1 118 ? -2.068  15.551  4.803   1.00 25.27 ? 118 GLU A CA  1 
ATOM   871  C C   . GLU A 1 118 ? -2.912  15.344  6.060   1.00 26.39 ? 118 GLU A C   1 
ATOM   872  O O   . GLU A 1 118 ? -2.758  14.331  6.746   1.00 27.39 ? 118 GLU A O   1 
ATOM   873  C CB  . GLU A 1 118 ? -0.673  16.050  5.187   1.00 23.57 ? 118 GLU A CB  1 
ATOM   874  C CG  . GLU A 1 118 ? 0.329   15.629  4.112   1.00 23.61 ? 118 GLU A CG  1 
ATOM   875  C CD  . GLU A 1 118 ? 1.739   15.941  4.579   1.00 24.74 ? 118 GLU A CD  1 
ATOM   876  O OE1 . GLU A 1 118 ? 2.120   17.133  4.571   1.00 26.72 ? 118 GLU A OE1 1 
ATOM   877  O OE2 . GLU A 1 118 ? 2.464   14.999  4.970   1.00 21.17 ? 118 GLU A OE2 1 
ATOM   878  N N   . LYS A 1 119 ? -3.793  16.293  6.368   1.00 27.21 ? 119 LYS A N   1 
ATOM   879  C CA  . LYS A 1 119 ? -4.651  16.160  7.549   1.00 28.65 ? 119 LYS A CA  1 
ATOM   880  C C   . LYS A 1 119 ? -5.750  15.156  7.223   1.00 27.36 ? 119 LYS A C   1 
ATOM   881  O O   . LYS A 1 119 ? -6.140  14.342  8.060   1.00 26.16 ? 119 LYS A O   1 
ATOM   882  C CB  . LYS A 1 119 ? -5.270  17.513  7.933   1.00 31.51 ? 119 LYS A CB  1 
ATOM   883  C CG  . LYS A 1 119 ? -4.165  18.482  8.346   1.00 37.05 ? 119 LYS A CG  1 
ATOM   884  C CD  . LYS A 1 119 ? -4.753  19.864  8.644   1.00 43.16 ? 119 LYS A CD  1 
ATOM   885  C CE  . LYS A 1 119 ? -3.614  20.851  8.971   1.00 45.68 ? 119 LYS A CE  1 
ATOM   886  N NZ  . LYS A 1 119 ? -4.181  22.201  9.294   1.00 45.98 ? 119 LYS A NZ  1 
ATOM   887  N N   . ALA A 1 120 ? -6.239  15.216  5.990   1.00 25.68 ? 120 ALA A N   1 
ATOM   888  C CA  . ALA A 1 120 ? -7.274  14.293  5.552   1.00 23.84 ? 120 ALA A CA  1 
ATOM   889  C C   . ALA A 1 120 ? -6.680  12.881  5.546   1.00 23.61 ? 120 ALA A C   1 
ATOM   890  O O   . ALA A 1 120 ? -7.367  11.904  5.851   1.00 22.66 ? 120 ALA A O   1 
ATOM   891  C CB  . ALA A 1 120 ? -7.753  14.678  4.159   1.00 24.48 ? 120 ALA A CB  1 
ATOM   892  N N   . LEU A 1 121 ? -5.393  12.782  5.218   1.00 21.51 ? 121 LEU A N   1 
ATOM   893  C CA  . LEU A 1 121 ? -4.718  11.487  5.179   1.00 21.57 ? 121 LEU A CA  1 
ATOM   894  C C   . LEU A 1 121 ? -4.624  10.920  6.595   1.00 22.28 ? 121 LEU A C   1 
ATOM   895  O O   . LEU A 1 121 ? -4.782  9.717   6.816   1.00 22.45 ? 121 LEU A O   1 
ATOM   896  C CB  . LEU A 1 121 ? -3.320  11.643  4.565   1.00 19.10 ? 121 LEU A CB  1 
ATOM   897  C CG  . LEU A 1 121 ? -2.619  10.281  4.433   1.00 17.10 ? 121 LEU A CG  1 
ATOM   898  C CD1 . LEU A 1 121 ? -3.457  9.302   3.613   1.00 15.12 ? 121 LEU A CD1 1 
ATOM   899  C CD2 . LEU A 1 121 ? -1.261  10.500  3.777   1.00 12.53 ? 121 LEU A CD2 1 
ATOM   900  N N   . LYS A 1 122 ? -4.377  11.800  7.554   1.00 22.08 ? 122 LYS A N   1 
ATOM   901  C CA  . LYS A 1 122 ? -4.265  11.400  8.949   1.00 22.74 ? 122 LYS A CA  1 
ATOM   902  C C   . LYS A 1 122 ? -5.628  10.912  9.439   1.00 22.46 ? 122 LYS A C   1 
ATOM   903  O O   . LYS A 1 122 ? -5.728  9.882   10.103  1.00 22.27 ? 122 LYS A O   1 
ATOM   904  C CB  . LYS A 1 122 ? -3.779  12.595  9.784   1.00 24.61 ? 122 LYS A CB  1 
ATOM   905  C CG  . LYS A 1 122 ? -3.564  12.196  11.240  1.00 25.66 ? 122 LYS A CG  1 
ATOM   906  C CD  . LYS A 1 122 ? -3.129  13.430  12.034  1.00 24.64 ? 122 LYS A CD  1 
ATOM   907  C CE  . LYS A 1 122 ? -3.245  13.148  13.523  1.00 25.99 ? 122 LYS A CE  1 
ATOM   908  N NZ  . LYS A 1 122 ? -3.042  14.410  14.291  1.00 25.65 ? 122 LYS A NZ  1 
ATOM   909  N N   . ARG A 1 123 ? -6.679  11.649  9.088   1.00 23.25 ? 123 ARG A N   1 
ATOM   910  C CA  . ARG A 1 123 ? -8.038  11.288  9.491   1.00 22.80 ? 123 ARG A CA  1 
ATOM   911  C C   . ARG A 1 123 ? -8.443  9.932   8.927   1.00 21.40 ? 123 ARG A C   1 
ATOM   912  O O   . ARG A 1 123 ? -9.045  9.120   9.619   1.00 20.51 ? 123 ARG A O   1 
ATOM   913  C CB  . ARG A 1 123 ? -9.035  12.363  9.037   1.00 23.83 ? 123 ARG A CB  1 
ATOM   914  C CG  . ARG A 1 123 ? -8.949  13.571  9.971   1.00 27.65 ? 123 ARG A CG  1 
ATOM   915  C CD  . ARG A 1 123 ? -10.020 14.585  9.602   1.00 29.86 ? 123 ARG A CD  1 
ATOM   916  N NE  . ARG A 1 123 ? -9.496  15.535  8.625   1.00 36.71 ? 123 ARG A NE  1 
ATOM   917  C CZ  . ARG A 1 123 ? -10.054 15.792  7.443   1.00 38.15 ? 123 ARG A CZ  1 
ATOM   918  N NH1 . ARG A 1 123 ? -11.162 15.160  7.074   1.00 39.52 ? 123 ARG A NH1 1 
ATOM   919  N NH2 . ARG A 1 123 ? -9.516  16.701  6.634   1.00 37.79 ? 123 ARG A NH2 1 
ATOM   920  N N   . ALA A 1 124 ? -8.101  9.691   7.665   1.00 22.81 ? 124 ALA A N   1 
ATOM   921  C CA  . ALA A 1 124 ? -8.433  8.432   7.010   1.00 20.63 ? 124 ALA A CA  1 
ATOM   922  C C   . ALA A 1 124 ? -7.701  7.264   7.663   1.00 20.28 ? 124 ALA A C   1 
ATOM   923  O O   . ALA A 1 124 ? -8.321  6.254   8.006   1.00 18.39 ? 124 ALA A O   1 
ATOM   924  C CB  . ALA A 1 124 ? -8.090  8.510   5.531   1.00 23.78 ? 124 ALA A CB  1 
ATOM   925  N N   . VAL A 1 125 ? -6.386  7.402   7.839   1.00 18.56 ? 125 VAL A N   1 
ATOM   926  C CA  . VAL A 1 125 ? -5.585  6.352   8.466   1.00 18.91 ? 125 VAL A CA  1 
ATOM   927  C C   . VAL A 1 125 ? -6.134  5.993   9.844   1.00 19.91 ? 125 VAL A C   1 
ATOM   928  O O   . VAL A 1 125 ? -6.176  4.827   10.220  1.00 19.56 ? 125 VAL A O   1 
ATOM   929  C CB  . VAL A 1 125 ? -4.097  6.782   8.632   1.00 19.22 ? 125 VAL A CB  1 
ATOM   930  C CG1 . VAL A 1 125 ? -3.374  5.817   9.582   1.00 16.23 ? 125 VAL A CG1 1 
ATOM   931  C CG2 . VAL A 1 125 ? -3.402  6.800   7.271   1.00 14.99 ? 125 VAL A CG2 1 
ATOM   932  N N   . ALA A 1 126 ? -6.559  7.006   10.589  1.00 20.16 ? 126 ALA A N   1 
ATOM   933  C CA  . ALA A 1 126 ? -7.096  6.799   11.925  1.00 21.29 ? 126 ALA A CA  1 
ATOM   934  C C   . ALA A 1 126 ? -8.483  6.147   11.947  1.00 21.87 ? 126 ALA A C   1 
ATOM   935  O O   . ALA A 1 126 ? -8.731  5.235   12.733  1.00 20.73 ? 126 ALA A O   1 
ATOM   936  C CB  . ALA A 1 126 ? -7.132  8.126   12.669  1.00 21.55 ? 126 ALA A CB  1 
ATOM   937  N N   . ARG A 1 127 ? -9.385  6.600   11.085  1.00 22.29 ? 127 ARG A N   1 
ATOM   938  C CA  . ARG A 1 127 ? -10.730 6.036   11.072  1.00 25.76 ? 127 ARG A CA  1 
ATOM   939  C C   . ARG A 1 127 ? -10.938 4.758   10.253  1.00 23.74 ? 127 ARG A C   1 
ATOM   940  O O   . ARG A 1 127 ? -11.821 3.959   10.557  1.00 24.80 ? 127 ARG A O   1 
ATOM   941  C CB  . ARG A 1 127 ? -11.738 7.104   10.614  1.00 30.73 ? 127 ARG A CB  1 
ATOM   942  C CG  . ARG A 1 127 ? -12.016 8.077   11.770  1.00 38.57 ? 127 ARG A CG  1 
ATOM   943  C CD  . ARG A 1 127 ? -13.166 9.021   11.403  1.00 43.79 ? 127 ARG A CD  1 
ATOM   944  N NE  . ARG A 1 127 ? -14.343 8.244   11.016  1.00 47.42 ? 127 ARG A NE  1 
ATOM   945  C CZ  . ARG A 1 127 ? -15.486 8.771   10.574  1.00 50.11 ? 127 ARG A CZ  1 
ATOM   946  N NH1 . ARG A 1 127 ? -16.502 7.979   10.239  1.00 52.20 ? 127 ARG A NH1 1 
ATOM   947  N NH2 . ARG A 1 127 ? -15.620 10.089  10.466  1.00 49.91 ? 127 ARG A NH2 1 
ATOM   948  N N   . VAL A 1 128 ? -10.129 4.560   9.224   1.00 21.80 ? 128 VAL A N   1 
ATOM   949  C CA  . VAL A 1 128 ? -10.275 3.401   8.358   1.00 20.37 ? 128 VAL A CA  1 
ATOM   950  C C   . VAL A 1 128 ? -9.287  2.274   8.621   1.00 19.87 ? 128 VAL A C   1 
ATOM   951  O O   . VAL A 1 128 ? -9.676  1.131   8.855   1.00 20.74 ? 128 VAL A O   1 
ATOM   952  C CB  . VAL A 1 128 ? -10.129 3.809   6.879   1.00 20.03 ? 128 VAL A CB  1 
ATOM   953  C CG1 . VAL A 1 128 ? -10.194 2.581   6.001   1.00 20.07 ? 128 VAL A CG1 1 
ATOM   954  C CG2 . VAL A 1 128 ? -11.216 4.810   6.497   1.00 19.47 ? 128 VAL A CG2 1 
ATOM   955  N N   . GLY A 1 129 ? -8.006  2.611   8.565   1.00 18.65 ? 129 GLY A N   1 
ATOM   956  C CA  . GLY A 1 129 ? -6.951  1.636   8.762   1.00 18.06 ? 129 GLY A CA  1 
ATOM   957  C C   . GLY A 1 129 ? -5.859  1.962   7.758   1.00 17.89 ? 129 GLY A C   1 
ATOM   958  O O   . GLY A 1 129 ? -5.811  3.083   7.246   1.00 17.70 ? 129 GLY A O   1 
ATOM   959  N N   . PRO A 1 130 ? -4.954  1.021   7.465   1.00 17.25 ? 130 PRO A N   1 
ATOM   960  C CA  . PRO A 1 130 ? -3.883  1.272   6.501   1.00 16.63 ? 130 PRO A CA  1 
ATOM   961  C C   . PRO A 1 130 ? -4.437  1.845   5.197   1.00 17.12 ? 130 PRO A C   1 
ATOM   962  O O   . PRO A 1 130 ? -5.414  1.339   4.653   1.00 17.48 ? 130 PRO A O   1 
ATOM   963  C CB  . PRO A 1 130 ? -3.277  -0.106  6.333   1.00 16.62 ? 130 PRO A CB  1 
ATOM   964  C CG  . PRO A 1 130 ? -3.419  -0.751  7.649   1.00 15.52 ? 130 PRO A CG  1 
ATOM   965  C CD  . PRO A 1 130 ? -4.822  -0.317  8.069   1.00 17.11 ? 130 PRO A CD  1 
ATOM   966  N N   . VAL A 1 131 ? -3.809  2.911   4.715   1.00 18.32 ? 131 VAL A N   1 
ATOM   967  C CA  . VAL A 1 131 ? -4.228  3.581   3.487   1.00 17.29 ? 131 VAL A CA  1 
ATOM   968  C C   . VAL A 1 131 ? -3.171  3.495   2.385   1.00 17.74 ? 131 VAL A C   1 
ATOM   969  O O   . VAL A 1 131 ? -1.986  3.743   2.618   1.00 16.83 ? 131 VAL A O   1 
ATOM   970  C CB  . VAL A 1 131 ? -4.531  5.079   3.758   1.00 16.48 ? 131 VAL A CB  1 
ATOM   971  C CG1 . VAL A 1 131 ? -4.780  5.808   2.447   1.00 13.80 ? 131 VAL A CG1 1 
ATOM   972  C CG2 . VAL A 1 131 ? -5.731  5.213   4.675   1.00 14.65 ? 131 VAL A CG2 1 
ATOM   973  N N   . SER A 1 132 ? -3.603  3.151   1.177   1.00 18.51 ? 132 SER A N   1 
ATOM   974  C CA  . SER A 1 132 ? -2.682  3.056   0.052   1.00 18.30 ? 132 SER A CA  1 
ATOM   975  C C   . SER A 1 132 ? -2.308  4.461   -0.383  1.00 16.90 ? 132 SER A C   1 
ATOM   976  O O   . SER A 1 132 ? -3.157  5.349   -0.406  1.00 17.20 ? 132 SER A O   1 
ATOM   977  C CB  . SER A 1 132 ? -3.334  2.310   -1.116  1.00 19.59 ? 132 SER A CB  1 
ATOM   978  O OG  . SER A 1 132 ? -3.540  0.958   -0.750  1.00 20.10 ? 132 SER A OG  1 
ATOM   979  N N   . VAL A 1 133 ? -1.037  4.663   -0.719  1.00 15.89 ? 133 VAL A N   1 
ATOM   980  C CA  . VAL A 1 133 ? -0.562  5.973   -1.152  1.00 14.04 ? 133 VAL A CA  1 
ATOM   981  C C   . VAL A 1 133 ? 0.529   5.850   -2.212  1.00 16.69 ? 133 VAL A C   1 
ATOM   982  O O   . VAL A 1 133 ? 1.209   4.829   -2.305  1.00 18.19 ? 133 VAL A O   1 
ATOM   983  C CB  . VAL A 1 133 ? 0.017   6.768   0.025   1.00 12.18 ? 133 VAL A CB  1 
ATOM   984  C CG1 . VAL A 1 133 ? -1.008  6.857   1.154   1.00 9.02  ? 133 VAL A CG1 1 
ATOM   985  C CG2 . VAL A 1 133 ? 1.304   6.106   0.509   1.00 9.87  ? 133 VAL A CG2 1 
ATOM   986  N N   . ALA A 1 134 ? 0.690   6.898   -3.011  1.00 16.65 ? 134 ALA A N   1 
ATOM   987  C CA  . ALA A 1 134 ? 1.709   6.919   -4.047  1.00 16.53 ? 134 ALA A CA  1 
ATOM   988  C C   . ALA A 1 134 ? 2.720   8.015   -3.710  1.00 17.08 ? 134 ALA A C   1 
ATOM   989  O O   . ALA A 1 134 ? 2.356   9.085   -3.222  1.00 17.10 ? 134 ALA A O   1 
ATOM   990  C CB  . ALA A 1 134 ? 1.075   7.175   -5.392  1.00 18.63 ? 134 ALA A CB  1 
ATOM   991  N N   . ILE A 1 135 ? 3.991   7.743   -3.974  1.00 16.14 ? 135 ILE A N   1 
ATOM   992  C CA  . ILE A 1 135 ? 5.049   8.694   -3.662  1.00 15.32 ? 135 ILE A CA  1 
ATOM   993  C C   . ILE A 1 135 ? 6.126   8.677   -4.720  1.00 17.03 ? 135 ILE A C   1 
ATOM   994  O O   . ILE A 1 135 ? 6.173   7.785   -5.576  1.00 15.20 ? 135 ILE A O   1 
ATOM   995  C CB  . ILE A 1 135 ? 5.765   8.316   -2.371  1.00 15.82 ? 135 ILE A CB  1 
ATOM   996  C CG1 . ILE A 1 135 ? 6.316   6.896   -2.528  1.00 15.96 ? 135 ILE A CG1 1 
ATOM   997  C CG2 . ILE A 1 135 ? 4.828   8.417   -1.187  1.00 15.19 ? 135 ILE A CG2 1 
ATOM   998  C CD1 . ILE A 1 135 ? 7.271   6.577   -1.413  1.00 20.50 ? 135 ILE A CD1 1 
ATOM   999  N N   . ASP A 1 136 ? 7.008   9.666   -4.636  1.00 17.86 ? 136 ASP A N   1 
ATOM   1000 C CA  . ASP A 1 136 ? 8.140   9.745   -5.542  1.00 18.65 ? 136 ASP A CA  1 
ATOM   1001 C C   . ASP A 1 136 ? 9.252   8.971   -4.847  1.00 18.43 ? 136 ASP A C   1 
ATOM   1002 O O   . ASP A 1 136 ? 9.749   9.394   -3.804  1.00 18.45 ? 136 ASP A O   1 
ATOM   1003 C CB  . ASP A 1 136 ? 8.562   11.197  -5.762  1.00 19.86 ? 136 ASP A CB  1 
ATOM   1004 C CG  . ASP A 1 136 ? 9.933   11.226  -6.414  1.00 21.11 ? 136 ASP A CG  1 
ATOM   1005 O OD1 . ASP A 1 136 ? 10.305  10.239  -7.086  1.00 21.10 ? 136 ASP A OD1 1 
ATOM   1006 O OD2 . ASP A 1 136 ? 10.635  12.246  -6.264  1.00 22.10 ? 136 ASP A OD2 1 
ATOM   1007 N N   . ALA A 1 137 ? 9.623   7.831   -5.419  1.00 19.42 ? 137 ALA A N   1 
ATOM   1008 C CA  . ALA A 1 137 ? 10.663  6.983   -4.844  1.00 20.43 ? 137 ALA A CA  1 
ATOM   1009 C C   . ALA A 1 137 ? 11.945  6.943   -5.680  1.00 20.52 ? 137 ALA A C   1 
ATOM   1010 O O   . ALA A 1 137 ? 12.821  6.109   -5.447  1.00 20.37 ? 137 ALA A O   1 
ATOM   1011 C CB  . ALA A 1 137 ? 10.115  5.563   -4.663  1.00 18.17 ? 137 ALA A CB  1 
ATOM   1012 N N   . SER A 1 138 ? 12.068  7.851   -6.640  1.00 21.05 ? 138 SER A N   1 
ATOM   1013 C CA  . SER A 1 138 ? 13.242  7.861   -7.508  1.00 21.10 ? 138 SER A CA  1 
ATOM   1014 C C   . SER A 1 138 ? 14.572  8.244   -6.854  1.00 21.76 ? 138 SER A C   1 
ATOM   1015 O O   . SER A 1 138 ? 15.627  7.935   -7.397  1.00 24.10 ? 138 SER A O   1 
ATOM   1016 C CB  . SER A 1 138 ? 12.989  8.765   -8.720  1.00 20.74 ? 138 SER A CB  1 
ATOM   1017 O OG  . SER A 1 138 ? 12.889  10.120  -8.316  1.00 19.24 ? 138 SER A OG  1 
ATOM   1018 N N   . LEU A 1 139 ? 14.537  8.902   -5.699  1.00 22.64 ? 139 LEU A N   1 
ATOM   1019 C CA  . LEU A 1 139 ? 15.771  9.325   -5.027  1.00 22.36 ? 139 LEU A CA  1 
ATOM   1020 C C   . LEU A 1 139 ? 16.631  8.227   -4.400  1.00 21.76 ? 139 LEU A C   1 
ATOM   1021 O O   . LEU A 1 139 ? 16.127  7.268   -3.814  1.00 21.90 ? 139 LEU A O   1 
ATOM   1022 C CB  . LEU A 1 139 ? 15.470  10.353  -3.932  1.00 21.17 ? 139 LEU A CB  1 
ATOM   1023 C CG  . LEU A 1 139 ? 15.022  11.686  -4.534  1.00 23.13 ? 139 LEU A CG  1 
ATOM   1024 C CD1 . LEU A 1 139 ? 14.880  12.686  -3.384  1.00 22.35 ? 139 LEU A CD1 1 
ATOM   1025 C CD2 . LEU A 1 139 ? 16.023  12.194  -5.576  1.00 21.02 ? 139 LEU A CD2 1 
ATOM   1026 N N   . THR A 1 140 ? 17.942  8.408   -4.506  1.00 21.31 ? 140 THR A N   1 
ATOM   1027 C CA  . THR A 1 140 ? 18.913  7.479   -3.932  1.00 22.27 ? 140 THR A CA  1 
ATOM   1028 C C   . THR A 1 140 ? 18.729  7.439   -2.422  1.00 20.15 ? 140 THR A C   1 
ATOM   1029 O O   . THR A 1 140 ? 18.826  6.384   -1.793  1.00 19.54 ? 140 THR A O   1 
ATOM   1030 C CB  . THR A 1 140 ? 20.364  7.936   -4.235  1.00 23.63 ? 140 THR A CB  1 
ATOM   1031 O OG1 . THR A 1 140 ? 20.644  7.741   -5.624  1.00 27.55 ? 140 THR A OG1 1 
ATOM   1032 C CG2 . THR A 1 140 ? 21.366  7.156   -3.399  1.00 25.61 ? 140 THR A CG2 1 
ATOM   1033 N N   . SER A 1 141 ? 18.466  8.605   -1.846  1.00 19.97 ? 141 SER A N   1 
ATOM   1034 C CA  . SER A 1 141 ? 18.268  8.718   -0.412  1.00 19.56 ? 141 SER A CA  1 
ATOM   1035 C C   . SER A 1 141 ? 17.101  7.840   0.047   1.00 18.52 ? 141 SER A C   1 
ATOM   1036 O O   . SER A 1 141 ? 17.141  7.261   1.126   1.00 18.16 ? 141 SER A O   1 
ATOM   1037 C CB  . SER A 1 141 ? 18.021  10.184  -0.033  1.00 20.01 ? 141 SER A CB  1 
ATOM   1038 O OG  . SER A 1 141 ? 16.894  10.685  -0.736  1.00 19.67 ? 141 SER A OG  1 
ATOM   1039 N N   . PHE A 1 142 ? 16.068  7.741   -0.783  1.00 18.34 ? 142 PHE A N   1 
ATOM   1040 C CA  . PHE A 1 142 ? 14.907  6.926   -0.459  1.00 18.26 ? 142 PHE A CA  1 
ATOM   1041 C C   . PHE A 1 142 ? 15.232  5.445   -0.684  1.00 19.61 ? 142 PHE A C   1 
ATOM   1042 O O   . PHE A 1 142 ? 14.958  4.596   0.175   1.00 21.03 ? 142 PHE A O   1 
ATOM   1043 C CB  . PHE A 1 142 ? 13.712  7.334   -1.339  1.00 17.42 ? 142 PHE A CB  1 
ATOM   1044 C CG  . PHE A 1 142 ? 12.536  6.416   -1.091  1.00 17.77 ? 142 PHE A CG  1 
ATOM   1045 C CD1 . PHE A 1 142 ? 11.553  6.753   -0.173  1.00 16.54 ? 142 PHE A CD1 1 
ATOM   1046 C CD2 . PHE A 1 142 ? 12.434  5.198   -1.751  1.00 16.49 ? 142 PHE A CD2 1 
ATOM   1047 C CE1 . PHE A 1 142 ? 10.491  5.894   0.083   1.00 16.39 ? 142 PHE A CE1 1 
ATOM   1048 C CE2 . PHE A 1 142 ? 11.375  4.336   -1.498  1.00 17.94 ? 142 PHE A CE2 1 
ATOM   1049 C CZ  . PHE A 1 142 ? 10.404  4.688   -0.579  1.00 16.05 ? 142 PHE A CZ  1 
ATOM   1050 N N   . GLN A 1 143 ? 15.817  5.137   -1.839  1.00 18.04 ? 143 GLN A N   1 
ATOM   1051 C CA  . GLN A 1 143 ? 16.156  3.760   -2.174  1.00 18.40 ? 143 GLN A CA  1 
ATOM   1052 C C   . GLN A 1 143 ? 17.098  3.165   -1.139  1.00 20.11 ? 143 GLN A C   1 
ATOM   1053 O O   . GLN A 1 143 ? 17.014  1.976   -0.812  1.00 21.01 ? 143 GLN A O   1 
ATOM   1054 C CB  . GLN A 1 143 ? 16.814  3.688   -3.558  1.00 19.32 ? 143 GLN A CB  1 
ATOM   1055 C CG  . GLN A 1 143 ? 15.849  4.129   -4.667  1.00 16.51 ? 143 GLN A CG  1 
ATOM   1056 C CD  . GLN A 1 143 ? 14.865  3.018   -4.990  1.00 16.35 ? 143 GLN A CD  1 
ATOM   1057 O OE1 . GLN A 1 143 ? 15.198  1.839   -4.917  1.00 17.11 ? 143 GLN A OE1 1 
ATOM   1058 N NE2 . GLN A 1 143 ? 13.654  3.393   -5.372  1.00 16.89 ? 143 GLN A NE2 1 
ATOM   1059 N N   . PHE A 1 144 ? 17.996  3.994   -0.618  1.00 21.12 ? 144 PHE A N   1 
ATOM   1060 C CA  . PHE A 1 144 ? 18.959  3.530   0.374   1.00 23.15 ? 144 PHE A CA  1 
ATOM   1061 C C   . PHE A 1 144 ? 18.639  3.971   1.797   1.00 24.16 ? 144 PHE A C   1 
ATOM   1062 O O   . PHE A 1 144 ? 19.499  3.909   2.679   1.00 24.89 ? 144 PHE A O   1 
ATOM   1063 C CB  . PHE A 1 144 ? 20.367  3.989   -0.007  1.00 23.04 ? 144 PHE A CB  1 
ATOM   1064 C CG  . PHE A 1 144 ? 20.814  3.254   -1.238  1.00 24.59 ? 144 PHE A CG  1 
ATOM   1065 C CD1 . PHE A 1 144 ? 21.182  1.924   -1.169  1.00 24.55 ? 144 PHE A CD1 1 
ATOM   1066 C CD2 . PHE A 1 144 ? 20.852  3.894   -2.471  1.00 25.97 ? 144 PHE A CD2 1 
ATOM   1067 C CE1 . PHE A 1 144 ? 21.585  1.238   -2.307  1.00 26.29 ? 144 PHE A CE1 1 
ATOM   1068 C CE2 . PHE A 1 144 ? 21.252  3.215   -3.612  1.00 25.67 ? 144 PHE A CE2 1 
ATOM   1069 C CZ  . PHE A 1 144 ? 21.619  1.888   -3.529  1.00 25.78 ? 144 PHE A CZ  1 
ATOM   1070 N N   . TYR A 1 145 ? 17.402  4.412   2.020   1.00 23.94 ? 145 TYR A N   1 
ATOM   1071 C CA  . TYR A 1 145 ? 16.970  4.839   3.348   1.00 24.87 ? 145 TYR A CA  1 
ATOM   1072 C C   . TYR A 1 145 ? 17.312  3.766   4.375   1.00 26.42 ? 145 TYR A C   1 
ATOM   1073 O O   . TYR A 1 145 ? 17.133  2.571   4.125   1.00 26.74 ? 145 TYR A O   1 
ATOM   1074 C CB  . TYR A 1 145 ? 15.460  5.070   3.367   1.00 24.54 ? 145 TYR A CB  1 
ATOM   1075 C CG  . TYR A 1 145 ? 14.945  5.083   4.793   1.00 21.00 ? 145 TYR A CG  1 
ATOM   1076 C CD1 . TYR A 1 145 ? 14.992  6.236   5.555   1.00 20.45 ? 145 TYR A CD1 1 
ATOM   1077 C CD2 . TYR A 1 145 ? 14.374  3.945   5.357   1.00 21.23 ? 145 TYR A CD2 1 
ATOM   1078 C CE1 . TYR A 1 145 ? 14.477  6.265   6.836   1.00 21.64 ? 145 TYR A CE1 1 
ATOM   1079 C CE2 . TYR A 1 145 ? 13.854  3.963   6.641   1.00 19.86 ? 145 TYR A CE2 1 
ATOM   1080 C CZ  . TYR A 1 145 ? 13.905  5.131   7.376   1.00 21.03 ? 145 TYR A CZ  1 
ATOM   1081 O OH  . TYR A 1 145 ? 13.357  5.185   8.637   1.00 17.49 ? 145 TYR A OH  1 
ATOM   1082 N N   . SER A 1 146 ? 17.781  4.201   5.537   1.00 27.87 ? 146 SER A N   1 
ATOM   1083 C CA  . SER A 1 146 ? 18.155  3.283   6.597   1.00 29.51 ? 146 SER A CA  1 
ATOM   1084 C C   . SER A 1 146 ? 17.334  3.526   7.865   1.00 29.29 ? 146 SER A C   1 
ATOM   1085 O O   . SER A 1 146 ? 16.632  2.631   8.342   1.00 27.40 ? 146 SER A O   1 
ATOM   1086 C CB  . SER A 1 146 ? 19.646  3.433   6.904   1.00 31.28 ? 146 SER A CB  1 
ATOM   1087 O OG  . SER A 1 146 ? 20.058  2.377   7.751   1.00 34.39 ? 146 SER A OG  1 
ATOM   1088 N N   . LYS A 1 147 ? 17.421  4.734   8.414   1.00 29.55 ? 147 LYS A N   1 
ATOM   1089 C CA  . LYS A 1 147 ? 16.669  5.044   9.621   1.00 29.47 ? 147 LYS A CA  1 
ATOM   1090 C C   . LYS A 1 147 ? 16.331  6.510   9.813   1.00 28.12 ? 147 LYS A C   1 
ATOM   1091 O O   . LYS A 1 147 ? 16.746  7.360   9.026   1.00 27.61 ? 147 LYS A O   1 
ATOM   1092 C CB  . LYS A 1 147 ? 17.412  4.527   10.849  1.00 31.62 ? 147 LYS A CB  1 
ATOM   1093 C CG  . LYS A 1 147 ? 18.809  5.105   10.948  1.00 33.90 ? 147 LYS A CG  1 
ATOM   1094 C CD  . LYS A 1 147 ? 19.544  4.311   12.032  1.00 39.24 ? 147 LYS A CD  1 
ATOM   1095 C CE  . LYS A 1 147 ? 20.936  4.857   12.276  1.00 40.63 ? 147 LYS A CE  1 
ATOM   1096 N NZ  . LYS A 1 147 ? 21.561  4.091   13.399  1.00 41.26 ? 147 LYS A NZ  1 
ATOM   1097 N N   . GLY A 1 148 ? 15.575  6.788   10.874  1.00 27.83 ? 148 GLY A N   1 
ATOM   1098 C CA  . GLY A 1 148 ? 15.161  8.146   11.182  1.00 27.16 ? 148 GLY A CA  1 
ATOM   1099 C C   . GLY A 1 148 ? 13.941  8.532   10.364  1.00 27.84 ? 148 GLY A C   1 
ATOM   1100 O O   . GLY A 1 148 ? 13.276  7.670   9.785   1.00 28.64 ? 148 GLY A O   1 
ATOM   1101 N N   . VAL A 1 149 ? 13.635  9.821   10.314  1.00 25.27 ? 149 VAL A N   1 
ATOM   1102 C CA  . VAL A 1 149 ? 12.494  10.280  9.541   1.00 24.92 ? 149 VAL A CA  1 
ATOM   1103 C C   . VAL A 1 149 ? 12.998  10.815  8.203   1.00 25.09 ? 149 VAL A C   1 
ATOM   1104 O O   . VAL A 1 149 ? 13.676  11.846  8.140   1.00 25.93 ? 149 VAL A O   1 
ATOM   1105 C CB  . VAL A 1 149 ? 11.711  11.377  10.301  1.00 25.56 ? 149 VAL A CB  1 
ATOM   1106 C CG1 . VAL A 1 149 ? 10.533  11.864  9.461   1.00 24.60 ? 149 VAL A CG1 1 
ATOM   1107 C CG2 . VAL A 1 149 ? 11.217  10.825  11.631  1.00 21.91 ? 149 VAL A CG2 1 
ATOM   1108 N N   . TYR A 1 150 ? 12.669  10.089  7.139   1.00 24.61 ? 150 TYR A N   1 
ATOM   1109 C CA  . TYR A 1 150 ? 13.075  10.423  5.775   1.00 22.68 ? 150 TYR A CA  1 
ATOM   1110 C C   . TYR A 1 150 ? 12.491  11.732  5.247   1.00 23.05 ? 150 TYR A C   1 
ATOM   1111 O O   . TYR A 1 150 ? 11.274  11.936  5.264   1.00 22.00 ? 150 TYR A O   1 
ATOM   1112 C CB  . TYR A 1 150 ? 12.673  9.281   4.841   1.00 21.79 ? 150 TYR A CB  1 
ATOM   1113 C CG  . TYR A 1 150 ? 13.096  9.618   3.439   1.00 20.65 ? 150 TYR A CG  1 
ATOM   1114 C CD1 . TYR A 1 150 ? 14.442  9.636   3.090   1.00 19.06 ? 150 TYR A CD1 1 
ATOM   1115 C CD2 . TYR A 1 150 ? 12.156  9.956   2.469   1.00 20.56 ? 150 TYR A CD2 1 
ATOM   1116 C CE1 . TYR A 1 150 ? 14.847  9.982   1.814   1.00 19.00 ? 150 TYR A CE1 1 
ATOM   1117 C CE2 . TYR A 1 150 ? 12.550  10.310  1.186   1.00 19.18 ? 150 TYR A CE2 1 
ATOM   1118 C CZ  . TYR A 1 150 ? 13.899  10.322  0.865   1.00 20.29 ? 150 TYR A CZ  1 
ATOM   1119 O OH  . TYR A 1 150 ? 14.308  10.692  -0.402  1.00 19.30 ? 150 TYR A OH  1 
ATOM   1120 N N   . TYR A 1 151 ? 13.371  12.609  4.774   1.00 22.87 ? 151 TYR A N   1 
ATOM   1121 C CA  . TYR A 1 151 ? 12.975  13.896  4.207   1.00 24.31 ? 151 TYR A CA  1 
ATOM   1122 C C   . TYR A 1 151 ? 14.061  14.415  3.264   1.00 24.20 ? 151 TYR A C   1 
ATOM   1123 O O   . TYR A 1 151 ? 15.203  14.614  3.676   1.00 24.12 ? 151 TYR A O   1 
ATOM   1124 C CB  . TYR A 1 151 ? 12.735  14.941  5.302   1.00 25.84 ? 151 TYR A CB  1 
ATOM   1125 C CG  . TYR A 1 151 ? 12.390  16.248  4.625   1.00 25.70 ? 151 TYR A CG  1 
ATOM   1126 C CD1 . TYR A 1 151 ? 11.174  16.414  3.979   1.00 26.87 ? 151 TYR A CD1 1 
ATOM   1127 C CD2 . TYR A 1 151 ? 13.306  17.293  4.576   1.00 28.69 ? 151 TYR A CD2 1 
ATOM   1128 C CE1 . TYR A 1 151 ? 10.879  17.576  3.295   1.00 28.12 ? 151 TYR A CE1 1 
ATOM   1129 C CE2 . TYR A 1 151 ? 13.022  18.464  3.894   1.00 30.19 ? 151 TYR A CE2 1 
ATOM   1130 C CZ  . TYR A 1 151 ? 11.805  18.602  3.250   1.00 31.59 ? 151 TYR A CZ  1 
ATOM   1131 O OH  . TYR A 1 151 ? 11.514  19.757  2.542   1.00 32.97 ? 151 TYR A OH  1 
ATOM   1132 N N   . ASP A 1 152 ? 13.694  14.639  2.006   1.00 24.03 ? 152 ASP A N   1 
ATOM   1133 C CA  . ASP A 1 152 ? 14.632  15.129  1.004   1.00 24.43 ? 152 ASP A CA  1 
ATOM   1134 C C   . ASP A 1 152 ? 13.961  16.250  0.210   1.00 26.08 ? 152 ASP A C   1 
ATOM   1135 O O   . ASP A 1 152 ? 12.881  16.065  -0.346  1.00 25.87 ? 152 ASP A O   1 
ATOM   1136 C CB  . ASP A 1 152 ? 15.032  13.990  0.066   1.00 22.88 ? 152 ASP A CB  1 
ATOM   1137 C CG  . ASP A 1 152 ? 16.249  14.394  -0.740  1.00 23.22 ? 152 ASP A CG  1 
ATOM   1138 O OD1 . ASP A 1 152 ? 16.239  15.498  -1.328  1.00 21.11 ? 152 ASP A OD1 1 
ATOM   1139 O OD2 . ASP A 1 152 ? 17.214  13.600  -0.791  1.00 22.43 ? 152 ASP A OD2 1 
ATOM   1140 N N   . GLU A 1 153 ? 14.607  17.411  0.157   1.00 27.31 ? 153 GLU A N   1 
ATOM   1141 C CA  . GLU A 1 153 ? 14.058  18.563  -0.550  1.00 29.79 ? 153 GLU A CA  1 
ATOM   1142 C C   . GLU A 1 153 ? 13.978  18.349  -2.054  1.00 29.04 ? 153 GLU A C   1 
ATOM   1143 O O   . GLU A 1 153 ? 13.343  19.127  -2.761  1.00 29.90 ? 153 GLU A O   1 
ATOM   1144 C CB  . GLU A 1 153 ? 14.904  19.805  -0.262  1.00 32.89 ? 153 GLU A CB  1 
ATOM   1145 C CG  . GLU A 1 153 ? 15.136  19.900  1.233   1.00 40.62 ? 153 GLU A CG  1 
ATOM   1146 C CD  . GLU A 1 153 ? 15.770  21.235  1.583   1.00 44.36 ? 153 GLU A CD  1 
ATOM   1147 O OE1 . GLU A 1 153 ? 16.800  21.590  0.961   1.00 44.41 ? 153 GLU A OE1 1 
ATOM   1148 O OE2 . GLU A 1 153 ? 15.236  21.921  2.484   1.00 46.36 ? 153 GLU A OE2 1 
ATOM   1149 N N   . SER A 1 154 ? 14.627  17.298  -2.541  1.00 28.16 ? 154 SER A N   1 
ATOM   1150 C CA  . SER A 1 154 ? 14.628  16.997  -3.968  1.00 26.21 ? 154 SER A CA  1 
ATOM   1151 C C   . SER A 1 154 ? 13.457  16.115  -4.375  1.00 25.08 ? 154 SER A C   1 
ATOM   1152 O O   . SER A 1 154 ? 13.177  15.960  -5.563  1.00 23.54 ? 154 SER A O   1 
ATOM   1153 C CB  . SER A 1 154 ? 15.939  16.318  -4.366  1.00 26.45 ? 154 SER A CB  1 
ATOM   1154 O OG  . SER A 1 154 ? 17.020  17.207  -4.142  1.00 26.99 ? 154 SER A OG  1 
ATOM   1155 N N   . CYS A 1 155 ? 12.776  15.535  -3.392  1.00 24.37 ? 155 CYS A N   1 
ATOM   1156 C CA  . CYS A 1 155 ? 11.636  14.683  -3.680  1.00 23.91 ? 155 CYS A CA  1 
ATOM   1157 C C   . CYS A 1 155 ? 10.646  15.507  -4.490  1.00 24.62 ? 155 CYS A C   1 
ATOM   1158 O O   . CYS A 1 155 ? 10.406  16.676  -4.182  1.00 23.74 ? 155 CYS A O   1 
ATOM   1159 C CB  . CYS A 1 155 ? 10.995  14.211  -2.381  1.00 23.94 ? 155 CYS A CB  1 
ATOM   1160 S SG  . CYS A 1 155 ? 10.675  12.419  -2.473  1.00 22.40 ? 155 CYS A SG  1 
ATOM   1161 N N   . ASN A 1 156 ? 10.082  14.899  -5.529  1.00 25.48 ? 156 ASN A N   1 
ATOM   1162 C CA  . ASN A 1 156 ? 9.130   15.579  -6.405  1.00 26.95 ? 156 ASN A CA  1 
ATOM   1163 C C   . ASN A 1 156 ? 7.703   15.050  -6.225  1.00 28.00 ? 156 ASN A C   1 
ATOM   1164 O O   . ASN A 1 156 ? 7.371   13.960  -6.695  1.00 26.52 ? 156 ASN A O   1 
ATOM   1165 C CB  . ASN A 1 156 ? 9.566   15.405  -7.862  1.00 28.68 ? 156 ASN A CB  1 
ATOM   1166 C CG  . ASN A 1 156 ? 8.721   16.284  -8.759  1.00 31.17 ? 156 ASN A CG  1 
ATOM   1167 O OD1 . ASN A 1 156 ? 7.690   16.809  -8.339  1.00 31.87 ? 156 ASN A OD1 1 
ATOM   1168 N ND2 . ASN A 1 156 ? 9.147   16.438  -10.011 1.00 32.67 ? 156 ASN A ND2 1 
ATOM   1169 N N   . SER A 1 157 ? 6.860   15.833  -5.556  1.00 28.57 ? 157 SER A N   1 
ATOM   1170 C CA  . SER A 1 157 ? 5.480   15.436  -5.309  1.00 30.32 ? 157 SER A CA  1 
ATOM   1171 C C   . SER A 1 157 ? 4.681   15.268  -6.606  1.00 29.52 ? 157 SER A C   1 
ATOM   1172 O O   . SER A 1 157 ? 3.613   14.660  -6.609  1.00 28.03 ? 157 SER A O   1 
ATOM   1173 C CB  . SER A 1 157 ? 4.794   16.455  -4.389  1.00 30.71 ? 157 SER A CB  1 
ATOM   1174 O OG  . SER A 1 157 ? 4.742   17.720  -5.024  1.00 32.39 ? 157 SER A OG  1 
ATOM   1175 N N   . ASP A 1 158 ? 5.210   15.803  -7.701  1.00 30.94 ? 158 ASP A N   1 
ATOM   1176 C CA  . ASP A 1 158 ? 4.567   15.703  -9.012  1.00 32.40 ? 158 ASP A CA  1 
ATOM   1177 C C   . ASP A 1 158 ? 5.088   14.490  -9.778  1.00 30.79 ? 158 ASP A C   1 
ATOM   1178 O O   . ASP A 1 158 ? 4.744   14.291  -10.943 1.00 32.73 ? 158 ASP A O   1 
ATOM   1179 C CB  . ASP A 1 158 ? 4.861   16.947  -9.852  1.00 35.79 ? 158 ASP A CB  1 
ATOM   1180 C CG  . ASP A 1 158 ? 4.189   18.161  -9.262  1.00 41.67 ? 158 ASP A CG  1 
ATOM   1181 O OD1 . ASP A 1 158 ? 4.468   18.505  -8.092  1.00 44.01 ? 158 ASP A OD1 1 
ATOM   1182 O OD2 . ASP A 1 158 ? 3.377   18.781  -9.977  1.00 46.95 ? 158 ASP A OD2 1 
ATOM   1183 N N   . ASN A 1 159 ? 5.921   13.689  -9.127  1.00 28.09 ? 159 ASN A N   1 
ATOM   1184 C CA  . ASN A 1 159 ? 6.514   12.523  -9.769  1.00 26.03 ? 159 ASN A CA  1 
ATOM   1185 C C   . ASN A 1 159 ? 6.235   11.254  -8.976  1.00 24.97 ? 159 ASN A C   1 
ATOM   1186 O O   . ASN A 1 159 ? 7.126   10.725  -8.313  1.00 24.32 ? 159 ASN A O   1 
ATOM   1187 C CB  . ASN A 1 159 ? 8.026   12.747  -9.895  1.00 28.42 ? 159 ASN A CB  1 
ATOM   1188 C CG  . ASN A 1 159 ? 8.686   11.640  -10.694 1.00 29.59 ? 159 ASN A CG  1 
ATOM   1189 O OD1 . ASN A 1 159 ? 8.016   10.844  -11.355 1.00 31.43 ? 159 ASN A OD1 1 
ATOM   1190 N ND2 . ASN A 1 159 ? 10.015  11.596  -10.648 1.00 26.38 ? 159 ASN A ND2 1 
ATOM   1191 N N   . LEU A 1 160 ? 4.990   10.780  -9.043  1.00 23.14 ? 160 LEU A N   1 
ATOM   1192 C CA  . LEU A 1 160 ? 4.577   9.568   -8.337  1.00 22.42 ? 160 LEU A CA  1 
ATOM   1193 C C   . LEU A 1 160 ? 4.979   8.371   -9.183  1.00 22.27 ? 160 LEU A C   1 
ATOM   1194 O O   . LEU A 1 160 ? 4.569   8.247   -10.335 1.00 25.18 ? 160 LEU A O   1 
ATOM   1195 C CB  . LEU A 1 160 ? 3.062   9.571   -8.118  1.00 22.22 ? 160 LEU A CB  1 
ATOM   1196 C CG  . LEU A 1 160 ? 2.655   10.911  -7.498  1.00 23.07 ? 160 LEU A CG  1 
ATOM   1197 C CD1 . LEU A 1 160 ? 1.165   10.937  -7.269  1.00 23.78 ? 160 LEU A CD1 1 
ATOM   1198 C CD2 . LEU A 1 160 ? 3.400   11.123  -6.187  1.00 24.84 ? 160 LEU A CD2 1 
ATOM   1199 N N   . ASN A 1 161 ? 5.780   7.485   -8.611  1.00 20.04 ? 161 ASN A N   1 
ATOM   1200 C CA  . ASN A 1 161 ? 6.253   6.330   -9.357  1.00 20.25 ? 161 ASN A CA  1 
ATOM   1201 C C   . ASN A 1 161 ? 6.337   5.072   -8.518  1.00 19.97 ? 161 ASN A C   1 
ATOM   1202 O O   . ASN A 1 161 ? 6.927   4.090   -8.949  1.00 20.59 ? 161 ASN A O   1 
ATOM   1203 C CB  . ASN A 1 161 ? 7.636   6.635   -9.942  1.00 19.56 ? 161 ASN A CB  1 
ATOM   1204 C CG  . ASN A 1 161 ? 8.492   7.297   -8.867  1.00 19.40 ? 161 ASN A CG  1 
ATOM   1205 O OD1 . ASN A 1 161 ? 8.765   6.706   -7.827  1.00 18.32 ? 161 ASN A OD1 1 
ATOM   1206 N ND2 . ASN A 1 161 ? 8.913   8.536   -9.117  1.00 20.50 ? 161 ASN A ND2 1 
ATOM   1207 N N   . HIS A 1 162 ? 5.742   5.091   -7.330  1.00 19.87 ? 162 HIS A N   1 
ATOM   1208 C CA  . HIS A 1 162 ? 5.812   3.934   -6.451  1.00 19.36 ? 162 HIS A CA  1 
ATOM   1209 C C   . HIS A 1 162 ? 4.655   3.936   -5.450  1.00 20.51 ? 162 HIS A C   1 
ATOM   1210 O O   . HIS A 1 162 ? 4.310   4.979   -4.888  1.00 20.55 ? 162 HIS A O   1 
ATOM   1211 C CB  . HIS A 1 162 ? 7.158   3.963   -5.722  1.00 18.53 ? 162 HIS A CB  1 
ATOM   1212 C CG  . HIS A 1 162 ? 7.390   2.682   -4.993  1.00 19.03 ? 162 HIS A CG  1 
ATOM   1213 N ND1 . HIS A 1 162 ? 7.240   1.451   -5.593  1.00 19.30 ? 162 HIS A ND1 1 
ATOM   1214 C CD2 . HIS A 1 162 ? 7.820   2.440   -3.731  1.00 18.69 ? 162 HIS A CD2 1 
ATOM   1215 C CE1 . HIS A 1 162 ? 7.568   0.503   -4.731  1.00 20.03 ? 162 HIS A CE1 1 
ATOM   1216 N NE2 . HIS A 1 162 ? 7.925   1.077   -3.595  1.00 21.47 ? 162 HIS A NE2 1 
ATOM   1217 N N   . ALA A 1 163 ? 4.059   2.767   -5.228  1.00 20.67 ? 163 ALA A N   1 
ATOM   1218 C CA  . ALA A 1 163 ? 2.941   2.652   -4.300  1.00 19.65 ? 163 ALA A CA  1 
ATOM   1219 C C   . ALA A 1 163 ? 3.342   1.882   -3.050  1.00 19.43 ? 163 ALA A C   1 
ATOM   1220 O O   . ALA A 1 163 ? 3.953   0.817   -3.132  1.00 17.84 ? 163 ALA A O   1 
ATOM   1221 C CB  . ALA A 1 163 ? 1.762   1.970   -4.977  1.00 19.21 ? 163 ALA A CB  1 
ATOM   1222 N N   . VAL A 1 164 ? 2.993   2.441   -1.896  1.00 17.65 ? 164 VAL A N   1 
ATOM   1223 C CA  . VAL A 1 164 ? 3.299   1.835   -0.608  1.00 17.21 ? 164 VAL A CA  1 
ATOM   1224 C C   . VAL A 1 164 ? 2.054   1.850   0.266   1.00 17.29 ? 164 VAL A C   1 
ATOM   1225 O O   . VAL A 1 164 ? 0.970   2.199   -0.197  1.00 18.76 ? 164 VAL A O   1 
ATOM   1226 C CB  . VAL A 1 164 ? 4.434   2.589   0.113   1.00 15.93 ? 164 VAL A CB  1 
ATOM   1227 C CG1 . VAL A 1 164 ? 5.726   2.450   -0.677  1.00 16.25 ? 164 VAL A CG1 1 
ATOM   1228 C CG2 . VAL A 1 164 ? 4.072   4.058   0.259   1.00 15.78 ? 164 VAL A CG2 1 
ATOM   1229 N N   . LEU A 1 165 ? 2.212   1.489   1.531   1.00 17.06 ? 165 LEU A N   1 
ATOM   1230 C CA  . LEU A 1 165 ? 1.081   1.423   2.451   1.00 16.66 ? 165 LEU A CA  1 
ATOM   1231 C C   . LEU A 1 165 ? 1.336   2.236   3.714   1.00 16.52 ? 165 LEU A C   1 
ATOM   1232 O O   . LEU A 1 165 ? 2.362   2.072   4.373   1.00 17.71 ? 165 LEU A O   1 
ATOM   1233 C CB  . LEU A 1 165 ? 0.826   -0.055  2.817   1.00 16.03 ? 165 LEU A CB  1 
ATOM   1234 C CG  . LEU A 1 165 ? -0.451  -0.224  3.653   1.00 16.92 ? 165 LEU A CG  1 
ATOM   1235 C CD1 . LEU A 1 165 ? -1.679  0.120   2.820   1.00 13.57 ? 165 LEU A CD1 1 
ATOM   1236 C CD2 . LEU A 1 165 ? -0.542  -1.674  4.145   1.00 12.84 ? 165 LEU A CD2 1 
ATOM   1237 N N   . ALA A 1 166 ? 0.404   3.127   4.040   1.00 16.12 ? 166 ALA A N   1 
ATOM   1238 C CA  . ALA A 1 166 ? 0.514   3.936   5.247   1.00 16.10 ? 166 ALA A CA  1 
ATOM   1239 C C   . ALA A 1 166 ? -0.197  3.144   6.346   1.00 17.22 ? 166 ALA A C   1 
ATOM   1240 O O   . ALA A 1 166 ? -1.423  3.027   6.338   1.00 17.93 ? 166 ALA A O   1 
ATOM   1241 C CB  . ALA A 1 166 ? -0.162  5.294   5.040   1.00 13.01 ? 166 ALA A CB  1 
ATOM   1242 N N   . VAL A 1 167 ? 0.571   2.594   7.283   1.00 17.30 ? 167 VAL A N   1 
ATOM   1243 C CA  . VAL A 1 167 ? -0.005  1.791   8.367   1.00 17.97 ? 167 VAL A CA  1 
ATOM   1244 C C   . VAL A 1 167 ? -0.119  2.544   9.689   1.00 18.88 ? 167 VAL A C   1 
ATOM   1245 O O   . VAL A 1 167 ? -0.498  1.979   10.714  1.00 20.13 ? 167 VAL A O   1 
ATOM   1246 C CB  . VAL A 1 167 ? 0.819   0.501   8.603   1.00 16.34 ? 167 VAL A CB  1 
ATOM   1247 C CG1 . VAL A 1 167 ? 0.732   -0.397  7.385   1.00 16.78 ? 167 VAL A CG1 1 
ATOM   1248 C CG2 . VAL A 1 167 ? 2.272   0.847   8.891   1.00 14.85 ? 167 VAL A CG2 1 
ATOM   1249 N N   . GLY A 1 168 ? 0.213   3.825   9.659   1.00 19.28 ? 168 GLY A N   1 
ATOM   1250 C CA  . GLY A 1 168 ? 0.129   4.625   10.861  1.00 20.28 ? 168 GLY A CA  1 
ATOM   1251 C C   . GLY A 1 168 ? 0.885   5.924   10.690  1.00 20.95 ? 168 GLY A C   1 
ATOM   1252 O O   . GLY A 1 168 ? 1.280   6.282   9.581   1.00 19.88 ? 168 GLY A O   1 
ATOM   1253 N N   . TYR A 1 169 ? 1.079   6.630   11.796  1.00 21.73 ? 169 TYR A N   1 
ATOM   1254 C CA  . TYR A 1 169 ? 1.800   7.891   11.792  1.00 23.10 ? 169 TYR A CA  1 
ATOM   1255 C C   . TYR A 1 169 ? 2.121   8.256   13.223  1.00 25.11 ? 169 TYR A C   1 
ATOM   1256 O O   . TYR A 1 169 ? 1.477   7.771   14.156  1.00 26.33 ? 169 TYR A O   1 
ATOM   1257 C CB  . TYR A 1 169 ? 0.969   9.008   11.147  1.00 22.53 ? 169 TYR A CB  1 
ATOM   1258 C CG  . TYR A 1 169 ? -0.362  9.168   11.848  1.00 22.64 ? 169 TYR A CG  1 
ATOM   1259 C CD1 . TYR A 1 169 ? -1.502  8.540   11.361  1.00 23.54 ? 169 TYR A CD1 1 
ATOM   1260 C CD2 . TYR A 1 169 ? -0.482  9.957   12.985  1.00 23.10 ? 169 TYR A CD2 1 
ATOM   1261 C CE1 . TYR A 1 169 ? -2.727  8.696   11.982  1.00 23.66 ? 169 TYR A CE1 1 
ATOM   1262 C CE2 . TYR A 1 169 ? -1.700  10.118  13.621  1.00 23.47 ? 169 TYR A CE2 1 
ATOM   1263 C CZ  . TYR A 1 169 ? -2.823  9.486   13.115  1.00 25.25 ? 169 TYR A CZ  1 
ATOM   1264 O OH  . TYR A 1 169 ? -4.040  9.642   13.742  1.00 21.42 ? 169 TYR A OH  1 
ATOM   1265 N N   . GLY A 1 170 ? 3.122   9.107   13.394  1.00 25.58 ? 170 GLY A N   1 
ATOM   1266 C CA  . GLY A 1 170 ? 3.513   9.511   14.723  1.00 24.92 ? 170 GLY A CA  1 
ATOM   1267 C C   . GLY A 1 170 ? 4.584   10.576  14.704  1.00 25.99 ? 170 GLY A C   1 
ATOM   1268 O O   . GLY A 1 170 ? 4.636   11.415  13.799  1.00 23.72 ? 170 GLY A O   1 
ATOM   1269 N N   . ILE A 1 171 ? 5.448   10.525  15.710  1.00 27.81 ? 171 ILE A N   1 
ATOM   1270 C CA  . ILE A 1 171 ? 6.528   11.488  15.853  1.00 28.71 ? 171 ILE A CA  1 
ATOM   1271 C C   . ILE A 1 171 ? 7.762   10.788  16.425  1.00 29.27 ? 171 ILE A C   1 
ATOM   1272 O O   . ILE A 1 171 ? 7.652   9.938   17.307  1.00 30.04 ? 171 ILE A O   1 
ATOM   1273 C CB  . ILE A 1 171 ? 6.069   12.635  16.786  1.00 28.35 ? 171 ILE A CB  1 
ATOM   1274 C CG1 . ILE A 1 171 ? 7.054   13.802  16.750  1.00 29.74 ? 171 ILE A CG1 1 
ATOM   1275 C CG2 . ILE A 1 171 ? 5.912   12.119  18.200  1.00 28.55 ? 171 ILE A CG2 1 
ATOM   1276 C CD1 . ILE A 1 171 ? 6.421   14.988  17.472  1.00 27.55 ? 171 ILE A CD1 1 
ATOM   1277 N N   . GLN A 1 172 ? 8.934   11.124  15.898  1.00 29.82 ? 172 GLN A N   1 
ATOM   1278 C CA  . GLN A 1 172 ? 10.183  10.531  16.366  1.00 30.06 ? 172 GLN A CA  1 
ATOM   1279 C C   . GLN A 1 172 ? 11.206  11.655  16.580  1.00 30.89 ? 172 GLN A C   1 
ATOM   1280 O O   . GLN A 1 172 ? 11.626  12.318  15.632  1.00 30.81 ? 172 GLN A O   1 
ATOM   1281 C CB  . GLN A 1 172 ? 10.708  9.522   15.335  1.00 29.73 ? 172 GLN A CB  1 
ATOM   1282 C CG  . GLN A 1 172 ? 11.862  8.701   15.923  1.00 29.91 ? 172 GLN A CG  1 
ATOM   1283 C CD  . GLN A 1 172 ? 12.544  7.896   14.818  1.00 30.35 ? 172 GLN A CD  1 
ATOM   1284 O OE1 . GLN A 1 172 ? 13.184  8.459   13.931  1.00 31.73 ? 172 GLN A OE1 1 
ATOM   1285 N NE2 . GLN A 1 172 ? 12.398  6.575   14.866  1.00 29.91 ? 172 GLN A NE2 1 
ATOM   1286 N N   . LYS A 1 173 ? 11.591  11.874  17.834  1.00 32.57 ? 173 LYS A N   1 
ATOM   1287 C CA  . LYS A 1 173 ? 12.551  12.921  18.168  1.00 32.71 ? 173 LYS A CA  1 
ATOM   1288 C C   . LYS A 1 173 ? 12.044  14.278  17.682  1.00 32.93 ? 173 LYS A C   1 
ATOM   1289 O O   . LYS A 1 173 ? 12.796  15.071  17.109  1.00 32.56 ? 173 LYS A O   1 
ATOM   1290 C CB  . LYS A 1 173 ? 13.913  12.605  17.544  1.00 33.37 ? 173 LYS A CB  1 
ATOM   1291 N N   . GLY A 1 174 ? 10.757  14.534  17.902  1.00 32.07 ? 174 GLY A N   1 
ATOM   1292 C CA  . GLY A 1 174 ? 10.179  15.799  17.487  1.00 31.71 ? 174 GLY A CA  1 
ATOM   1293 C C   . GLY A 1 174 ? 9.939   15.924  15.997  1.00 30.62 ? 174 GLY A C   1 
ATOM   1294 O O   . GLY A 1 174 ? 9.675   17.015  15.493  1.00 32.02 ? 174 GLY A O   1 
ATOM   1295 N N   . ASN A 1 175 ? 10.023  14.807  15.290  1.00 29.55 ? 175 ASN A N   1 
ATOM   1296 C CA  . ASN A 1 175 ? 9.812   14.789  13.845  1.00 28.08 ? 175 ASN A CA  1 
ATOM   1297 C C   . ASN A 1 175 ? 8.550   13.990  13.507  1.00 25.29 ? 175 ASN A C   1 
ATOM   1298 O O   . ASN A 1 175 ? 8.522   12.775  13.674  1.00 24.01 ? 175 ASN A O   1 
ATOM   1299 C CB  . ASN A 1 175 ? 11.031  14.157  13.160  1.00 29.75 ? 175 ASN A CB  1 
ATOM   1300 C CG  . ASN A 1 175 ? 12.202  15.132  13.169  1.00 31.95 ? 175 ASN A CG  1 
ATOM   1301 O OD1 . ASN A 1 175 ? 12.015  16.348  13.093  1.00 31.23 ? 175 ASN A OD1 1 
ATOM   1302 N ND2 . ASN A 1 175 ? 13.413  14.599  13.280  1.00 33.90 ? 175 ASN A ND2 1 
ATOM   1303 N N   . LYS A 1 176 ? 7.503   14.668  13.051  1.00 24.59 ? 176 LYS A N   1 
ATOM   1304 C CA  . LYS A 1 176 ? 6.266   13.977  12.693  1.00 24.39 ? 176 LYS A CA  1 
ATOM   1305 C C   . LYS A 1 176 ? 6.533   13.084  11.487  1.00 24.83 ? 176 LYS A C   1 
ATOM   1306 O O   . LYS A 1 176 ? 7.379   13.403  10.651  1.00 24.67 ? 176 LYS A O   1 
ATOM   1307 C CB  . LYS A 1 176 ? 5.168   14.977  12.341  1.00 23.98 ? 176 LYS A CB  1 
ATOM   1308 C CG  . LYS A 1 176 ? 4.666   15.667  13.588  1.00 26.74 ? 176 LYS A CG  1 
ATOM   1309 C CD  . LYS A 1 176 ? 3.491   16.557  13.207  1.00 29.37 ? 176 LYS A CD  1 
ATOM   1310 C CE  . LYS A 1 176 ? 2.881   17.178  14.451  1.00 31.77 ? 176 LYS A CE  1 
ATOM   1311 N NZ  . LYS A 1 176 ? 1.734   18.044  14.048  1.00 33.63 ? 176 LYS A NZ  1 
ATOM   1312 N N   . HIS A 1 177 ? 5.812   11.975  11.382  1.00 24.23 ? 177 HIS A N   1 
ATOM   1313 C CA  . HIS A 1 177 ? 6.043   11.077  10.263  1.00 24.13 ? 177 HIS A CA  1 
ATOM   1314 C C   . HIS A 1 177 ? 4.900   10.131  9.941   1.00 23.78 ? 177 HIS A C   1 
ATOM   1315 O O   . HIS A 1 177 ? 3.918   10.036  10.684  1.00 23.73 ? 177 HIS A O   1 
ATOM   1316 C CB  . HIS A 1 177 ? 7.312   10.259  10.516  1.00 24.33 ? 177 HIS A CB  1 
ATOM   1317 C CG  . HIS A 1 177 ? 7.170   9.454   11.771  1.00 27.11 ? 177 HIS A CG  1 
ATOM   1318 N ND1 . HIS A 1 177 ? 6.206   8.480   11.931  1.00 28.28 ? 177 HIS A ND1 1 
ATOM   1319 C CD2 . HIS A 1 177 ? 7.886   9.466   12.921  1.00 27.80 ? 177 HIS A CD2 1 
ATOM   1320 C CE1 . HIS A 1 177 ? 6.334   7.928   13.125  1.00 27.94 ? 177 HIS A CE1 1 
ATOM   1321 N NE2 . HIS A 1 177 ? 7.347   8.508   13.745  1.00 29.16 ? 177 HIS A NE2 1 
ATOM   1322 N N   . TRP A 1 178 ? 5.050   9.441   8.811   1.00 23.58 ? 178 TRP A N   1 
ATOM   1323 C CA  . TRP A 1 178 ? 4.086   8.450   8.330   1.00 21.83 ? 178 TRP A CA  1 
ATOM   1324 C C   . TRP A 1 178 ? 4.784   7.104   8.438   1.00 20.84 ? 178 TRP A C   1 
ATOM   1325 O O   . TRP A 1 178 ? 5.945   6.988   8.048   1.00 20.78 ? 178 TRP A O   1 
ATOM   1326 C CB  . TRP A 1 178 ? 3.751   8.657   6.846   1.00 19.85 ? 178 TRP A CB  1 
ATOM   1327 C CG  . TRP A 1 178 ? 3.020   9.939   6.591   1.00 19.20 ? 178 TRP A CG  1 
ATOM   1328 C CD1 . TRP A 1 178 ? 3.529   11.077  6.024   1.00 17.44 ? 178 TRP A CD1 1 
ATOM   1329 C CD2 . TRP A 1 178 ? 1.639   10.212  6.866   1.00 17.26 ? 178 TRP A CD2 1 
ATOM   1330 N NE1 . TRP A 1 178 ? 2.551   12.031  5.926   1.00 16.95 ? 178 TRP A NE1 1 
ATOM   1331 C CE2 . TRP A 1 178 ? 1.381   11.529  6.439   1.00 16.80 ? 178 TRP A CE2 1 
ATOM   1332 C CE3 . TRP A 1 178 ? 0.598   9.470   7.432   1.00 17.03 ? 178 TRP A CE3 1 
ATOM   1333 C CZ2 . TRP A 1 178 ? 0.123   12.125  6.562   1.00 18.15 ? 178 TRP A CZ2 1 
ATOM   1334 C CZ3 . TRP A 1 178 ? -0.651  10.061  7.555   1.00 18.02 ? 178 TRP A CZ3 1 
ATOM   1335 C CH2 . TRP A 1 178 ? -0.877  11.378  7.121   1.00 17.23 ? 178 TRP A CH2 1 
ATOM   1336 N N   . ILE A 1 179 ? 4.093   6.088   8.946   1.00 20.51 ? 179 ILE A N   1 
ATOM   1337 C CA  . ILE A 1 179 ? 4.708   4.765   9.057   1.00 20.54 ? 179 ILE A CA  1 
ATOM   1338 C C   . ILE A 1 179 ? 4.384   3.994   7.776   1.00 21.52 ? 179 ILE A C   1 
ATOM   1339 O O   . ILE A 1 179 ? 3.271   3.491   7.595   1.00 23.39 ? 179 ILE A O   1 
ATOM   1340 C CB  . ILE A 1 179 ? 4.186   4.019   10.290  1.00 19.55 ? 179 ILE A CB  1 
ATOM   1341 C CG1 . ILE A 1 179 ? 4.331   4.916   11.521  1.00 19.64 ? 179 ILE A CG1 1 
ATOM   1342 C CG2 . ILE A 1 179 ? 4.970   2.734   10.486  1.00 19.31 ? 179 ILE A CG2 1 
ATOM   1343 C CD1 . ILE A 1 179 ? 3.829   4.202   12.750  1.00 19.22 ? 179 ILE A CD1 1 
ATOM   1344 N N   . ILE A 1 180 ? 5.372   3.911   6.891   1.00 19.95 ? 180 ILE A N   1 
ATOM   1345 C CA  . ILE A 1 180 ? 5.207   3.273   5.593   1.00 19.21 ? 180 ILE A CA  1 
ATOM   1346 C C   . ILE A 1 180 ? 5.714   1.838   5.434   1.00 20.00 ? 180 ILE A C   1 
ATOM   1347 O O   . ILE A 1 180 ? 6.851   1.522   5.783   1.00 20.65 ? 180 ILE A O   1 
ATOM   1348 C CB  . ILE A 1 180 ? 5.882   4.133   4.504   1.00 18.80 ? 180 ILE A CB  1 
ATOM   1349 C CG1 . ILE A 1 180 ? 5.408   5.586   4.616   1.00 15.24 ? 180 ILE A CG1 1 
ATOM   1350 C CG2 . ILE A 1 180 ? 5.590   3.551   3.129   1.00 20.27 ? 180 ILE A CG2 1 
ATOM   1351 C CD1 . ILE A 1 180 ? 3.915   5.682   4.329   1.00 14.05 ? 180 ILE A CD1 1 
ATOM   1352 N N   . LYS A 1 181 ? 4.859   0.978   4.885   1.00 20.18 ? 181 LYS A N   1 
ATOM   1353 C CA  . LYS A 1 181 ? 5.207   -0.420  4.627   1.00 18.98 ? 181 LYS A CA  1 
ATOM   1354 C C   . LYS A 1 181 ? 5.568   -0.513  3.142   1.00 18.92 ? 181 LYS A C   1 
ATOM   1355 O O   . LYS A 1 181 ? 4.765   -0.145  2.286   1.00 18.89 ? 181 LYS A O   1 
ATOM   1356 C CB  . LYS A 1 181 ? 4.013   -1.335  4.926   1.00 16.03 ? 181 LYS A CB  1 
ATOM   1357 C CG  . LYS A 1 181 ? 4.417   -2.789  4.717   1.00 17.37 ? 181 LYS A CG  1 
ATOM   1358 C CD  . LYS A 1 181 ? 3.206   -3.700  4.915   1.00 15.18 ? 181 LYS A CD  1 
ATOM   1359 C CE  . LYS A 1 181 ? 3.643   -5.157  4.791   1.00 14.30 ? 181 LYS A CE  1 
ATOM   1360 N NZ  . LYS A 1 181 ? 2.442   -6.049  4.745   1.00 12.94 ? 181 LYS A NZ  1 
ATOM   1361 N N   . ASN A 1 182 ? 6.773   -0.985  2.835   1.00 17.43 ? 182 ASN A N   1 
ATOM   1362 C CA  . ASN A 1 182 ? 7.205   -1.106  1.442   1.00 17.41 ? 182 ASN A CA  1 
ATOM   1363 C C   . ASN A 1 182 ? 7.094   -2.574  1.033   1.00 17.54 ? 182 ASN A C   1 
ATOM   1364 O O   . ASN A 1 182 ? 6.798   -3.430  1.862   1.00 15.48 ? 182 ASN A O   1 
ATOM   1365 C CB  . ASN A 1 182 ? 8.661   -0.645  1.300   1.00 17.20 ? 182 ASN A CB  1 
ATOM   1366 C CG  . ASN A 1 182 ? 8.931   -0.139  -0.109  1.00 19.33 ? 182 ASN A CG  1 
ATOM   1367 O OD1 . ASN A 1 182 ? 8.205   -0.463  -1.052  1.00 17.97 ? 182 ASN A OD1 1 
ATOM   1368 N ND2 . ASN A 1 182 ? 9.988   0.658   -0.259  1.00 17.64 ? 182 ASN A ND2 1 
ATOM   1369 N N   . SER A 1 183 ? 7.328   -2.868  -0.244  1.00 17.05 ? 183 SER A N   1 
ATOM   1370 C CA  . SER A 1 183 ? 7.263   -4.249  -0.703  1.00 17.25 ? 183 SER A CA  1 
ATOM   1371 C C   . SER A 1 183 ? 8.528   -4.650  -1.465  1.00 18.15 ? 183 SER A C   1 
ATOM   1372 O O   . SER A 1 183 ? 8.468   -5.209  -2.562  1.00 18.44 ? 183 SER A O   1 
ATOM   1373 C CB  . SER A 1 183 ? 6.017   -4.467  -1.561  1.00 14.27 ? 183 SER A CB  1 
ATOM   1374 O OG  . SER A 1 183 ? 5.944   -3.473  -2.556  1.00 12.60 ? 183 SER A OG  1 
ATOM   1375 N N   . TRP A 1 184 ? 9.675   -4.366  -0.858  1.00 18.29 ? 184 TRP A N   1 
ATOM   1376 C CA  . TRP A 1 184 ? 10.968  -4.693  -1.446  1.00 19.32 ? 184 TRP A CA  1 
ATOM   1377 C C   . TRP A 1 184 ? 11.745  -5.653  -0.558  1.00 20.63 ? 184 TRP A C   1 
ATOM   1378 O O   . TRP A 1 184 ? 12.976  -5.716  -0.638  1.00 22.56 ? 184 TRP A O   1 
ATOM   1379 C CB  . TRP A 1 184 ? 11.805  -3.432  -1.637  1.00 17.28 ? 184 TRP A CB  1 
ATOM   1380 C CG  . TRP A 1 184 ? 11.232  -2.581  -2.714  1.00 16.89 ? 184 TRP A CG  1 
ATOM   1381 C CD1 . TRP A 1 184 ? 10.361  -2.965  -3.697  1.00 15.36 ? 184 TRP A CD1 1 
ATOM   1382 C CD2 . TRP A 1 184 ? 11.551  -1.210  -2.972  1.00 16.70 ? 184 TRP A CD2 1 
ATOM   1383 N NE1 . TRP A 1 184 ? 10.123  -1.913  -4.551  1.00 15.92 ? 184 TRP A NE1 1 
ATOM   1384 C CE2 . TRP A 1 184 ? 10.841  -0.825  -4.127  1.00 16.95 ? 184 TRP A CE2 1 
ATOM   1385 C CE3 . TRP A 1 184 ? 12.369  -0.269  -2.336  1.00 16.96 ? 184 TRP A CE3 1 
ATOM   1386 C CZ2 . TRP A 1 184 ? 10.927  0.465   -4.660  1.00 17.14 ? 184 TRP A CZ2 1 
ATOM   1387 C CZ3 . TRP A 1 184 ? 12.451  1.009   -2.863  1.00 14.16 ? 184 TRP A CZ3 1 
ATOM   1388 C CH2 . TRP A 1 184 ? 11.734  1.363   -4.013  1.00 15.44 ? 184 TRP A CH2 1 
ATOM   1389 N N   . GLY A 1 185 ? 11.031  -6.384  0.295   1.00 20.73 ? 185 GLY A N   1 
ATOM   1390 C CA  . GLY A 1 185 ? 11.678  -7.325  1.190   1.00 22.01 ? 185 GLY A CA  1 
ATOM   1391 C C   . GLY A 1 185 ? 12.018  -6.688  2.522   1.00 25.74 ? 185 GLY A C   1 
ATOM   1392 O O   . GLY A 1 185 ? 11.944  -5.464  2.661   1.00 24.44 ? 185 GLY A O   1 
ATOM   1393 N N   . GLU A 1 186 ? 12.390  -7.513  3.502   1.00 28.19 ? 186 GLU A N   1 
ATOM   1394 C CA  . GLU A 1 186 ? 12.739  -7.026  4.835   1.00 30.47 ? 186 GLU A CA  1 
ATOM   1395 C C   . GLU A 1 186 ? 14.172  -6.502  4.885   1.00 31.48 ? 186 GLU A C   1 
ATOM   1396 O O   . GLU A 1 186 ? 14.611  -5.991  5.913   1.00 31.23 ? 186 GLU A O   1 
ATOM   1397 C CB  . GLU A 1 186 ? 12.605  -8.139  5.875   1.00 34.50 ? 186 GLU A CB  1 
ATOM   1398 C CG  . GLU A 1 186 ? 11.245  -8.796  5.809   1.00 39.18 ? 186 GLU A CG  1 
ATOM   1399 C CD  . GLU A 1 186 ? 11.201  -9.915  6.841   1.00 43.80 ? 186 GLU A CD  1 
ATOM   1400 O OE1 . GLU A 1 186 ? 12.190  -10.677 6.943   1.00 45.90 ? 186 GLU A OE1 1 
ATOM   1401 O OE2 . GLU A 1 186 ? 10.178  -10.034 7.550   1.00 46.66 ? 186 GLU A OE2 1 
ATOM   1402 N N   . ASN A 1 187 ? 14.907  -6.648  3.786   1.00 31.61 ? 187 ASN A N   1 
ATOM   1403 C CA  . ASN A 1 187 ? 16.284  -6.166  3.738   1.00 32.36 ? 187 ASN A CA  1 
ATOM   1404 C C   . ASN A 1 187 ? 16.337  -4.707  3.312   1.00 30.80 ? 187 ASN A C   1 
ATOM   1405 O O   . ASN A 1 187 ? 17.396  -4.079  3.371   1.00 32.27 ? 187 ASN A O   1 
ATOM   1406 C CB  . ASN A 1 187 ? 17.125  -7.005  2.770   1.00 35.17 ? 187 ASN A CB  1 
ATOM   1407 C CG  . ASN A 1 187 ? 17.327  -8.388  3.356   1.00 38.40 ? 187 ASN A CG  1 
ATOM   1408 O OD1 . ASN A 1 187 ? 17.766  -8.534  4.501   1.00 37.94 ? 187 ASN A OD1 1 
ATOM   1409 N ND2 . ASN A 1 187 ? 17.005  -9.416  2.574   1.00 40.30 ? 187 ASN A ND2 1 
ATOM   1410 N N   . TRP A 1 188 ? 15.196  -4.174  2.876   1.00 27.29 ? 188 TRP A N   1 
ATOM   1411 C CA  . TRP A 1 188 ? 15.125  -2.781  2.449   1.00 24.57 ? 188 TRP A CA  1 
ATOM   1412 C C   . TRP A 1 188 ? 14.770  -1.907  3.645   1.00 23.28 ? 188 TRP A C   1 
ATOM   1413 O O   . TRP A 1 188 ? 14.068  -2.343  4.558   1.00 22.68 ? 188 TRP A O   1 
ATOM   1414 C CB  . TRP A 1 188 ? 14.067  -2.594  1.352   1.00 22.18 ? 188 TRP A CB  1 
ATOM   1415 C CG  . TRP A 1 188 ? 14.037  -1.136  0.949   1.00 21.44 ? 188 TRP A CG  1 
ATOM   1416 C CD1 . TRP A 1 188 ? 14.863  -0.507  0.054   1.00 20.66 ? 188 TRP A CD1 1 
ATOM   1417 C CD2 . TRP A 1 188 ? 13.170  -0.122  1.472   1.00 19.33 ? 188 TRP A CD2 1 
ATOM   1418 N NE1 . TRP A 1 188 ? 14.559  0.834   -0.008  1.00 18.76 ? 188 TRP A NE1 1 
ATOM   1419 C CE2 . TRP A 1 188 ? 13.525  1.095   0.852   1.00 18.25 ? 188 TRP A CE2 1 
ATOM   1420 C CE3 . TRP A 1 188 ? 12.129  -0.126  2.405   1.00 19.20 ? 188 TRP A CE3 1 
ATOM   1421 C CZ2 . TRP A 1 188 ? 12.875  2.292   1.135   1.00 17.17 ? 188 TRP A CZ2 1 
ATOM   1422 C CZ3 . TRP A 1 188 ? 11.484  1.065   2.683   1.00 16.73 ? 188 TRP A CZ3 1 
ATOM   1423 C CH2 . TRP A 1 188 ? 11.859  2.258   2.052   1.00 16.58 ? 188 TRP A CH2 1 
ATOM   1424 N N   . GLY A 1 189 ? 15.262  -0.674  3.633   1.00 23.28 ? 189 GLY A N   1 
ATOM   1425 C CA  . GLY A 1 189 ? 14.980  0.249   4.717   1.00 24.53 ? 189 GLY A CA  1 
ATOM   1426 C C   . GLY A 1 189 ? 15.119  -0.386  6.085   1.00 24.02 ? 189 GLY A C   1 
ATOM   1427 O O   . GLY A 1 189 ? 16.043  -1.157  6.331   1.00 24.60 ? 189 GLY A O   1 
ATOM   1428 N N   . ASN A 1 190 ? 14.198  -0.062  6.982   1.00 23.39 ? 190 ASN A N   1 
ATOM   1429 C CA  . ASN A 1 190 ? 14.232  -0.606  8.329   1.00 24.58 ? 190 ASN A CA  1 
ATOM   1430 C C   . ASN A 1 190 ? 13.218  -1.746  8.442   1.00 25.18 ? 190 ASN A C   1 
ATOM   1431 O O   . ASN A 1 190 ? 12.044  -1.516  8.746   1.00 25.44 ? 190 ASN A O   1 
ATOM   1432 C CB  . ASN A 1 190 ? 13.914  0.504   9.332   1.00 24.59 ? 190 ASN A CB  1 
ATOM   1433 C CG  . ASN A 1 190 ? 14.029  -0.035  10.739  1.00 26.46 ? 190 ASN A CG  1 
ATOM   1434 O OD1 . ASN A 1 190 ? 14.665  -1.064  10.971  1.00 27.34 ? 190 ASN A OD1 1 
ATOM   1435 N ND2 . ASN A 1 190 ? 13.425  0.663   11.692  1.00 26.25 ? 190 ASN A ND2 1 
ATOM   1436 N N   . LYS A 1 191 ? 13.679  -2.968  8.180   1.00 23.83 ? 191 LYS A N   1 
ATOM   1437 C CA  . LYS A 1 191 ? 12.825  -4.155  8.226   1.00 25.31 ? 191 LYS A CA  1 
ATOM   1438 C C   . LYS A 1 191 ? 11.699  -4.040  7.204   1.00 24.15 ? 191 LYS A C   1 
ATOM   1439 O O   . LYS A 1 191 ? 10.589  -4.542  7.422   1.00 22.87 ? 191 LYS A O   1 
ATOM   1440 C CB  . LYS A 1 191 ? 12.217  -4.346  9.619   1.00 28.00 ? 191 LYS A CB  1 
ATOM   1441 C CG  . LYS A 1 191 ? 13.291  -4.730  10.624  1.00 31.46 ? 191 LYS A CG  1 
ATOM   1442 C CD  . LYS A 1 191 ? 12.611  -5.234  11.891  1.00 35.53 ? 191 LYS A CD  1 
ATOM   1443 C CE  . LYS A 1 191 ? 13.658  -5.777  12.858  1.00 39.42 ? 191 LYS A CE  1 
ATOM   1444 N NZ  . LYS A 1 191 ? 13.002  -6.706  13.826  1.00 41.60 ? 191 LYS A NZ  1 
ATOM   1445 N N   . GLY A 1 192 ? 11.990  -3.369  6.095   1.00 22.64 ? 192 GLY A N   1 
ATOM   1446 C CA  . GLY A 1 192 ? 10.999  -3.199  5.049   1.00 21.52 ? 192 GLY A CA  1 
ATOM   1447 C C   . GLY A 1 192 ? 10.139  -1.964  5.230   1.00 19.81 ? 192 GLY A C   1 
ATOM   1448 O O   . GLY A 1 192 ? 9.331   -1.633  4.366   1.00 18.51 ? 192 GLY A O   1 
ATOM   1449 N N   . TYR A 1 193 ? 10.318  -1.278  6.355   1.00 19.22 ? 193 TYR A N   1 
ATOM   1450 C CA  . TYR A 1 193 ? 9.553   -0.069  6.658   1.00 19.80 ? 193 TYR A CA  1 
ATOM   1451 C C   . TYR A 1 193 ? 10.376  1.208   6.533   1.00 19.52 ? 193 TYR A C   1 
ATOM   1452 O O   . TYR A 1 193 ? 11.609  1.183   6.563   1.00 18.25 ? 193 TYR A O   1 
ATOM   1453 C CB  . TYR A 1 193 ? 9.000   -0.140  8.085   1.00 19.99 ? 193 TYR A CB  1 
ATOM   1454 C CG  . TYR A 1 193 ? 7.821   -1.078  8.144   1.00 21.71 ? 193 TYR A CG  1 
ATOM   1455 C CD1 . TYR A 1 193 ? 6.526   -0.598  8.000   1.00 20.51 ? 193 TYR A CD1 1 
ATOM   1456 C CD2 . TYR A 1 193 ? 8.002   -2.445  8.328   1.00 20.02 ? 193 TYR A CD2 1 
ATOM   1457 C CE1 . TYR A 1 193 ? 5.448   -1.445  8.040   1.00 21.92 ? 193 TYR A CE1 1 
ATOM   1458 C CE2 . TYR A 1 193 ? 6.927   -3.303  8.364   1.00 20.37 ? 193 TYR A CE2 1 
ATOM   1459 C CZ  . TYR A 1 193 ? 5.652   -2.795  8.220   1.00 20.79 ? 193 TYR A CZ  1 
ATOM   1460 O OH  . TYR A 1 193 ? 4.567   -3.629  8.252   1.00 22.39 ? 193 TYR A OH  1 
ATOM   1461 N N   . ILE A 1 194 ? 9.677   2.326   6.388   1.00 20.24 ? 194 ILE A N   1 
ATOM   1462 C CA  . ILE A 1 194 ? 10.336  3.623   6.322   1.00 20.82 ? 194 ILE A CA  1 
ATOM   1463 C C   . ILE A 1 194 ? 9.432   4.677   6.940   1.00 20.95 ? 194 ILE A C   1 
ATOM   1464 O O   . ILE A 1 194 ? 8.222   4.677   6.717   1.00 22.21 ? 194 ILE A O   1 
ATOM   1465 C CB  . ILE A 1 194 ? 10.662  4.062   4.871   1.00 18.93 ? 194 ILE A CB  1 
ATOM   1466 C CG1 . ILE A 1 194 ? 11.278  5.466   4.897   1.00 18.17 ? 194 ILE A CG1 1 
ATOM   1467 C CG2 . ILE A 1 194 ? 9.403   4.061   4.021   1.00 16.39 ? 194 ILE A CG2 1 
ATOM   1468 C CD1 . ILE A 1 194 ? 11.673  5.915   3.495   1.00 18.90 ? 194 ILE A CD1 1 
ATOM   1469 N N   . LEU A 1 195 ? 10.021  5.560   7.738   1.00 22.20 ? 195 LEU A N   1 
ATOM   1470 C CA  . LEU A 1 195 ? 9.273   6.645   8.356   1.00 21.58 ? 195 LEU A CA  1 
ATOM   1471 C C   . LEU A 1 195 ? 9.439   7.840   7.432   1.00 20.84 ? 195 LEU A C   1 
ATOM   1472 O O   . LEU A 1 195 ? 10.557  8.290   7.189   1.00 21.91 ? 195 LEU A O   1 
ATOM   1473 C CB  . LEU A 1 195 ? 9.840   6.968   9.739   1.00 22.37 ? 195 LEU A CB  1 
ATOM   1474 C CG  . LEU A 1 195 ? 9.661   5.752   10.653  1.00 23.61 ? 195 LEU A CG  1 
ATOM   1475 C CD1 . LEU A 1 195 ? 10.219  6.071   12.033  1.00 22.80 ? 195 LEU A CD1 1 
ATOM   1476 C CD2 . LEU A 1 195 ? 8.175   5.383   10.750  1.00 21.76 ? 195 LEU A CD2 1 
ATOM   1477 N N   . MET A 1 196 ? 8.338   8.343   6.892   1.00 20.61 ? 196 MET A N   1 
ATOM   1478 C CA  . MET A 1 196 ? 8.426   9.479   5.988   1.00 20.23 ? 196 MET A CA  1 
ATOM   1479 C C   . MET A 1 196 ? 7.852   10.738  6.609   1.00 21.13 ? 196 MET A C   1 
ATOM   1480 O O   . MET A 1 196 ? 6.805   10.709  7.261   1.00 22.69 ? 196 MET A O   1 
ATOM   1481 C CB  . MET A 1 196 ? 7.720   9.163   4.664   1.00 20.62 ? 196 MET A CB  1 
ATOM   1482 C CG  . MET A 1 196 ? 8.507   8.096   3.919   1.00 18.27 ? 196 MET A CG  1 
ATOM   1483 S SD  . MET A 1 196 ? 7.604   7.587   2.442   1.00 18.71 ? 196 MET A SD  1 
ATOM   1484 C CE  . MET A 1 196 ? 7.803   9.042   1.400   1.00 18.06 ? 196 MET A CE  1 
ATOM   1485 N N   . ALA A 1 197 ? 8.557   11.843  6.396   1.00 19.89 ? 197 ALA A N   1 
ATOM   1486 C CA  . ALA A 1 197 ? 8.167   13.135  6.932   1.00 19.54 ? 197 ALA A CA  1 
ATOM   1487 C C   . ALA A 1 197 ? 6.684   13.394  6.777   1.00 19.84 ? 197 ALA A C   1 
ATOM   1488 O O   . ALA A 1 197 ? 6.105   13.099  5.735   1.00 20.19 ? 197 ALA A O   1 
ATOM   1489 C CB  . ALA A 1 197 ? 8.971   14.244  6.250   1.00 18.44 ? 197 ALA A CB  1 
ATOM   1490 N N   . ARG A 1 198 ? 6.076   13.946  7.824   1.00 20.16 ? 198 ARG A N   1 
ATOM   1491 C CA  . ARG A 1 198 ? 4.651   14.272  7.826   1.00 20.59 ? 198 ARG A CA  1 
ATOM   1492 C C   . ARG A 1 198 ? 4.488   15.774  8.095   1.00 21.84 ? 198 ARG A C   1 
ATOM   1493 O O   . ARG A 1 198 ? 5.277   16.359  8.835   1.00 21.33 ? 198 ARG A O   1 
ATOM   1494 C CB  . ARG A 1 198 ? 3.931   13.444  8.897   1.00 19.11 ? 198 ARG A CB  1 
ATOM   1495 C CG  . ARG A 1 198 ? 2.465   13.830  8.982   1.00 19.03 ? 198 ARG A CG  1 
ATOM   1496 C CD  . ARG A 1 198 ? 1.682   12.697  9.662   1.00 22.84 ? 198 ARG A CD  1 
ATOM   1497 N NE  . ARG A 1 198 ? 2.146   12.481  11.035  1.00 22.56 ? 198 ARG A NE  1 
ATOM   1498 C CZ  . ARG A 1 198 ? 1.621   13.065  12.110  1.00 23.09 ? 198 ARG A CZ  1 
ATOM   1499 N NH1 . ARG A 1 198 ? 0.608   13.913  11.978  1.00 21.05 ? 198 ARG A NH1 1 
ATOM   1500 N NH2 . ARG A 1 198 ? 2.098   12.790  13.321  1.00 20.11 ? 198 ARG A NH2 1 
ATOM   1501 N N   . ASN A 1 199 ? 3.473   16.387  7.486   1.00 23.10 ? 199 ASN A N   1 
ATOM   1502 C CA  . ASN A 1 199 ? 3.210   17.819  7.644   1.00 25.40 ? 199 ASN A CA  1 
ATOM   1503 C C   . ASN A 1 199 ? 4.443   18.639  7.277   1.00 26.34 ? 199 ASN A C   1 
ATOM   1504 O O   . ASN A 1 199 ? 4.658   19.743  7.777   1.00 26.52 ? 199 ASN A O   1 
ATOM   1505 C CB  . ASN A 1 199 ? 2.776   18.138  9.077   1.00 25.27 ? 199 ASN A CB  1 
ATOM   1506 C CG  . ASN A 1 199 ? 1.388   17.580  9.333   1.00 26.43 ? 199 ASN A CG  1 
ATOM   1507 O OD1 . ASN A 1 199 ? 0.822   16.870  8.501   1.00 27.82 ? 199 ASN A OD1 1 
ATOM   1508 N ND2 . ASN A 1 199 ? 0.833   17.899  10.491  1.00 29.48 ? 199 ASN A ND2 1 
ATOM   1509 N N   . LYS A 1 200 ? 5.255   18.074  6.397   1.00 27.81 ? 200 LYS A N   1 
ATOM   1510 C CA  . LYS A 1 200 ? 6.465   18.721  5.932   1.00 28.34 ? 200 LYS A CA  1 
ATOM   1511 C C   . LYS A 1 200 ? 6.195   19.086  4.474   1.00 27.98 ? 200 LYS A C   1 
ATOM   1512 O O   . LYS A 1 200 ? 6.913   18.678  3.562   1.00 25.85 ? 200 LYS A O   1 
ATOM   1513 C CB  . LYS A 1 200 ? 7.644   17.752  6.043   1.00 31.38 ? 200 LYS A CB  1 
ATOM   1514 C CG  . LYS A 1 200 ? 8.935   18.456  5.662   1.00 35.33 ? 200 LYS A CG  1 
ATOM   1515 C CD  . LYS A 1 200 ? 9.423   19.316  6.810   1.00 39.71 ? 200 LYS A CD  1 
ATOM   1516 C CE  . LYS A 1 200 ? 9.999   18.435  7.910   1.00 41.36 ? 200 LYS A CE  1 
ATOM   1517 N NZ  . LYS A 1 200 ? 10.633  19.304  8.952   1.00 44.86 ? 200 LYS A NZ  1 
ATOM   1518 N N   . ASN A 1 201 ? 5.113   19.828  4.274   1.00 27.91 ? 201 ASN A N   1 
ATOM   1519 C CA  . ASN A 1 201 ? 4.705   20.276  2.954   1.00 29.41 ? 201 ASN A CA  1 
ATOM   1520 C C   . ASN A 1 201 ? 4.409   19.133  1.977   1.00 28.94 ? 201 ASN A C   1 
ATOM   1521 O O   . ASN A 1 201 ? 4.749   19.218  0.799   1.00 28.75 ? 201 ASN A O   1 
ATOM   1522 C CB  . ASN A 1 201 ? 5.777   21.198  2.374   1.00 33.82 ? 201 ASN A CB  1 
ATOM   1523 C CG  . ASN A 1 201 ? 5.136   22.123  1.363   1.00 38.58 ? 201 ASN A CG  1 
ATOM   1524 O OD1 . ASN A 1 201 ? 4.090   22.724  1.633   1.00 42.38 ? 201 ASN A OD1 1 
ATOM   1525 N ND2 . ASN A 1 201 ? 5.760   22.255  0.196   1.00 38.58 ? 201 ASN A ND2 1 
ATOM   1526 N N   . ASN A 1 202 ? 3.776   18.068  2.469   1.00 26.65 ? 202 ASN A N   1 
ATOM   1527 C CA  . ASN A 1 202 ? 3.415   16.929  1.630   1.00 23.50 ? 202 ASN A CA  1 
ATOM   1528 C C   . ASN A 1 202 ? 4.631   16.347  0.904   1.00 22.09 ? 202 ASN A C   1 
ATOM   1529 O O   . ASN A 1 202 ? 4.625   16.190  -0.319  1.00 19.77 ? 202 ASN A O   1 
ATOM   1530 C CB  . ASN A 1 202 ? 2.337   17.370  0.630   1.00 22.32 ? 202 ASN A CB  1 
ATOM   1531 C CG  . ASN A 1 202 ? 1.798   16.186  -0.168  1.00 23.08 ? 202 ASN A CG  1 
ATOM   1532 O OD1 . ASN A 1 202 ? 1.713   15.064  0.339   1.00 19.11 ? 202 ASN A OD1 1 
ATOM   1533 N ND2 . ASN A 1 202 ? 1.404   16.443  -1.417  1.00 20.67 ? 202 ASN A ND2 1 
ATOM   1534 N N   . ALA A 1 203 ? 5.664   16.010  1.677   1.00 20.54 ? 203 ALA A N   1 
ATOM   1535 C CA  . ALA A 1 203 ? 6.911   15.458  1.145   1.00 19.24 ? 203 ALA A CA  1 
ATOM   1536 C C   . ALA A 1 203 ? 6.745   14.177  0.322   1.00 18.80 ? 203 ALA A C   1 
ATOM   1537 O O   . ALA A 1 203 ? 6.070   13.232  0.738   1.00 15.81 ? 203 ALA A O   1 
ATOM   1538 C CB  . ALA A 1 203 ? 7.896   15.217  2.283   1.00 17.76 ? 203 ALA A CB  1 
ATOM   1539 N N   . CYS A 1 204 ? 7.397   14.166  -0.841  1.00 18.55 ? 204 CYS A N   1 
ATOM   1540 C CA  . CYS A 1 204 ? 7.368   13.051  -1.778  1.00 20.00 ? 204 CYS A CA  1 
ATOM   1541 C C   . CYS A 1 204 ? 5.987   12.818  -2.378  1.00 21.67 ? 204 CYS A C   1 
ATOM   1542 O O   . CYS A 1 204 ? 5.766   11.809  -3.045  1.00 24.72 ? 204 CYS A O   1 
ATOM   1543 C CB  . CYS A 1 204 ? 7.848   11.760  -1.110  1.00 20.04 ? 204 CYS A CB  1 
ATOM   1544 S SG  . CYS A 1 204 ? 9.651   11.795  -0.835  1.00 20.99 ? 204 CYS A SG  1 
ATOM   1545 N N   . GLY A 1 205 ? 5.062   13.747  -2.135  1.00 21.80 ? 205 GLY A N   1 
ATOM   1546 C CA  . GLY A 1 205 ? 3.712   13.619  -2.665  1.00 19.20 ? 205 GLY A CA  1 
ATOM   1547 C C   . GLY A 1 205 ? 2.881   12.552  -1.976  1.00 20.73 ? 205 GLY A C   1 
ATOM   1548 O O   . GLY A 1 205 ? 1.923   12.031  -2.551  1.00 21.23 ? 205 GLY A O   1 
ATOM   1549 N N   . ILE A 1 206 ? 3.237   12.244  -0.733  1.00 21.32 ? 206 ILE A N   1 
ATOM   1550 C CA  . ILE A 1 206 ? 2.560   11.223  0.057   1.00 21.47 ? 206 ILE A CA  1 
ATOM   1551 C C   . ILE A 1 206 ? 1.032   11.308  0.061   1.00 21.92 ? 206 ILE A C   1 
ATOM   1552 O O   . ILE A 1 206 ? 0.352   10.287  0.202   1.00 21.20 ? 206 ILE A O   1 
ATOM   1553 C CB  . ILE A 1 206 ? 3.060   11.248  1.521   1.00 21.71 ? 206 ILE A CB  1 
ATOM   1554 C CG1 . ILE A 1 206 ? 2.501   10.049  2.288   1.00 23.07 ? 206 ILE A CG1 1 
ATOM   1555 C CG2 . ILE A 1 206 ? 2.634   12.537  2.197   1.00 22.02 ? 206 ILE A CG2 1 
ATOM   1556 C CD1 . ILE A 1 206 ? 3.262   8.804   1.904   1.00 23.22 ? 206 ILE A CD1 1 
ATOM   1557 N N   . ALA A 1 207 ? 0.490   12.511  -0.104  1.00 22.14 ? 207 ALA A N   1 
ATOM   1558 C CA  . ALA A 1 207 ? -0.964  12.685  -0.091  1.00 19.73 ? 207 ALA A CA  1 
ATOM   1559 C C   . ALA A 1 207 ? -1.587  13.096  -1.424  1.00 18.59 ? 207 ALA A C   1 
ATOM   1560 O O   . ALA A 1 207 ? -2.727  13.564  -1.451  1.00 17.86 ? 207 ALA A O   1 
ATOM   1561 C CB  . ALA A 1 207 ? -1.353  13.695  0.983   1.00 18.96 ? 207 ALA A CB  1 
ATOM   1562 N N   . ASN A 1 208 ? -0.860  12.921  -2.528  1.00 16.56 ? 208 ASN A N   1 
ATOM   1563 C CA  . ASN A 1 208 ? -1.404  13.302  -3.829  1.00 16.55 ? 208 ASN A CA  1 
ATOM   1564 C C   . ASN A 1 208 ? -2.239  12.225  -4.499  1.00 16.80 ? 208 ASN A C   1 
ATOM   1565 O O   . ASN A 1 208 ? -3.088  12.533  -5.326  1.00 19.64 ? 208 ASN A O   1 
ATOM   1566 C CB  . ASN A 1 208 ? -0.295  13.737  -4.792  1.00 15.57 ? 208 ASN A CB  1 
ATOM   1567 C CG  . ASN A 1 208 ? 0.203   15.118  -4.427  1.00 14.99 ? 208 ASN A CG  1 
ATOM   1568 O OD1 . ASN A 1 208 ? -0.431  15.838  -3.661  1.00 17.59 ? 208 ASN A OD1 1 
ATOM   1569 N ND2 . ASN A 1 208 ? 1.338   15.500  -4.986  1.00 14.46 ? 208 ASN A ND2 1 
ATOM   1570 N N   . LEU A 1 209 ? -2.005  10.967  -4.140  1.00 17.38 ? 209 LEU A N   1 
ATOM   1571 C CA  . LEU A 1 209 ? -2.741  9.859   -4.733  1.00 17.79 ? 209 LEU A CA  1 
ATOM   1572 C C   . LEU A 1 209 ? -2.983  8.760   -3.694  1.00 17.87 ? 209 LEU A C   1 
ATOM   1573 O O   . LEU A 1 209 ? -2.539  7.626   -3.864  1.00 18.56 ? 209 LEU A O   1 
ATOM   1574 C CB  . LEU A 1 209 ? -1.946  9.304   -5.922  1.00 20.35 ? 209 LEU A CB  1 
ATOM   1575 C CG  . LEU A 1 209 ? -2.849  8.467   -6.837  1.00 22.63 ? 209 LEU A CG  1 
ATOM   1576 C CD1 . LEU A 1 209 ? -3.903  9.342   -7.479  1.00 22.19 ? 209 LEU A CD1 1 
ATOM   1577 C CD2 . LEU A 1 209 ? -2.001  7.809   -7.908  1.00 21.87 ? 209 LEU A CD2 1 
ATOM   1578 N N   . ALA A 1 210 ? -3.690  9.105   -2.621  1.00 17.32 ? 210 ALA A N   1 
ATOM   1579 C CA  . ALA A 1 210 ? -3.996  8.162   -1.544  1.00 18.40 ? 210 ALA A CA  1 
ATOM   1580 C C   . ALA A 1 210 ? -5.431  7.639   -1.613  1.00 18.25 ? 210 ALA A C   1 
ATOM   1581 O O   . ALA A 1 210 ? -6.362  8.373   -1.949  1.00 20.40 ? 210 ALA A O   1 
ATOM   1582 C CB  . ALA A 1 210 ? -3.761  8.832   -0.183  1.00 17.99 ? 210 ALA A CB  1 
ATOM   1583 N N   . SER A 1 211 ? -5.613  6.367   -1.285  1.00 16.59 ? 211 SER A N   1 
ATOM   1584 C CA  . SER A 1 211 ? -6.943  5.785   -1.307  1.00 17.40 ? 211 SER A CA  1 
ATOM   1585 C C   . SER A 1 211 ? -7.023  4.509   -0.484  1.00 19.03 ? 211 SER A C   1 
ATOM   1586 O O   . SER A 1 211 ? -6.003  3.865   -0.210  1.00 20.34 ? 211 SER A O   1 
ATOM   1587 C CB  . SER A 1 211 ? -7.374  5.494   -2.753  1.00 18.73 ? 211 SER A CB  1 
ATOM   1588 O OG  . SER A 1 211 ? -6.513  4.523   -3.340  1.00 13.82 ? 211 SER A OG  1 
ATOM   1589 N N   . PHE A 1 212 ? -8.242  4.162   -0.082  1.00 18.13 ? 212 PHE A N   1 
ATOM   1590 C CA  . PHE A 1 212 ? -8.501  2.956   0.693   1.00 17.53 ? 212 PHE A CA  1 
ATOM   1591 C C   . PHE A 1 212 ? -9.788  2.312   0.178   1.00 18.69 ? 212 PHE A C   1 
ATOM   1592 O O   . PHE A 1 212 ? -10.655 2.988   -0.386  1.00 19.49 ? 212 PHE A O   1 
ATOM   1593 C CB  . PHE A 1 212 ? -8.635  3.270   2.195   1.00 15.95 ? 212 PHE A CB  1 
ATOM   1594 C CG  . PHE A 1 212 ? -9.793  4.195   2.456   1.00 16.49 ? 212 PHE A CG  1 
ATOM   1595 C CD1 . PHE A 1 212 ? -9.609  5.567   2.481   1.00 14.76 ? 212 PHE A CD1 1 
ATOM   1596 C CD2 . PHE A 1 212 ? -11.070 3.690   2.677   1.00 17.22 ? 212 PHE A CD2 1 
ATOM   1597 C CE1 . PHE A 1 212 ? -10.672 6.425   2.723   1.00 16.76 ? 212 PHE A CE1 1 
ATOM   1598 C CE2 . PHE A 1 212 ? -12.140 4.538   2.921   1.00 16.27 ? 212 PHE A CE2 1 
ATOM   1599 C CZ  . PHE A 1 212 ? -11.941 5.913   2.943   1.00 17.80 ? 212 PHE A CZ  1 
ATOM   1600 N N   . PRO A 1 213 ? -9.922  0.990   0.351   1.00 19.56 ? 213 PRO A N   1 
ATOM   1601 C CA  . PRO A 1 213 ? -11.112 0.262   -0.103  1.00 19.68 ? 213 PRO A CA  1 
ATOM   1602 C C   . PRO A 1 213 ? -12.241 0.316   0.909   1.00 20.25 ? 213 PRO A C   1 
ATOM   1603 O O   . PRO A 1 213 ? -11.995 0.415   2.109   1.00 19.13 ? 213 PRO A O   1 
ATOM   1604 C CB  . PRO A 1 213 ? -10.587 -1.148  -0.263  1.00 18.61 ? 213 PRO A CB  1 
ATOM   1605 C CG  . PRO A 1 213 ? -9.576  -1.299  0.823   1.00 18.67 ? 213 PRO A CG  1 
ATOM   1606 C CD  . PRO A 1 213 ? -8.868  0.056   0.806   1.00 17.80 ? 213 PRO A CD  1 
ATOM   1607 N N   . LYS A 1 214 ? -13.473 0.257   0.413   1.00 23.04 ? 214 LYS A N   1 
ATOM   1608 C CA  . LYS A 1 214 ? -14.658 0.249   1.264   1.00 24.82 ? 214 LYS A CA  1 
ATOM   1609 C C   . LYS A 1 214 ? -15.002 -1.225  1.389   1.00 27.80 ? 214 LYS A C   1 
ATOM   1610 O O   . LYS A 1 214 ? -15.164 -1.908  0.377   1.00 30.68 ? 214 LYS A O   1 
ATOM   1611 C CB  . LYS A 1 214 ? -15.830 0.967   0.595   1.00 24.40 ? 214 LYS A CB  1 
ATOM   1612 C CG  . LYS A 1 214 ? -15.446 2.384   0.212   1.00 26.55 ? 214 LYS A CG  1 
ATOM   1613 C CD  . LYS A 1 214 ? -16.711 3.203   -0.014  1.00 27.26 ? 214 LYS A CD  1 
ATOM   1614 C CE  . LYS A 1 214 ? -17.651 2.469   -0.957  1.00 28.67 ? 214 LYS A CE  1 
ATOM   1615 N NZ  . LYS A 1 214 ? -18.926 3.237   -1.092  1.00 26.95 ? 214 LYS A NZ  1 
ATOM   1616 N N   . MET A 1 215 ? -15.117 -1.728  2.611   1.00 28.63 ? 215 MET A N   1 
ATOM   1617 C CA  . MET A 1 215 ? -15.425 -3.139  2.784   1.00 30.04 ? 215 MET A CA  1 
ATOM   1618 C C   . MET A 1 215 ? -16.727 -3.341  3.542   1.00 31.10 ? 215 MET A C   1 
ATOM   1619 O O   . MET A 1 215 ? -17.227 -2.352  4.107   1.00 32.36 ? 215 MET A O   1 
ATOM   1620 C CB  . MET A 1 215 ? -14.273 -3.821  3.523   1.00 31.60 ? 215 MET A CB  1 
ATOM   1621 C CG  . MET A 1 215 ? -14.262 -5.306  3.225   1.00 30.63 ? 215 MET A CG  1 
ATOM   1622 S SD  . MET A 1 215 ? -12.750 -6.005  3.910   1.00 30.67 ? 215 MET A SD  1 
ATOM   1623 C CE  . MET A 1 215 ? -11.580 -5.688  2.581   1.00 30.76 ? 215 MET A CE  1 
ATOM   1624 O OXT . MET A 1 215 ? -17.229 -4.487  3.564   1.00 33.67 ? 215 MET A OXT 1 
HETATM 1625 C C1  . CT1 B 2 .   ? 8.627   -0.134  -13.386 1.00 15.10 ? 216 CT1 A C1  1 
HETATM 1626 C C2  . CT1 B 2 .   ? 7.949   1.078   -12.735 1.00 20.91 ? 216 CT1 A C2  1 
HETATM 1627 C C3  . CT1 B 2 .   ? 6.575   0.647   -12.114 1.00 19.71 ? 216 CT1 A C3  1 
HETATM 1628 C C4  . CT1 B 2 .   ? 6.763   0.325   -10.610 1.00 21.26 ? 216 CT1 A C4  1 
HETATM 1629 O O7  . CT1 B 2 .   ? 6.481   -0.836  -8.211  1.00 21.24 ? 216 CT1 A O7  1 
HETATM 1630 N N8  . CT1 B 2 .   ? 5.135   2.046   -9.995  1.00 22.47 ? 216 CT1 A N8  1 
HETATM 1631 C C9  . CT1 B 2 .   ? 3.873   2.435   -10.227 1.00 21.33 ? 216 CT1 A C9  1 
HETATM 1632 O O10 . CT1 B 2 .   ? 3.019   1.605   -10.451 1.00 21.50 ? 216 CT1 A O10 1 
HETATM 1633 O O11 . CT1 B 2 .   ? 3.562   3.733   -10.212 1.00 23.88 ? 216 CT1 A O11 1 
HETATM 1634 C C12 . CT1 B 2 .   ? 2.175   3.989   -10.470 1.00 25.18 ? 216 CT1 A C12 1 
HETATM 1635 C C13 . CT1 B 2 .   ? 2.040   4.892   -11.737 1.00 26.65 ? 216 CT1 A C13 1 
HETATM 1636 C C14 . CT1 B 2 .   ? 2.662   4.227   -12.974 1.00 30.41 ? 216 CT1 A C14 1 
HETATM 1637 C C15 . CT1 B 2 .   ? 1.878   3.437   -13.805 1.00 30.47 ? 216 CT1 A C15 1 
HETATM 1638 C C16 . CT1 B 2 .   ? 2.447   2.837   -14.928 1.00 30.40 ? 216 CT1 A C16 1 
HETATM 1639 C C17 . CT1 B 2 .   ? 3.795   3.026   -15.212 1.00 31.50 ? 216 CT1 A C17 1 
HETATM 1640 C C18 . CT1 B 2 .   ? 4.580   3.813   -14.387 1.00 31.90 ? 216 CT1 A C18 1 
HETATM 1641 C C19 . CT1 B 2 .   ? 4.017   4.414   -13.268 1.00 30.96 ? 216 CT1 A C19 1 
HETATM 1642 C C20 . CT1 B 2 .   ? 1.577   4.767   -9.257  1.00 25.51 ? 216 CT1 A C20 1 
HETATM 1643 C C21 . CT1 B 2 .   ? 2.506   5.915   -8.896  1.00 25.98 ? 216 CT1 A C21 1 
HETATM 1644 C C22 . CT1 B 2 .   ? 1.424   3.851   -8.055  1.00 25.75 ? 216 CT1 A C22 1 
HETATM 1645 C C6  . CT1 B 2 .   ? 5.709   0.327   -8.324  1.00 19.43 ? 216 CT1 A C6  1 
HETATM 1646 C C5  . CT1 B 2 .   ? 5.454   0.624   -9.831  1.00 21.09 ? 216 CT1 A C5  1 
HETATM 1647 O O   . HOH C 3 .   ? 0.615   -11.082 -0.070  1.00 21.82 ? 217 HOH A O   1 
HETATM 1648 O O   . HOH C 3 .   ? -6.865  -1.073  5.445   1.00 8.18  ? 218 HOH A O   1 
HETATM 1649 O O   . HOH C 3 .   ? 3.094   -1.721  0.653   1.00 20.82 ? 219 HOH A O   1 
HETATM 1650 O O   . HOH C 3 .   ? 3.934   -14.028 4.798   1.00 14.53 ? 220 HOH A O   1 
HETATM 1651 O O   . HOH C 3 .   ? -0.235  9.700   -2.228  1.00 13.19 ? 221 HOH A O   1 
HETATM 1652 O O   . HOH C 3 .   ? -0.076  -16.828 2.277   1.00 34.88 ? 222 HOH A O   1 
HETATM 1653 O O   . HOH C 3 .   ? -2.192  -5.756  -14.393 1.00 19.40 ? 223 HOH A O   1 
HETATM 1654 O O   . HOH C 3 .   ? -3.862  2.480   -16.082 1.00 31.13 ? 224 HOH A O   1 
HETATM 1655 O O   . HOH C 3 .   ? 8.391   18.736  0.971   1.00 40.06 ? 225 HOH A O   1 
HETATM 1656 O O   . HOH C 3 .   ? -13.535 9.270   -3.762  1.00 18.44 ? 226 HOH A O   1 
HETATM 1657 O O   . HOH C 3 .   ? 0.510   -20.382 -2.053  1.00 52.05 ? 227 HOH A O   1 
HETATM 1658 O O   . HOH C 3 .   ? 9.514   12.271  2.784   1.00 10.61 ? 228 HOH A O   1 
HETATM 1659 O O   . HOH C 3 .   ? 17.137  1.124   1.969   1.00 20.97 ? 229 HOH A O   1 
HETATM 1660 O O   . HOH C 3 .   ? 4.299   -1.726  -1.870  1.00 24.62 ? 230 HOH A O   1 
HETATM 1661 O O   . HOH C 3 .   ? -6.073  -15.306 9.616   1.00 18.77 ? 231 HOH A O   1 
HETATM 1662 O O   . HOH C 3 .   ? 10.373  -1.322  11.146  1.00 32.02 ? 232 HOH A O   1 
HETATM 1663 O O   . HOH C 3 .   ? -11.692 -4.779  14.634  1.00 33.14 ? 233 HOH A O   1 
HETATM 1664 O O   . HOH C 3 .   ? -10.182 -1.867  -12.861 1.00 31.13 ? 234 HOH A O   1 
HETATM 1665 O O   . HOH C 3 .   ? -0.125  -17.846 -9.795  1.00 18.53 ? 235 HOH A O   1 
HETATM 1666 O O   . HOH C 3 .   ? 0.611   -8.824  1.529   1.00 19.41 ? 236 HOH A O   1 
HETATM 1667 O O   . HOH C 3 .   ? 4.907   15.723  4.535   1.00 19.67 ? 237 HOH A O   1 
HETATM 1668 O O   . HOH C 3 .   ? 10.951  14.152  1.373   1.00 17.20 ? 238 HOH A O   1 
HETATM 1669 O O   . HOH C 3 .   ? -2.123  -10.962 -17.668 1.00 32.85 ? 239 HOH A O   1 
HETATM 1670 O O   . HOH C 3 .   ? -2.834  -16.647 2.079   1.00 26.88 ? 240 HOH A O   1 
HETATM 1671 O O   . HOH C 3 .   ? 16.195  9.312   6.698   1.00 52.37 ? 241 HOH A O   1 
HETATM 1672 O O   . HOH C 3 .   ? -3.099  -6.262  -17.308 1.00 31.73 ? 242 HOH A O   1 
HETATM 1673 O O   . HOH C 3 .   ? -17.081 0.608   4.559   1.00 37.36 ? 243 HOH A O   1 
HETATM 1674 O O   . HOH C 3 .   ? 2.476   -18.256 -1.781  1.00 27.43 ? 244 HOH A O   1 
HETATM 1675 O O   . HOH C 3 .   ? 15.512  -9.035  -3.703  1.00 25.65 ? 245 HOH A O   1 
HETATM 1676 O O   . HOH C 3 .   ? 5.587   -1.415  15.979  1.00 42.11 ? 246 HOH A O   1 
HETATM 1677 O O   . HOH C 3 .   ? -12.799 -3.289  -13.056 1.00 22.27 ? 247 HOH A O   1 
HETATM 1678 O O   . HOH C 3 .   ? -10.065 12.317  5.560   1.00 27.91 ? 248 HOH A O   1 
HETATM 1679 O O   . HOH C 3 .   ? 21.071  1.855   3.481   1.00 36.47 ? 249 HOH A O   1 
HETATM 1680 O O   . HOH C 3 .   ? -0.144  14.163  14.937  1.00 31.70 ? 250 HOH A O   1 
HETATM 1681 O O   . HOH C 3 .   ? -19.817 -3.001  -4.406  1.00 45.47 ? 251 HOH A O   1 
HETATM 1682 O O   . HOH C 3 .   ? 16.151  15.728  14.021  1.00 38.90 ? 252 HOH A O   1 
HETATM 1683 O O   . HOH C 3 .   ? 4.716   -5.611  1.758   1.00 27.95 ? 253 HOH A O   1 
HETATM 1684 O O   . HOH C 3 .   ? -4.521  11.544  -2.160  1.00 14.59 ? 254 HOH A O   1 
HETATM 1685 O O   . HOH C 3 .   ? -16.362 3.831   -5.260  1.00 20.63 ? 255 HOH A O   1 
HETATM 1686 O O   . HOH C 3 .   ? 10.300  16.630  -0.198  1.00 43.92 ? 256 HOH A O   1 
HETATM 1687 O O   . HOH C 3 .   ? -18.598 -7.349  -3.358  1.00 32.50 ? 257 HOH A O   1 
HETATM 1688 O O   . HOH C 3 .   ? 3.285   5.656   16.090  1.00 33.39 ? 258 HOH A O   1 
HETATM 1689 O O   . HOH C 3 .   ? 12.332  -11.408 3.784   1.00 32.13 ? 259 HOH A O   1 
HETATM 1690 O O   . HOH C 3 .   ? 6.976   12.146  3.501   1.00 14.19 ? 260 HOH A O   1 
HETATM 1691 O O   . HOH C 3 .   ? 3.431   0.558   -17.915 1.00 35.75 ? 261 HOH A O   1 
HETATM 1692 O O   . HOH C 3 .   ? -2.111  -15.801 5.242   1.00 26.32 ? 262 HOH A O   1 
HETATM 1693 O O   . HOH C 3 .   ? 0.057   -17.283 -18.537 1.00 28.95 ? 263 HOH A O   1 
HETATM 1694 O O   . HOH C 3 .   ? -2.352  2.630   17.465  1.00 34.94 ? 264 HOH A O   1 
HETATM 1695 O O   . HOH C 3 .   ? -9.455  -3.822  -14.423 1.00 19.35 ? 265 HOH A O   1 
HETATM 1696 O O   . HOH C 3 .   ? 1.564   20.903  1.688   1.00 27.94 ? 266 HOH A O   1 
HETATM 1697 O O   . HOH C 3 .   ? -0.938  18.299  -4.626  1.00 33.85 ? 267 HOH A O   1 
HETATM 1698 O O   . HOH C 3 .   ? -4.723  5.971   -4.621  1.00 17.57 ? 268 HOH A O   1 
HETATM 1699 O O   . HOH C 3 .   ? -2.624  17.127  10.534  1.00 33.99 ? 269 HOH A O   1 
HETATM 1700 O O   . HOH C 3 .   ? -4.471  4.629   -7.362  1.00 12.53 ? 270 HOH A O   1 
HETATM 1701 O O   . HOH C 3 .   ? 9.404   -10.558 1.774   1.00 24.72 ? 271 HOH A O   1 
HETATM 1702 O O   . HOH C 3 .   ? -9.215  15.968  -4.761  1.00 39.06 ? 272 HOH A O   1 
HETATM 1703 O O   . HOH C 3 .   ? 16.142  12.634  5.920   1.00 22.13 ? 273 HOH A O   1 
HETATM 1704 O O   . HOH C 3 .   ? -0.044  -6.374  12.070  1.00 26.43 ? 274 HOH A O   1 
HETATM 1705 O O   . HOH C 3 .   ? -4.303  -9.961  13.898  1.00 19.19 ? 275 HOH A O   1 
HETATM 1706 O O   . HOH C 3 .   ? -2.413  -3.952  6.353   1.00 17.32 ? 276 HOH A O   1 
HETATM 1707 O O   . HOH C 3 .   ? 1.455   -3.679  1.467   1.00 27.15 ? 277 HOH A O   1 
HETATM 1708 O O   . HOH C 3 .   ? 4.607   -14.558 1.572   1.00 47.21 ? 278 HOH A O   1 
HETATM 1709 O O   . HOH C 3 .   ? 0.015   -13.533 -5.125  1.00 15.49 ? 279 HOH A O   1 
HETATM 1710 O O   . HOH C 3 .   ? 15.102  -8.095  0.461   1.00 36.43 ? 280 HOH A O   1 
HETATM 1711 O O   . HOH C 3 .   ? 13.143  -10.641 0.429   1.00 29.94 ? 281 HOH A O   1 
HETATM 1712 O O   . HOH C 3 .   ? -5.997  8.095   -5.057  1.00 24.55 ? 282 HOH A O   1 
HETATM 1713 O O   . HOH C 3 .   ? -8.299  11.166  -7.539  1.00 36.47 ? 283 HOH A O   1 
HETATM 1714 O O   . HOH C 3 .   ? 1.415   19.421  -2.852  1.00 26.31 ? 284 HOH A O   1 
HETATM 1715 O O   . HOH C 3 .   ? 8.502   16.333  -2.184  1.00 27.84 ? 285 HOH A O   1 
HETATM 1716 O O   . HOH C 3 .   ? 19.082  15.355  -4.720  1.00 46.50 ? 286 HOH A O   1 
HETATM 1717 O O   . HOH C 3 .   ? 19.406  10.853  -3.642  1.00 26.00 ? 287 HOH A O   1 
HETATM 1718 O O   . HOH C 3 .   ? 11.814  13.716  -9.524  1.00 34.47 ? 288 HOH A O   1 
HETATM 1719 O O   . HOH C 3 .   ? 14.797  12.349  -8.930  1.00 25.07 ? 289 HOH A O   1 
HETATM 1720 O O   . HOH C 3 .   ? 12.645  9.683   -3.582  1.00 6.36  ? 290 HOH A O   1 
HETATM 1721 O O   . HOH C 3 .   ? 1.065   19.468  4.179   1.00 31.05 ? 291 HOH A O   1 
HETATM 1722 O O   . HOH C 3 .   ? 9.332   15.368  9.679   1.00 27.80 ? 292 HOH A O   1 
HETATM 1723 O O   . HOH C 3 .   ? 14.096  4.977   12.992  1.00 23.67 ? 293 HOH A O   1 
HETATM 1724 O O   . HOH C 3 .   ? 13.003  3.882   10.900  1.00 36.04 ? 294 HOH A O   1 
HETATM 1725 O O   . HOH C 3 .   ? 8.861   2.092   13.374  1.00 33.78 ? 295 HOH A O   1 
HETATM 1726 O O   . HOH C 3 .   ? 9.251   -5.306  10.178  1.00 39.72 ? 296 HOH A O   1 
HETATM 1727 O O   . HOH C 3 .   ? 10.144  -3.478  1.735   1.00 20.06 ? 297 HOH A O   1 
HETATM 1728 O O   . HOH C 3 .   ? -0.458  -5.888  5.502   1.00 20.94 ? 298 HOH A O   1 
HETATM 1729 O O   . HOH C 3 .   ? -7.895  -8.624  17.181  1.00 26.40 ? 299 HOH A O   1 
HETATM 1730 O O   . HOH C 3 .   ? -10.512 -8.780  16.368  1.00 28.35 ? 300 HOH A O   1 
HETATM 1731 O O   . HOH C 3 .   ? -6.513  -9.695  6.840   1.00 19.10 ? 301 HOH A O   1 
HETATM 1732 O O   . HOH C 3 .   ? 8.567   -10.882 5.725   1.00 54.86 ? 302 HOH A O   1 
HETATM 1733 O O   . HOH C 3 .   ? 4.879   -6.048  8.697   1.00 25.61 ? 303 HOH A O   1 
HETATM 1734 O O   . HOH C 3 .   ? 9.014   -0.867  -7.521  1.00 31.19 ? 304 HOH A O   1 
HETATM 1735 O O   . HOH C 3 .   ? 9.488   1.681   -7.377  1.00 34.04 ? 305 HOH A O   1 
HETATM 1736 O O   . HOH C 3 .   ? 6.839   -12.330 -0.617  1.00 28.29 ? 306 HOH A O   1 
HETATM 1737 O O   . HOH C 3 .   ? -10.693 3.775   14.400  1.00 36.60 ? 307 HOH A O   1 
HETATM 1738 O O   . HOH C 3 .   ? 7.959   7.101   16.438  1.00 22.86 ? 308 HOH A O   1 
HETATM 1739 O O   . HOH C 3 .   ? 7.711   17.263  12.422  1.00 29.22 ? 309 HOH A O   1 
HETATM 1740 O O   . HOH C 3 .   ? -0.826  16.396  13.438  1.00 20.30 ? 310 HOH A O   1 
HETATM 1741 O O   . HOH C 3 .   ? -0.804  15.212  9.364   1.00 19.03 ? 311 HOH A O   1 
HETATM 1742 O O   . HOH C 3 .   ? -15.651 -7.911  -3.895  1.00 17.68 ? 312 HOH A O   1 
HETATM 1743 O O   . HOH C 3 .   ? -14.058 -8.698  2.817   1.00 22.25 ? 313 HOH A O   1 
HETATM 1744 O O   . HOH C 3 .   ? -9.722  2.092   12.115  1.00 22.29 ? 314 HOH A O   1 
HETATM 1745 O O   . HOH C 3 .   ? -13.004 0.991   8.488   1.00 28.65 ? 315 HOH A O   1 
HETATM 1746 O O   . HOH C 3 .   ? 19.492  10.587  -6.345  1.00 21.32 ? 316 HOH A O   1 
HETATM 1747 O O   . HOH C 3 .   ? 18.583  7.143   6.101   1.00 27.11 ? 317 HOH A O   1 
HETATM 1748 O O   . HOH C 3 .   ? 7.562   18.594  -5.353  1.00 37.80 ? 318 HOH A O   1 
# 
